data_4WK1
# 
_entry.id   4WK1 
# 
_audit_conform.dict_name       mmcif_pdbx.dic 
_audit_conform.dict_version    5.383 
_audit_conform.dict_location   http://mmcif.pdb.org/dictionaries/ascii/mmcif_pdbx.dic 
# 
loop_
_database_2.database_id 
_database_2.database_code 
_database_2.pdbx_database_accession 
_database_2.pdbx_DOI 
PDB   4WK1         pdb_00004wk1 10.2210/pdb4wk1/pdb 
WWPDB D_1000203953 ?            ?                   
# 
loop_
_pdbx_audit_revision_history.ordinal 
_pdbx_audit_revision_history.data_content_type 
_pdbx_audit_revision_history.major_revision 
_pdbx_audit_revision_history.minor_revision 
_pdbx_audit_revision_history.revision_date 
1 'Structure model' 1 0 2014-11-26 
2 'Structure model' 1 1 2014-12-24 
3 'Structure model' 1 2 2014-12-31 
4 'Structure model' 2 0 2024-01-10 
# 
_pdbx_audit_revision_details.ordinal             1 
_pdbx_audit_revision_details.revision_ordinal    1 
_pdbx_audit_revision_details.data_content_type   'Structure model' 
_pdbx_audit_revision_details.provider            repository 
_pdbx_audit_revision_details.type                'Initial release' 
_pdbx_audit_revision_details.description         ? 
_pdbx_audit_revision_details.details             ? 
# 
loop_
_pdbx_audit_revision_group.ordinal 
_pdbx_audit_revision_group.revision_ordinal 
_pdbx_audit_revision_group.data_content_type 
_pdbx_audit_revision_group.group 
1 2 'Structure model' 'Database references'        
2 3 'Structure model' 'Database references'        
3 4 'Structure model' 'Atomic model'               
4 4 'Structure model' 'Author supporting evidence' 
5 4 'Structure model' 'Data collection'            
6 4 'Structure model' 'Database references'        
7 4 'Structure model' 'Derived calculations'       
8 4 'Structure model' 'Refinement description'     
9 4 'Structure model' 'Structure summary'          
# 
loop_
_pdbx_audit_revision_category.ordinal 
_pdbx_audit_revision_category.revision_ordinal 
_pdbx_audit_revision_category.data_content_type 
_pdbx_audit_revision_category.category 
1  4 'Structure model' atom_site                     
2  4 'Structure model' atom_site_anisotrop           
3  4 'Structure model' chem_comp                     
4  4 'Structure model' chem_comp_atom                
5  4 'Structure model' chem_comp_bond                
6  4 'Structure model' database_2                    
7  4 'Structure model' entity                        
8  4 'Structure model' pdbx_audit_support            
9  4 'Structure model' pdbx_entity_nonpoly           
10 4 'Structure model' pdbx_initial_refinement_model 
11 4 'Structure model' pdbx_nonpoly_scheme           
12 4 'Structure model' pdbx_struct_conn_angle        
13 4 'Structure model' pdbx_struct_special_symmetry  
14 4 'Structure model' struct_conn                   
15 4 'Structure model' struct_site_gen               
# 
loop_
_pdbx_audit_revision_item.ordinal 
_pdbx_audit_revision_item.revision_ordinal 
_pdbx_audit_revision_item.data_content_type 
_pdbx_audit_revision_item.item 
1  4 'Structure model' '_atom_site.B_iso_or_equiv'                   
2  4 'Structure model' '_atom_site.Cartn_x'                          
3  4 'Structure model' '_atom_site.Cartn_y'                          
4  4 'Structure model' '_atom_site.Cartn_z'                          
5  4 'Structure model' '_atom_site.occupancy'                        
6  4 'Structure model' '_atom_site_anisotrop.U[1][1]'                
7  4 'Structure model' '_atom_site_anisotrop.U[1][2]'                
8  4 'Structure model' '_atom_site_anisotrop.U[1][3]'                
9  4 'Structure model' '_atom_site_anisotrop.U[2][2]'                
10 4 'Structure model' '_atom_site_anisotrop.U[2][3]'                
11 4 'Structure model' '_atom_site_anisotrop.U[3][3]'                
12 4 'Structure model' '_atom_site_anisotrop.id'                     
13 4 'Structure model' '_atom_site_anisotrop.pdbx_auth_seq_id'       
14 4 'Structure model' '_chem_comp.name'                             
15 4 'Structure model' '_database_2.pdbx_DOI'                        
16 4 'Structure model' '_database_2.pdbx_database_accession'         
17 4 'Structure model' '_entity.pdbx_description'                    
18 4 'Structure model' '_pdbx_audit_support.funding_organization'    
19 4 'Structure model' '_pdbx_entity_nonpoly.name'                   
20 4 'Structure model' '_pdbx_nonpoly_scheme.auth_seq_num'           
21 4 'Structure model' '_pdbx_struct_conn_angle.ptnr1_auth_comp_id'  
22 4 'Structure model' '_pdbx_struct_conn_angle.ptnr1_auth_seq_id'   
23 4 'Structure model' '_pdbx_struct_conn_angle.ptnr1_label_asym_id' 
24 4 'Structure model' '_pdbx_struct_conn_angle.ptnr1_label_atom_id' 
25 4 'Structure model' '_pdbx_struct_conn_angle.ptnr1_label_comp_id' 
26 4 'Structure model' '_pdbx_struct_conn_angle.ptnr1_label_seq_id'  
27 4 'Structure model' '_pdbx_struct_conn_angle.ptnr3_auth_comp_id'  
28 4 'Structure model' '_pdbx_struct_conn_angle.ptnr3_auth_seq_id'   
29 4 'Structure model' '_pdbx_struct_conn_angle.ptnr3_label_asym_id' 
30 4 'Structure model' '_pdbx_struct_conn_angle.ptnr3_label_atom_id' 
31 4 'Structure model' '_pdbx_struct_conn_angle.ptnr3_label_comp_id' 
32 4 'Structure model' '_pdbx_struct_conn_angle.ptnr3_label_seq_id'  
33 4 'Structure model' '_pdbx_struct_conn_angle.value'               
34 4 'Structure model' '_pdbx_struct_special_symmetry.auth_seq_id'   
35 4 'Structure model' '_struct_conn.pdbx_dist_value'                
36 4 'Structure model' '_struct_conn.ptnr1_auth_comp_id'             
37 4 'Structure model' '_struct_conn.ptnr1_auth_seq_id'              
38 4 'Structure model' '_struct_conn.ptnr1_label_asym_id'            
39 4 'Structure model' '_struct_conn.ptnr1_label_atom_id'            
40 4 'Structure model' '_struct_conn.ptnr1_label_comp_id'            
41 4 'Structure model' '_struct_conn.ptnr1_label_seq_id'             
42 4 'Structure model' '_struct_conn.ptnr2_auth_comp_id'             
43 4 'Structure model' '_struct_conn.ptnr2_auth_seq_id'              
44 4 'Structure model' '_struct_conn.ptnr2_label_asym_id'            
45 4 'Structure model' '_struct_conn.ptnr2_label_atom_id'            
46 4 'Structure model' '_struct_conn.ptnr2_label_comp_id'            
47 4 'Structure model' '_struct_conn.ptnr2_symmetry'                 
48 4 'Structure model' '_struct_site_gen.auth_seq_id'                
# 
_pdbx_database_status.status_code                     REL 
_pdbx_database_status.status_code_sf                  REL 
_pdbx_database_status.status_code_mr                  ? 
_pdbx_database_status.entry_id                        4WK1 
_pdbx_database_status.recvd_initial_deposition_date   2014-10-01 
_pdbx_database_status.SG_entry                        N 
_pdbx_database_status.deposit_site                    RCSB 
_pdbx_database_status.process_site                    PDBE 
_pdbx_database_status.status_code_cs                  ? 
_pdbx_database_status.methods_development_category    ? 
_pdbx_database_status.pdb_format_compatible           Y 
_pdbx_database_status.status_code_nmr_data            ? 
# 
loop_
_audit_author.name 
_audit_author.pdbx_ordinal 
'Mueller, M.'    1 
'Hopfner, K.-P.' 2 
'Witte, G.'      3 
# 
_citation.abstract                  ? 
_citation.abstract_id_CAS           ? 
_citation.book_id_ISBN              ? 
_citation.book_publisher            ? 
_citation.book_publisher_city       ? 
_citation.book_title                ? 
_citation.coordinate_linkage        ? 
_citation.country                   NE 
_citation.database_id_Medline       ? 
_citation.details                   ? 
_citation.id                        primary 
_citation.journal_abbrev            'Febs Lett.' 
_citation.journal_id_ASTM           FEBLAL 
_citation.journal_id_CSD            0165 
_citation.journal_id_ISSN           0014-5793 
_citation.journal_full              ? 
_citation.journal_issue             ? 
_citation.journal_volume            589 
_citation.language                  ? 
_citation.page_first                45 
_citation.page_last                 51 
_citation.title                     'c-di-AMP recognition by Staphylococcus aureus PstA.' 
_citation.year                      2015 
_citation.database_id_CSD           ? 
_citation.pdbx_database_id_DOI      10.1016/j.febslet.2014.11.022 
_citation.pdbx_database_id_PubMed   25435171 
_citation.unpublished_flag          ? 
# 
loop_
_citation_author.citation_id 
_citation_author.name 
_citation_author.ordinal 
_citation_author.identifier_ORCID 
primary 'Muller, M.'  1 ? 
primary 'Hopfner, K.' 2 ? 
primary 'Witte, G.'   3 ? 
# 
loop_
_entity.id 
_entity.type 
_entity.src_method 
_entity.pdbx_description 
_entity.formula_weight 
_entity.pdbx_number_of_molecules 
_entity.pdbx_ec 
_entity.pdbx_mutation 
_entity.pdbx_fragment 
_entity.details 
1 polymer     man PstA 14017.754 1  ? ? ? ? 
2 non-polymer syn 
;(2R,3R,3aS,5R,7aR,9R,10R,10aS,12R,14aR)-2,9-bis(6-amino-9H-purin-9-yl)octahydro-2H,7H-difuro[3,2-d:3',2'-j][1,3,7,9,2,8 ]tetraoxadiphosphacyclododecine-3,5,10,12-tetrol 5,12-dioxide
;
658.412   1  ? ? ? ? 
3 non-polymer syn 'CALCIUM ION' 40.078    1  ? ? ? ? 
4 water       nat water 18.015    23 ? ? ? ? 
# 
_entity_poly.entity_id                      1 
_entity_poly.type                           'polypeptide(L)' 
_entity_poly.nstd_linkage                   no 
_entity_poly.nstd_monomer                   no 
_entity_poly.pdbx_seq_one_letter_code       
;MGSSHHHHHHSSGLVPRGSHMKMIIAIVQDQDSQELADQLVKNNFRATKLATTGGFLRAGNTTFLCGVNDDRVDEILSVI
NQTCGNREQLVSPITPMGGSADSYIPYPVEVEVGGATVFVMPVDAFHQF
;
_entity_poly.pdbx_seq_one_letter_code_can   
;MGSSHHHHHHSSGLVPRGSHMKMIIAIVQDQDSQELADQLVKNNFRATKLATTGGFLRAGNTTFLCGVNDDRVDEILSVI
NQTCGNREQLVSPITPMGGSADSYIPYPVEVEVGGATVFVMPVDAFHQF
;
_entity_poly.pdbx_strand_id                 A 
_entity_poly.pdbx_target_identifier         ? 
# 
loop_
_pdbx_entity_nonpoly.entity_id 
_pdbx_entity_nonpoly.name 
_pdbx_entity_nonpoly.comp_id 
2 
;(2R,3R,3aS,5R,7aR,9R,10R,10aS,12R,14aR)-2,9-bis(6-amino-9H-purin-9-yl)octahydro-2H,7H-difuro[3,2-d:3',2'-j][1,3,7,9,2,8 ]tetraoxadiphosphacyclododecine-3,5,10,12-tetrol 5,12-dioxide
;
2BA 
3 'CALCIUM ION' CA  
4 water HOH 
# 
loop_
_entity_poly_seq.entity_id 
_entity_poly_seq.num 
_entity_poly_seq.mon_id 
_entity_poly_seq.hetero 
1 1   MET n 
1 2   GLY n 
1 3   SER n 
1 4   SER n 
1 5   HIS n 
1 6   HIS n 
1 7   HIS n 
1 8   HIS n 
1 9   HIS n 
1 10  HIS n 
1 11  SER n 
1 12  SER n 
1 13  GLY n 
1 14  LEU n 
1 15  VAL n 
1 16  PRO n 
1 17  ARG n 
1 18  GLY n 
1 19  SER n 
1 20  HIS n 
1 21  MET n 
1 22  LYS n 
1 23  MET n 
1 24  ILE n 
1 25  ILE n 
1 26  ALA n 
1 27  ILE n 
1 28  VAL n 
1 29  GLN n 
1 30  ASP n 
1 31  GLN n 
1 32  ASP n 
1 33  SER n 
1 34  GLN n 
1 35  GLU n 
1 36  LEU n 
1 37  ALA n 
1 38  ASP n 
1 39  GLN n 
1 40  LEU n 
1 41  VAL n 
1 42  LYS n 
1 43  ASN n 
1 44  ASN n 
1 45  PHE n 
1 46  ARG n 
1 47  ALA n 
1 48  THR n 
1 49  LYS n 
1 50  LEU n 
1 51  ALA n 
1 52  THR n 
1 53  THR n 
1 54  GLY n 
1 55  GLY n 
1 56  PHE n 
1 57  LEU n 
1 58  ARG n 
1 59  ALA n 
1 60  GLY n 
1 61  ASN n 
1 62  THR n 
1 63  THR n 
1 64  PHE n 
1 65  LEU n 
1 66  CYS n 
1 67  GLY n 
1 68  VAL n 
1 69  ASN n 
1 70  ASP n 
1 71  ASP n 
1 72  ARG n 
1 73  VAL n 
1 74  ASP n 
1 75  GLU n 
1 76  ILE n 
1 77  LEU n 
1 78  SER n 
1 79  VAL n 
1 80  ILE n 
1 81  ASN n 
1 82  GLN n 
1 83  THR n 
1 84  CYS n 
1 85  GLY n 
1 86  ASN n 
1 87  ARG n 
1 88  GLU n 
1 89  GLN n 
1 90  LEU n 
1 91  VAL n 
1 92  SER n 
1 93  PRO n 
1 94  ILE n 
1 95  THR n 
1 96  PRO n 
1 97  MET n 
1 98  GLY n 
1 99  GLY n 
1 100 SER n 
1 101 ALA n 
1 102 ASP n 
1 103 SER n 
1 104 TYR n 
1 105 ILE n 
1 106 PRO n 
1 107 TYR n 
1 108 PRO n 
1 109 VAL n 
1 110 GLU n 
1 111 VAL n 
1 112 GLU n 
1 113 VAL n 
1 114 GLY n 
1 115 GLY n 
1 116 ALA n 
1 117 THR n 
1 118 VAL n 
1 119 PHE n 
1 120 VAL n 
1 121 MET n 
1 122 PRO n 
1 123 VAL n 
1 124 ASP n 
1 125 ALA n 
1 126 PHE n 
1 127 HIS n 
1 128 GLN n 
1 129 PHE n 
# 
_entity_src_gen.entity_id                          1 
_entity_src_gen.pdbx_src_id                        1 
_entity_src_gen.pdbx_alt_source_flag               sample 
_entity_src_gen.pdbx_seq_type                      'Biological sequence' 
_entity_src_gen.pdbx_beg_seq_num                   1 
_entity_src_gen.pdbx_end_seq_num                   129 
_entity_src_gen.gene_src_common_name               ? 
_entity_src_gen.gene_src_genus                     ? 
_entity_src_gen.pdbx_gene_src_gene                 SACOL0525 
_entity_src_gen.gene_src_species                   ? 
_entity_src_gen.gene_src_strain                    COL 
_entity_src_gen.gene_src_tissue                    ? 
_entity_src_gen.gene_src_tissue_fraction           ? 
_entity_src_gen.gene_src_details                   ? 
_entity_src_gen.pdbx_gene_src_fragment             ? 
_entity_src_gen.pdbx_gene_src_scientific_name      'Staphylococcus aureus' 
_entity_src_gen.pdbx_gene_src_ncbi_taxonomy_id     93062 
_entity_src_gen.pdbx_gene_src_variant              ? 
_entity_src_gen.pdbx_gene_src_cell_line            ? 
_entity_src_gen.pdbx_gene_src_atcc                 ? 
_entity_src_gen.pdbx_gene_src_organ                ? 
_entity_src_gen.pdbx_gene_src_organelle            ? 
_entity_src_gen.pdbx_gene_src_cell                 ? 
_entity_src_gen.pdbx_gene_src_cellular_location    ? 
_entity_src_gen.host_org_common_name               ? 
_entity_src_gen.pdbx_host_org_scientific_name      'Escherichia coli BL21(DE3)' 
_entity_src_gen.pdbx_host_org_ncbi_taxonomy_id     469008 
_entity_src_gen.host_org_genus                     ? 
_entity_src_gen.pdbx_host_org_gene                 ? 
_entity_src_gen.pdbx_host_org_organ                ? 
_entity_src_gen.host_org_species                   ? 
_entity_src_gen.pdbx_host_org_tissue               ? 
_entity_src_gen.pdbx_host_org_tissue_fraction      ? 
_entity_src_gen.pdbx_host_org_strain               Rosetta 
_entity_src_gen.pdbx_host_org_variant              ? 
_entity_src_gen.pdbx_host_org_cell_line            ? 
_entity_src_gen.pdbx_host_org_atcc                 ? 
_entity_src_gen.pdbx_host_org_culture_collection   ? 
_entity_src_gen.pdbx_host_org_cell                 ? 
_entity_src_gen.pdbx_host_org_organelle            ? 
_entity_src_gen.pdbx_host_org_cellular_location    ? 
_entity_src_gen.pdbx_host_org_vector_type          ? 
_entity_src_gen.pdbx_host_org_vector               ? 
_entity_src_gen.host_org_details                   ? 
_entity_src_gen.expression_system_id               ? 
_entity_src_gen.plasmid_name                       ? 
_entity_src_gen.plasmid_details                    ? 
_entity_src_gen.pdbx_description                   ? 
# 
loop_
_chem_comp.id 
_chem_comp.type 
_chem_comp.mon_nstd_flag 
_chem_comp.name 
_chem_comp.pdbx_synonyms 
_chem_comp.formula 
_chem_comp.formula_weight 
2BA non-polymer         . 
;(2R,3R,3aS,5R,7aR,9R,10R,10aS,12R,14aR)-2,9-bis(6-amino-9H-purin-9-yl)octahydro-2H,7H-difuro[3,2-d:3',2'-j][1,3,7,9,2,8 ]tetraoxadiphosphacyclododecine-3,5,10,12-tetrol 5,12-dioxide
;
"bis-(3',5')-cyclic-dimeric-Adenosine-monophosphate" 'C20 H24 N10 O12 P2' 658.412 
ALA 'L-peptide linking' y ALANINE ?                                                    'C3 H7 N O2'         89.093  
ARG 'L-peptide linking' y ARGININE ?                                                    'C6 H15 N4 O2 1'     175.209 
ASN 'L-peptide linking' y ASPARAGINE ?                                                    'C4 H8 N2 O3'        132.118 
ASP 'L-peptide linking' y 'ASPARTIC ACID' ?                                                    'C4 H7 N O4'         133.103 
CA  non-polymer         . 'CALCIUM ION' ?                                                    'Ca 2'               40.078  
CYS 'L-peptide linking' y CYSTEINE ?                                                    'C3 H7 N O2 S'       121.158 
GLN 'L-peptide linking' y GLUTAMINE ?                                                    'C5 H10 N2 O3'       146.144 
GLU 'L-peptide linking' y 'GLUTAMIC ACID' ?                                                    'C5 H9 N O4'         147.129 
GLY 'peptide linking'   y GLYCINE ?                                                    'C2 H5 N O2'         75.067  
HIS 'L-peptide linking' y HISTIDINE ?                                                    'C6 H10 N3 O2 1'     156.162 
HOH non-polymer         . WATER ?                                                    'H2 O'               18.015  
ILE 'L-peptide linking' y ISOLEUCINE ?                                                    'C6 H13 N O2'        131.173 
LEU 'L-peptide linking' y LEUCINE ?                                                    'C6 H13 N O2'        131.173 
LYS 'L-peptide linking' y LYSINE ?                                                    'C6 H15 N2 O2 1'     147.195 
MET 'L-peptide linking' y METHIONINE ?                                                    'C5 H11 N O2 S'      149.211 
PHE 'L-peptide linking' y PHENYLALANINE ?                                                    'C9 H11 N O2'        165.189 
PRO 'L-peptide linking' y PROLINE ?                                                    'C5 H9 N O2'         115.130 
SER 'L-peptide linking' y SERINE ?                                                    'C3 H7 N O3'         105.093 
THR 'L-peptide linking' y THREONINE ?                                                    'C4 H9 N O3'         119.119 
TYR 'L-peptide linking' y TYROSINE ?                                                    'C9 H11 N O3'        181.189 
VAL 'L-peptide linking' y VALINE ?                                                    'C5 H11 N O2'        117.146 
# 
loop_
_pdbx_poly_seq_scheme.asym_id 
_pdbx_poly_seq_scheme.entity_id 
_pdbx_poly_seq_scheme.seq_id 
_pdbx_poly_seq_scheme.mon_id 
_pdbx_poly_seq_scheme.ndb_seq_num 
_pdbx_poly_seq_scheme.pdb_seq_num 
_pdbx_poly_seq_scheme.auth_seq_num 
_pdbx_poly_seq_scheme.pdb_mon_id 
_pdbx_poly_seq_scheme.auth_mon_id 
_pdbx_poly_seq_scheme.pdb_strand_id 
_pdbx_poly_seq_scheme.pdb_ins_code 
_pdbx_poly_seq_scheme.hetero 
A 1 1   MET 1   -19 ?   ?   ?   A . n 
A 1 2   GLY 2   -18 ?   ?   ?   A . n 
A 1 3   SER 3   -17 ?   ?   ?   A . n 
A 1 4   SER 4   -16 ?   ?   ?   A . n 
A 1 5   HIS 5   -15 ?   ?   ?   A . n 
A 1 6   HIS 6   -14 ?   ?   ?   A . n 
A 1 7   HIS 7   -13 ?   ?   ?   A . n 
A 1 8   HIS 8   -12 ?   ?   ?   A . n 
A 1 9   HIS 9   -11 ?   ?   ?   A . n 
A 1 10  HIS 10  -10 ?   ?   ?   A . n 
A 1 11  SER 11  -9  ?   ?   ?   A . n 
A 1 12  SER 12  -8  ?   ?   ?   A . n 
A 1 13  GLY 13  -7  -7  GLY GLY A . n 
A 1 14  LEU 14  -6  -6  LEU LEU A . n 
A 1 15  VAL 15  -5  -5  VAL VAL A . n 
A 1 16  PRO 16  -4  -4  PRO PRO A . n 
A 1 17  ARG 17  -3  -3  ARG ARG A . n 
A 1 18  GLY 18  -2  -2  GLY GLY A . n 
A 1 19  SER 19  -1  -1  SER SER A . n 
A 1 20  HIS 20  0   0   HIS HIS A . n 
A 1 21  MET 21  1   1   MET MET A . n 
A 1 22  LYS 22  2   2   LYS LYS A . n 
A 1 23  MET 23  3   3   MET MET A . n 
A 1 24  ILE 24  4   4   ILE ILE A . n 
A 1 25  ILE 25  5   5   ILE ILE A . n 
A 1 26  ALA 26  6   6   ALA ALA A . n 
A 1 27  ILE 27  7   7   ILE ILE A . n 
A 1 28  VAL 28  8   8   VAL VAL A . n 
A 1 29  GLN 29  9   9   GLN GLN A . n 
A 1 30  ASP 30  10  10  ASP ASP A . n 
A 1 31  GLN 31  11  11  GLN GLN A . n 
A 1 32  ASP 32  12  12  ASP ASP A . n 
A 1 33  SER 33  13  13  SER SER A . n 
A 1 34  GLN 34  14  14  GLN GLN A . n 
A 1 35  GLU 35  15  15  GLU GLU A . n 
A 1 36  LEU 36  16  16  LEU LEU A . n 
A 1 37  ALA 37  17  17  ALA ALA A . n 
A 1 38  ASP 38  18  18  ASP ASP A . n 
A 1 39  GLN 39  19  19  GLN GLN A . n 
A 1 40  LEU 40  20  20  LEU LEU A . n 
A 1 41  VAL 41  21  21  VAL VAL A . n 
A 1 42  LYS 42  22  22  LYS LYS A . n 
A 1 43  ASN 43  23  23  ASN ASN A . n 
A 1 44  ASN 44  24  24  ASN ASN A . n 
A 1 45  PHE 45  25  25  PHE PHE A . n 
A 1 46  ARG 46  26  26  ARG ARG A . n 
A 1 47  ALA 47  27  27  ALA ALA A . n 
A 1 48  THR 48  28  28  THR THR A . n 
A 1 49  LYS 49  29  29  LYS LYS A . n 
A 1 50  LEU 50  30  30  LEU LEU A . n 
A 1 51  ALA 51  31  31  ALA ALA A . n 
A 1 52  THR 52  32  32  THR THR A . n 
A 1 53  THR 53  33  33  THR THR A . n 
A 1 54  GLY 54  34  34  GLY GLY A . n 
A 1 55  GLY 55  35  35  GLY GLY A . n 
A 1 56  PHE 56  36  36  PHE PHE A . n 
A 1 57  LEU 57  37  37  LEU LEU A . n 
A 1 58  ARG 58  38  38  ARG ARG A . n 
A 1 59  ALA 59  39  39  ALA ALA A . n 
A 1 60  GLY 60  40  40  GLY GLY A . n 
A 1 61  ASN 61  41  41  ASN ASN A . n 
A 1 62  THR 62  42  42  THR THR A . n 
A 1 63  THR 63  43  43  THR THR A . n 
A 1 64  PHE 64  44  44  PHE PHE A . n 
A 1 65  LEU 65  45  45  LEU LEU A . n 
A 1 66  CYS 66  46  46  CYS CYS A . n 
A 1 67  GLY 67  47  47  GLY GLY A . n 
A 1 68  VAL 68  48  48  VAL VAL A . n 
A 1 69  ASN 69  49  49  ASN ASN A . n 
A 1 70  ASP 70  50  50  ASP ASP A . n 
A 1 71  ASP 71  51  51  ASP ASP A . n 
A 1 72  ARG 72  52  52  ARG ARG A . n 
A 1 73  VAL 73  53  53  VAL VAL A . n 
A 1 74  ASP 74  54  54  ASP ASP A . n 
A 1 75  GLU 75  55  55  GLU GLU A . n 
A 1 76  ILE 76  56  56  ILE ILE A . n 
A 1 77  LEU 77  57  57  LEU LEU A . n 
A 1 78  SER 78  58  58  SER SER A . n 
A 1 79  VAL 79  59  59  VAL VAL A . n 
A 1 80  ILE 80  60  60  ILE ILE A . n 
A 1 81  ASN 81  61  61  ASN ASN A . n 
A 1 82  GLN 82  62  62  GLN GLN A . n 
A 1 83  THR 83  63  63  THR THR A . n 
A 1 84  CYS 84  64  64  CYS CYS A . n 
A 1 85  GLY 85  65  65  GLY GLY A . n 
A 1 86  ASN 86  66  66  ASN ASN A . n 
A 1 87  ARG 87  67  ?   ?   ?   A . n 
A 1 88  GLU 88  68  ?   ?   ?   A . n 
A 1 89  GLN 89  69  ?   ?   ?   A . n 
A 1 90  LEU 90  70  ?   ?   ?   A . n 
A 1 91  VAL 91  71  ?   ?   ?   A . n 
A 1 92  SER 92  72  ?   ?   ?   A . n 
A 1 93  PRO 93  73  ?   ?   ?   A . n 
A 1 94  ILE 94  74  ?   ?   ?   A . n 
A 1 95  THR 95  75  ?   ?   ?   A . n 
A 1 96  PRO 96  76  ?   ?   ?   A . n 
A 1 97  MET 97  77  ?   ?   ?   A . n 
A 1 98  GLY 98  78  ?   ?   ?   A . n 
A 1 99  GLY 99  79  ?   ?   ?   A . n 
A 1 100 SER 100 80  ?   ?   ?   A . n 
A 1 101 ALA 101 81  ?   ?   ?   A . n 
A 1 102 ASP 102 82  ?   ?   ?   A . n 
A 1 103 SER 103 83  ?   ?   ?   A . n 
A 1 104 TYR 104 84  ?   ?   ?   A . n 
A 1 105 ILE 105 85  ?   ?   ?   A . n 
A 1 106 PRO 106 86  ?   ?   ?   A . n 
A 1 107 TYR 107 87  ?   ?   ?   A . n 
A 1 108 PRO 108 88  ?   ?   ?   A . n 
A 1 109 VAL 109 89  ?   ?   ?   A . n 
A 1 110 GLU 110 90  ?   ?   ?   A . n 
A 1 111 VAL 111 91  ?   ?   ?   A . n 
A 1 112 GLU 112 92  92  GLU GLU A . n 
A 1 113 VAL 113 93  93  VAL VAL A . n 
A 1 114 GLY 114 94  94  GLY GLY A . n 
A 1 115 GLY 115 95  95  GLY GLY A . n 
A 1 116 ALA 116 96  96  ALA ALA A . n 
A 1 117 THR 117 97  97  THR THR A . n 
A 1 118 VAL 118 98  98  VAL VAL A . n 
A 1 119 PHE 119 99  99  PHE PHE A . n 
A 1 120 VAL 120 100 100 VAL VAL A . n 
A 1 121 MET 121 101 101 MET MET A . n 
A 1 122 PRO 122 102 102 PRO PRO A . n 
A 1 123 VAL 123 103 103 VAL VAL A . n 
A 1 124 ASP 124 104 104 ASP ASP A . n 
A 1 125 ALA 125 105 105 ALA ALA A . n 
A 1 126 PHE 126 106 106 PHE PHE A . n 
A 1 127 HIS 127 107 107 HIS HIS A . n 
A 1 128 GLN 128 108 108 GLN GLN A . n 
A 1 129 PHE 129 109 109 PHE PHE A . n 
# 
loop_
_pdbx_nonpoly_scheme.asym_id 
_pdbx_nonpoly_scheme.entity_id 
_pdbx_nonpoly_scheme.mon_id 
_pdbx_nonpoly_scheme.ndb_seq_num 
_pdbx_nonpoly_scheme.pdb_seq_num 
_pdbx_nonpoly_scheme.auth_seq_num 
_pdbx_nonpoly_scheme.pdb_mon_id 
_pdbx_nonpoly_scheme.auth_mon_id 
_pdbx_nonpoly_scheme.pdb_strand_id 
_pdbx_nonpoly_scheme.pdb_ins_code 
B 2 2BA 1  201 1  2BA 2BA A . 
C 3 CA  1  202 4  CA  CA  A . 
D 4 HOH 1  301 11 HOH HOH A . 
D 4 HOH 2  302 43 HOH HOH A . 
D 4 HOH 3  303 51 HOH HOH A . 
D 4 HOH 4  304 55 HOH HOH A . 
D 4 HOH 5  305 72 HOH HOH A . 
D 4 HOH 6  306 5  HOH HOH A . 
D 4 HOH 7  307 73 HOH HOH A . 
D 4 HOH 8  308 12 HOH HOH A . 
D 4 HOH 9  309 9  HOH HOH A . 
D 4 HOH 10 310 13 HOH HOH A . 
D 4 HOH 11 311 4  HOH HOH A . 
D 4 HOH 12 312 66 HOH HOH A . 
D 4 HOH 13 313 61 HOH HOH A . 
D 4 HOH 14 314 24 HOH HOH A . 
D 4 HOH 15 315 8  HOH HOH A . 
D 4 HOH 16 316 69 HOH HOH A . 
D 4 HOH 17 317 64 HOH HOH A . 
D 4 HOH 18 318 14 HOH HOH A . 
D 4 HOH 19 319 6  HOH HOH A . 
D 4 HOH 20 320 29 HOH HOH A . 
D 4 HOH 21 321 67 HOH HOH A . 
D 4 HOH 22 322 65 HOH HOH A . 
D 4 HOH 23 323 59 HOH HOH A . 
# 
loop_
_pdbx_unobs_or_zero_occ_atoms.id 
_pdbx_unobs_or_zero_occ_atoms.PDB_model_num 
_pdbx_unobs_or_zero_occ_atoms.polymer_flag 
_pdbx_unobs_or_zero_occ_atoms.occupancy_flag 
_pdbx_unobs_or_zero_occ_atoms.auth_asym_id 
_pdbx_unobs_or_zero_occ_atoms.auth_comp_id 
_pdbx_unobs_or_zero_occ_atoms.auth_seq_id 
_pdbx_unobs_or_zero_occ_atoms.PDB_ins_code 
_pdbx_unobs_or_zero_occ_atoms.auth_atom_id 
_pdbx_unobs_or_zero_occ_atoms.label_alt_id 
_pdbx_unobs_or_zero_occ_atoms.label_asym_id 
_pdbx_unobs_or_zero_occ_atoms.label_comp_id 
_pdbx_unobs_or_zero_occ_atoms.label_seq_id 
_pdbx_unobs_or_zero_occ_atoms.label_atom_id 
1 1 Y 0 A GLN 14 ? CD  ? A GLN 34 CD  
2 1 Y 0 A LYS 22 ? CD  ? A LYS 42 CD  
3 1 Y 0 A LYS 22 ? CE  ? A LYS 42 CE  
4 1 Y 0 A LYS 22 ? NZ  ? A LYS 42 NZ  
5 1 Y 0 A ASN 66 ? CG  ? A ASN 86 CG  
6 1 Y 0 A ASN 66 ? OD1 ? A ASN 86 OD1 
7 1 Y 0 A ASN 66 ? ND2 ? A ASN 86 ND2 
# 
loop_
_software.citation_id 
_software.classification 
_software.compiler_name 
_software.compiler_version 
_software.contact_author 
_software.contact_author_email 
_software.date 
_software.description 
_software.dependencies 
_software.hardware 
_software.language 
_software.location 
_software.mods 
_software.name 
_software.os 
_software.os_version 
_software.type 
_software.version 
_software.pdbx_ordinal 
? refinement       ? ? ? ? ? ? ? ? ? ? ? PHENIX ? ? ? '(phenix.refine: 1.9_1692)' 1 
? 'data reduction' ? ? ? ? ? ? ? ? ? ? ? XDS    ? ? ? .                           2 
? 'data scaling'   ? ? ? ? ? ? ? ? ? ? ? XSCALE ? ? ? .                           3 
? phasing          ? ? ? ? ? ? ? ? ? ? ? PHASER ? ? ? .                           4 
? 'model building' ? ? ? ? ? ? ? ? ? ? ? Coot   ? ? ? .                           5 
# 
_cell.entry_id           4WK1 
_cell.length_a           68.100 
_cell.length_b           68.100 
_cell.length_c           135.740 
_cell.angle_alpha        90.00 
_cell.angle_beta         90.00 
_cell.angle_gamma        120.00 
_cell.Z_PDB              18 
_cell.pdbx_unique_axis   ? 
# 
_symmetry.entry_id                         4WK1 
_symmetry.cell_setting                     ? 
_symmetry.Int_Tables_number                155 
_symmetry.space_group_name_Hall            ? 
_symmetry.space_group_name_H-M             'H 3 2' 
_symmetry.pdbx_full_space_group_name_H-M   ? 
# 
_exptl.absorpt_coefficient_mu     ? 
_exptl.absorpt_correction_T_max   ? 
_exptl.absorpt_correction_T_min   ? 
_exptl.absorpt_correction_type    ? 
_exptl.absorpt_process_details    ? 
_exptl.entry_id                   4WK1 
_exptl.crystals_number            ? 
_exptl.details                    ? 
_exptl.method                     'X-RAY DIFFRACTION' 
_exptl.method_details             ? 
# 
_exptl_crystal.colour                      ? 
_exptl_crystal.density_diffrn              ? 
_exptl_crystal.density_Matthews            2.16 
_exptl_crystal.density_method              ? 
_exptl_crystal.density_percent_sol         43.07 
_exptl_crystal.description                 ? 
_exptl_crystal.F_000                       ? 
_exptl_crystal.id                          1 
_exptl_crystal.preparation                 ? 
_exptl_crystal.size_max                    ? 
_exptl_crystal.size_mid                    ? 
_exptl_crystal.size_min                    ? 
_exptl_crystal.size_rad                    ? 
_exptl_crystal.colour_lustre               ? 
_exptl_crystal.colour_modifier             ? 
_exptl_crystal.colour_primary              ? 
_exptl_crystal.density_meas                ? 
_exptl_crystal.density_meas_esd            ? 
_exptl_crystal.density_meas_gt             ? 
_exptl_crystal.density_meas_lt             ? 
_exptl_crystal.density_meas_temp           ? 
_exptl_crystal.density_meas_temp_esd       ? 
_exptl_crystal.density_meas_temp_gt        ? 
_exptl_crystal.density_meas_temp_lt        ? 
_exptl_crystal.pdbx_crystal_image_url      ? 
_exptl_crystal.pdbx_crystal_image_format   ? 
_exptl_crystal.pdbx_mosaicity              ? 
_exptl_crystal.pdbx_mosaicity_esd          ? 
# 
_exptl_crystal_grow.apparatus       ? 
_exptl_crystal_grow.atmosphere      ? 
_exptl_crystal_grow.crystal_id      1 
_exptl_crystal_grow.details         ? 
_exptl_crystal_grow.method          'VAPOR DIFFUSION, HANGING DROP' 
_exptl_crystal_grow.method_ref      ? 
_exptl_crystal_grow.pH              ? 
_exptl_crystal_grow.pressure        ? 
_exptl_crystal_grow.pressure_esd    ? 
_exptl_crystal_grow.seeding         ? 
_exptl_crystal_grow.seeding_ref     ? 
_exptl_crystal_grow.temp            293 
_exptl_crystal_grow.temp_details    ? 
_exptl_crystal_grow.temp_esd        ? 
_exptl_crystal_grow.time            ? 
_exptl_crystal_grow.pdbx_details    '6 % w/v PEG 8000, 0.1 M HEPES pH 7.0, 0.2 M calcium-acetate' 
_exptl_crystal_grow.pdbx_pH_range   ? 
# 
_diffrn.ambient_environment    ? 
_diffrn.ambient_temp           100 
_diffrn.ambient_temp_details   ? 
_diffrn.ambient_temp_esd       ? 
_diffrn.crystal_id             1 
_diffrn.crystal_support        ? 
_diffrn.crystal_treatment      ? 
_diffrn.details                ? 
_diffrn.id                     1 
_diffrn.ambient_pressure       ? 
_diffrn.ambient_pressure_esd   ? 
_diffrn.ambient_pressure_gt    ? 
_diffrn.ambient_pressure_lt    ? 
_diffrn.ambient_temp_gt        ? 
_diffrn.ambient_temp_lt        ? 
# 
_diffrn_detector.details                      ? 
_diffrn_detector.detector                     PIXEL 
_diffrn_detector.diffrn_id                    1 
_diffrn_detector.type                         'PSI PILATUS 6M' 
_diffrn_detector.area_resol_mean              ? 
_diffrn_detector.dtime                        ? 
_diffrn_detector.pdbx_frames_total            ? 
_diffrn_detector.pdbx_collection_time_total   ? 
_diffrn_detector.pdbx_collection_date         2014-09-10 
# 
_diffrn_radiation.collimation                      ? 
_diffrn_radiation.diffrn_id                        1 
_diffrn_radiation.filter_edge                      ? 
_diffrn_radiation.inhomogeneity                    ? 
_diffrn_radiation.monochromator                    ? 
_diffrn_radiation.polarisn_norm                    ? 
_diffrn_radiation.polarisn_ratio                   ? 
_diffrn_radiation.probe                            ? 
_diffrn_radiation.type                             ? 
_diffrn_radiation.xray_symbol                      ? 
_diffrn_radiation.wavelength_id                    1 
_diffrn_radiation.pdbx_monochromatic_or_laue_m_l   M 
_diffrn_radiation.pdbx_wavelength_list             ? 
_diffrn_radiation.pdbx_wavelength                  ? 
_diffrn_radiation.pdbx_diffrn_protocol             'SINGLE WAVELENGTH' 
_diffrn_radiation.pdbx_analyzer                    ? 
_diffrn_radiation.pdbx_scattering_type             x-ray 
# 
_diffrn_radiation_wavelength.id           1 
_diffrn_radiation_wavelength.wavelength   0.99998 
_diffrn_radiation_wavelength.wt           1.0 
# 
_diffrn_source.current                     ? 
_diffrn_source.details                     ? 
_diffrn_source.diffrn_id                   1 
_diffrn_source.power                       ? 
_diffrn_source.size                        ? 
_diffrn_source.source                      SYNCHROTRON 
_diffrn_source.target                      ? 
_diffrn_source.type                        'SLS BEAMLINE X06SA' 
_diffrn_source.voltage                     ? 
_diffrn_source.take-off_angle              ? 
_diffrn_source.pdbx_wavelength_list        0.99998 
_diffrn_source.pdbx_wavelength             ? 
_diffrn_source.pdbx_synchrotron_beamline   X06SA 
_diffrn_source.pdbx_synchrotron_site       SLS 
# 
_reflns.B_iso_Wilson_estimate            ? 
_reflns.entry_id                         4WK1 
_reflns.data_reduction_details           ? 
_reflns.data_reduction_method            ? 
_reflns.d_resolution_high                1.98 
_reflns.d_resolution_low                 50 
_reflns.details                          ? 
_reflns.limit_h_max                      ? 
_reflns.limit_h_min                      ? 
_reflns.limit_k_max                      ? 
_reflns.limit_k_min                      ? 
_reflns.limit_l_max                      ? 
_reflns.limit_l_min                      ? 
_reflns.number_all                       ? 
_reflns.number_obs                       8523 
_reflns.observed_criterion               ? 
_reflns.observed_criterion_F_max         ? 
_reflns.observed_criterion_F_min         ? 
_reflns.observed_criterion_I_max         ? 
_reflns.observed_criterion_I_min         ? 
_reflns.observed_criterion_sigma_F       ? 
_reflns.observed_criterion_sigma_I       ? 
_reflns.percent_possible_obs             97.7 
_reflns.R_free_details                   ? 
_reflns.Rmerge_F_all                     ? 
_reflns.Rmerge_F_obs                     ? 
_reflns.Friedel_coverage                 ? 
_reflns.number_gt                        ? 
_reflns.threshold_expression             ? 
_reflns.pdbx_redundancy                  16.6 
_reflns.pdbx_Rmerge_I_obs                ? 
_reflns.pdbx_Rmerge_I_all                ? 
_reflns.pdbx_Rsym_value                  ? 
_reflns.pdbx_netI_over_av_sigmaI         ? 
_reflns.pdbx_netI_over_sigmaI            23.6 
_reflns.pdbx_res_netI_over_av_sigmaI_2   ? 
_reflns.pdbx_res_netI_over_sigmaI_2      ? 
_reflns.pdbx_chi_squared                 ? 
_reflns.pdbx_scaling_rejects             ? 
_reflns.pdbx_d_res_high_opt              ? 
_reflns.pdbx_d_res_low_opt               ? 
_reflns.pdbx_d_res_opt_method            ? 
_reflns.phase_calculation_details        ? 
_reflns.pdbx_Rrim_I_all                  ? 
_reflns.pdbx_Rpim_I_all                  ? 
_reflns.pdbx_d_opt                       ? 
_reflns.pdbx_number_measured_all         ? 
_reflns.pdbx_diffrn_id                   1 
_reflns.pdbx_ordinal                     1 
_reflns.pdbx_CC_half                     ? 
_reflns.pdbx_R_split                     ? 
# 
_reflns_shell.d_res_high                  1.98 
_reflns_shell.d_res_low                   2.03 
_reflns_shell.meanI_over_sigI_all         ? 
_reflns_shell.meanI_over_sigI_obs         2.0 
_reflns_shell.number_measured_all         ? 
_reflns_shell.number_measured_obs         ? 
_reflns_shell.number_possible             ? 
_reflns_shell.number_unique_all           ? 
_reflns_shell.number_unique_obs           ? 
_reflns_shell.percent_possible_all        81.4 
_reflns_shell.percent_possible_obs        ? 
_reflns_shell.Rmerge_F_all                ? 
_reflns_shell.Rmerge_F_obs                ? 
_reflns_shell.Rmerge_I_all                ? 
_reflns_shell.Rmerge_I_obs                ? 
_reflns_shell.meanI_over_sigI_gt          ? 
_reflns_shell.meanI_over_uI_all           ? 
_reflns_shell.meanI_over_uI_gt            ? 
_reflns_shell.number_measured_gt          ? 
_reflns_shell.number_unique_gt            ? 
_reflns_shell.percent_possible_gt         ? 
_reflns_shell.Rmerge_F_gt                 ? 
_reflns_shell.Rmerge_I_gt                 ? 
_reflns_shell.pdbx_redundancy             5.4 
_reflns_shell.pdbx_Rsym_value             ? 
_reflns_shell.pdbx_chi_squared            ? 
_reflns_shell.pdbx_netI_over_sigmaI_all   ? 
_reflns_shell.pdbx_netI_over_sigmaI_obs   ? 
_reflns_shell.pdbx_Rrim_I_all             ? 
_reflns_shell.pdbx_Rpim_I_all             ? 
_reflns_shell.pdbx_rejects                ? 
_reflns_shell.pdbx_ordinal                1 
_reflns_shell.pdbx_diffrn_id              1 
_reflns_shell.pdbx_CC_half                ? 
_reflns_shell.pdbx_R_split                ? 
# 
_refine.aniso_B[1][1]                            ? 
_refine.aniso_B[1][2]                            ? 
_refine.aniso_B[1][3]                            ? 
_refine.aniso_B[2][2]                            ? 
_refine.aniso_B[2][3]                            ? 
_refine.aniso_B[3][3]                            ? 
_refine.B_iso_max                                ? 
_refine.B_iso_mean                               ? 
_refine.B_iso_min                                ? 
_refine.correlation_coeff_Fo_to_Fc               ? 
_refine.correlation_coeff_Fo_to_Fc_free          ? 
_refine.details                                  ? 
_refine.diff_density_max                         ? 
_refine.diff_density_max_esd                     ? 
_refine.diff_density_min                         ? 
_refine.diff_density_min_esd                     ? 
_refine.diff_density_rms                         ? 
_refine.diff_density_rms_esd                     ? 
_refine.entry_id                                 4WK1 
_refine.pdbx_refine_id                           'X-RAY DIFFRACTION' 
_refine.ls_abs_structure_details                 ? 
_refine.ls_abs_structure_Flack                   ? 
_refine.ls_abs_structure_Flack_esd               ? 
_refine.ls_abs_structure_Rogers                  ? 
_refine.ls_abs_structure_Rogers_esd              ? 
_refine.ls_d_res_high                            1.980 
_refine.ls_d_res_low                             44.517 
_refine.ls_extinction_coef                       ? 
_refine.ls_extinction_coef_esd                   ? 
_refine.ls_extinction_expression                 ? 
_refine.ls_extinction_method                     ? 
_refine.ls_goodness_of_fit_all                   ? 
_refine.ls_goodness_of_fit_all_esd               ? 
_refine.ls_goodness_of_fit_obs                   ? 
_refine.ls_goodness_of_fit_obs_esd               ? 
_refine.ls_hydrogen_treatment                    ? 
_refine.ls_matrix_type                           ? 
_refine.ls_number_constraints                    ? 
_refine.ls_number_parameters                     ? 
_refine.ls_number_reflns_all                     ? 
_refine.ls_number_reflns_obs                     8522 
_refine.ls_number_reflns_R_free                  828 
_refine.ls_number_reflns_R_work                  ? 
_refine.ls_number_restraints                     ? 
_refine.ls_percent_reflns_obs                    97.68 
_refine.ls_percent_reflns_R_free                 9.72 
_refine.ls_R_factor_all                          ? 
_refine.ls_R_factor_obs                          0.1920 
_refine.ls_R_factor_R_free                       0.2288 
_refine.ls_R_factor_R_free_error                 ? 
_refine.ls_R_factor_R_free_error_details         ? 
_refine.ls_R_factor_R_work                       0.1882 
_refine.ls_R_Fsqd_factor_obs                     ? 
_refine.ls_R_I_factor_obs                        ? 
_refine.ls_redundancy_reflns_all                 ? 
_refine.ls_redundancy_reflns_obs                 ? 
_refine.ls_restrained_S_all                      ? 
_refine.ls_restrained_S_obs                      ? 
_refine.ls_shift_over_esd_max                    ? 
_refine.ls_shift_over_esd_mean                   ? 
_refine.ls_structure_factor_coef                 ? 
_refine.ls_weighting_details                     ? 
_refine.ls_weighting_scheme                      ? 
_refine.ls_wR_factor_all                         ? 
_refine.ls_wR_factor_obs                         ? 
_refine.ls_wR_factor_R_free                      ? 
_refine.ls_wR_factor_R_work                      ? 
_refine.occupancy_max                            ? 
_refine.occupancy_min                            ? 
_refine.solvent_model_details                    'FLAT BULK SOLVENT MODEL' 
_refine.solvent_model_param_bsol                 ? 
_refine.solvent_model_param_ksol                 ? 
_refine.ls_R_factor_gt                           ? 
_refine.ls_goodness_of_fit_gt                    ? 
_refine.ls_goodness_of_fit_ref                   ? 
_refine.ls_shift_over_su_max                     ? 
_refine.ls_shift_over_su_max_lt                  ? 
_refine.ls_shift_over_su_mean                    ? 
_refine.ls_shift_over_su_mean_lt                 ? 
_refine.pdbx_ls_sigma_I                          ? 
_refine.pdbx_ls_sigma_F                          1.36 
_refine.pdbx_ls_sigma_Fsqd                       ? 
_refine.pdbx_data_cutoff_high_absF               ? 
_refine.pdbx_data_cutoff_high_rms_absF           ? 
_refine.pdbx_data_cutoff_low_absF                ? 
_refine.pdbx_isotropic_thermal_model             ? 
_refine.pdbx_ls_cross_valid_method               'FREE R-VALUE' 
_refine.pdbx_method_to_determine_struct          'MOLECULAR REPLACEMENT' 
_refine.pdbx_starting_model                      3m05 
_refine.pdbx_stereochemistry_target_values       ML 
_refine.pdbx_R_Free_selection_details            ? 
_refine.pdbx_stereochem_target_val_spec_case     ? 
_refine.pdbx_overall_ESU_R                       ? 
_refine.pdbx_overall_ESU_R_Free                  ? 
_refine.pdbx_solvent_vdw_probe_radii             1.11 
_refine.pdbx_solvent_ion_probe_radii             ? 
_refine.pdbx_solvent_shrinkage_radii             0.90 
_refine.pdbx_real_space_R                        ? 
_refine.pdbx_density_correlation                 ? 
_refine.pdbx_pd_number_of_powder_patterns        ? 
_refine.pdbx_pd_number_of_points                 ? 
_refine.pdbx_pd_meas_number_of_points            ? 
_refine.pdbx_pd_proc_ls_prof_R_factor            ? 
_refine.pdbx_pd_proc_ls_prof_wR_factor           ? 
_refine.pdbx_pd_Marquardt_correlation_coeff      ? 
_refine.pdbx_pd_Fsqrd_R_factor                   ? 
_refine.pdbx_pd_ls_matrix_band_width             ? 
_refine.pdbx_overall_phase_error                 27.04 
_refine.pdbx_overall_SU_R_free_Cruickshank_DPI   ? 
_refine.pdbx_overall_SU_R_free_Blow_DPI          ? 
_refine.pdbx_overall_SU_R_Blow_DPI               ? 
_refine.pdbx_TLS_residual_ADP_flag               ? 
_refine.pdbx_diffrn_id                           1 
_refine.overall_SU_B                             ? 
_refine.overall_SU_ML                            0.23 
_refine.overall_SU_R_Cruickshank_DPI             ? 
_refine.overall_SU_R_free                        ? 
_refine.overall_FOM_free_R_set                   ? 
_refine.overall_FOM_work_R_set                   ? 
# 
_refine_hist.pdbx_refine_id                   'X-RAY DIFFRACTION' 
_refine_hist.cycle_id                         LAST 
_refine_hist.pdbx_number_atoms_protein        697 
_refine_hist.pdbx_number_atoms_nucleic_acid   0 
_refine_hist.pdbx_number_atoms_ligand         45 
_refine_hist.number_atoms_solvent             23 
_refine_hist.number_atoms_total               765 
_refine_hist.d_res_high                       1.980 
_refine_hist.d_res_low                        44.517 
# 
loop_
_refine_ls_restr.pdbx_refine_id 
_refine_ls_restr.criterion 
_refine_ls_restr.dev_ideal 
_refine_ls_restr.dev_ideal_target 
_refine_ls_restr.number 
_refine_ls_restr.rejects 
_refine_ls_restr.type 
_refine_ls_restr.weight 
_refine_ls_restr.pdbx_restraint_function 
'X-RAY DIFFRACTION' ? 0.008  ? 762  ? f_bond_d           ? ? 
'X-RAY DIFFRACTION' ? 1.201  ? 1044 ? f_angle_d          ? ? 
'X-RAY DIFFRACTION' ? 13.834 ? 261  ? f_dihedral_angle_d ? ? 
'X-RAY DIFFRACTION' ? 0.051  ? 124  ? f_chiral_restr     ? ? 
'X-RAY DIFFRACTION' ? 0.004  ? 130  ? f_plane_restr      ? ? 
# 
loop_
_refine_ls_shell.pdbx_refine_id 
_refine_ls_shell.d_res_high 
_refine_ls_shell.d_res_low 
_refine_ls_shell.number_reflns_all 
_refine_ls_shell.number_reflns_obs 
_refine_ls_shell.number_reflns_R_free 
_refine_ls_shell.number_reflns_R_work 
_refine_ls_shell.percent_reflns_obs 
_refine_ls_shell.percent_reflns_R_free 
_refine_ls_shell.R_factor_all 
_refine_ls_shell.R_factor_obs 
_refine_ls_shell.R_factor_R_free 
_refine_ls_shell.R_factor_R_free_error 
_refine_ls_shell.R_factor_R_work 
_refine_ls_shell.redundancy_reflns_all 
_refine_ls_shell.redundancy_reflns_obs 
_refine_ls_shell.wR_factor_all 
_refine_ls_shell.wR_factor_obs 
_refine_ls_shell.wR_factor_R_free 
_refine_ls_shell.wR_factor_R_work 
_refine_ls_shell.pdbx_total_number_of_bins_used 
_refine_ls_shell.pdbx_phase_error 
'X-RAY DIFFRACTION' 1.9802 2.1043  . . 122 1113 87.00  . . . 0.3207 . 0.3034 . . . . . . . . 
'X-RAY DIFFRACTION' 2.1043 2.2667  . . 143 1282 100.00 . . . 0.3142 . 0.2413 . . . . . . . . 
'X-RAY DIFFRACTION' 2.2667 2.4948  . . 131 1305 100.00 . . . 0.2515 . 0.2122 . . . . . . . . 
'X-RAY DIFFRACTION' 2.4948 2.8558  . . 142 1301 100.00 . . . 0.2782 . 0.2094 . . . . . . . . 
'X-RAY DIFFRACTION' 2.8558 3.5977  . . 163 1289 100.00 . . . 0.2423 . 0.1956 . . . . . . . . 
'X-RAY DIFFRACTION' 3.5977 44.5284 . . 127 1404 100.00 . . . 0.1842 . 0.1626 . . . . . . . . 
# 
_struct.entry_id                     4WK1 
_struct.title                        'Crystal structure of Staphylococcus aureus PstA in complex with c-di-AMP' 
_struct.pdbx_model_details           ? 
_struct.pdbx_formula_weight          ? 
_struct.pdbx_formula_weight_method   ? 
_struct.pdbx_model_type_details      ? 
_struct.pdbx_CASP_flag               ? 
# 
_struct_keywords.entry_id        4WK1 
_struct_keywords.text            'PII, signaling protein' 
_struct_keywords.pdbx_keywords   'SIGNALING PROTEIN' 
# 
loop_
_struct_asym.id 
_struct_asym.pdbx_blank_PDB_chainid_flag 
_struct_asym.pdbx_modified 
_struct_asym.entity_id 
_struct_asym.details 
A N N 1 ? 
B N N 2 ? 
C N N 3 ? 
D N N 4 ? 
# 
_struct_ref.id                         1 
_struct_ref.db_name                    UNP 
_struct_ref.db_code                    Q5HIJ4_STAAC 
_struct_ref.pdbx_db_accession          Q5HIJ4 
_struct_ref.pdbx_db_isoform            ? 
_struct_ref.entity_id                  1 
_struct_ref.pdbx_seq_one_letter_code   
;MKMIIAIVQDQDSQELADQLVKNNFRATKLATTGGFLRAGNTTFLCGVNDDRVDEILSVINQTCGNREQLVSPITPMGGS
ADSYIPYPVEVEVGGATVFVMPVDAFHQF
;
_struct_ref.pdbx_align_begin           1 
# 
_struct_ref_seq.align_id                      1 
_struct_ref_seq.ref_id                        1 
_struct_ref_seq.pdbx_PDB_id_code              4WK1 
_struct_ref_seq.pdbx_strand_id                A 
_struct_ref_seq.seq_align_beg                 21 
_struct_ref_seq.pdbx_seq_align_beg_ins_code   ? 
_struct_ref_seq.seq_align_end                 129 
_struct_ref_seq.pdbx_seq_align_end_ins_code   ? 
_struct_ref_seq.pdbx_db_accession             Q5HIJ4 
_struct_ref_seq.db_align_beg                  1 
_struct_ref_seq.pdbx_db_align_beg_ins_code    ? 
_struct_ref_seq.db_align_end                  109 
_struct_ref_seq.pdbx_db_align_end_ins_code    ? 
_struct_ref_seq.pdbx_auth_seq_align_beg       1 
_struct_ref_seq.pdbx_auth_seq_align_end       109 
# 
loop_
_struct_ref_seq_dif.align_id 
_struct_ref_seq_dif.pdbx_pdb_id_code 
_struct_ref_seq_dif.mon_id 
_struct_ref_seq_dif.pdbx_pdb_strand_id 
_struct_ref_seq_dif.seq_num 
_struct_ref_seq_dif.pdbx_pdb_ins_code 
_struct_ref_seq_dif.pdbx_seq_db_name 
_struct_ref_seq_dif.pdbx_seq_db_accession_code 
_struct_ref_seq_dif.db_mon_id 
_struct_ref_seq_dif.pdbx_seq_db_seq_num 
_struct_ref_seq_dif.details 
_struct_ref_seq_dif.pdbx_auth_seq_num 
_struct_ref_seq_dif.pdbx_ordinal 
1 4WK1 MET A 1  ? UNP Q5HIJ4 ? ? 'initiating methionine' -19 1  
1 4WK1 GLY A 2  ? UNP Q5HIJ4 ? ? 'expression tag'        -18 2  
1 4WK1 SER A 3  ? UNP Q5HIJ4 ? ? 'expression tag'        -17 3  
1 4WK1 SER A 4  ? UNP Q5HIJ4 ? ? 'expression tag'        -16 4  
1 4WK1 HIS A 5  ? UNP Q5HIJ4 ? ? 'expression tag'        -15 5  
1 4WK1 HIS A 6  ? UNP Q5HIJ4 ? ? 'expression tag'        -14 6  
1 4WK1 HIS A 7  ? UNP Q5HIJ4 ? ? 'expression tag'        -13 7  
1 4WK1 HIS A 8  ? UNP Q5HIJ4 ? ? 'expression tag'        -12 8  
1 4WK1 HIS A 9  ? UNP Q5HIJ4 ? ? 'expression tag'        -11 9  
1 4WK1 HIS A 10 ? UNP Q5HIJ4 ? ? 'expression tag'        -10 10 
1 4WK1 SER A 11 ? UNP Q5HIJ4 ? ? 'expression tag'        -9  11 
1 4WK1 SER A 12 ? UNP Q5HIJ4 ? ? 'expression tag'        -8  12 
1 4WK1 GLY A 13 ? UNP Q5HIJ4 ? ? 'expression tag'        -7  13 
1 4WK1 LEU A 14 ? UNP Q5HIJ4 ? ? 'expression tag'        -6  14 
1 4WK1 VAL A 15 ? UNP Q5HIJ4 ? ? 'expression tag'        -5  15 
1 4WK1 PRO A 16 ? UNP Q5HIJ4 ? ? 'expression tag'        -4  16 
1 4WK1 ARG A 17 ? UNP Q5HIJ4 ? ? 'expression tag'        -3  17 
1 4WK1 GLY A 18 ? UNP Q5HIJ4 ? ? 'expression tag'        -2  18 
1 4WK1 SER A 19 ? UNP Q5HIJ4 ? ? 'expression tag'        -1  19 
1 4WK1 HIS A 20 ? UNP Q5HIJ4 ? ? 'expression tag'        0   20 
# 
_pdbx_struct_assembly.id                   1 
_pdbx_struct_assembly.details              author_and_software_defined_assembly 
_pdbx_struct_assembly.method_details       PISA 
_pdbx_struct_assembly.oligomeric_details   trimeric 
_pdbx_struct_assembly.oligomeric_count     3 
# 
loop_
_pdbx_struct_assembly_prop.biol_id 
_pdbx_struct_assembly_prop.type 
_pdbx_struct_assembly_prop.value 
_pdbx_struct_assembly_prop.details 
1 'ABSA (A^2)' 6820  ? 
1 MORE         -38   ? 
1 'SSA (A^2)'  13190 ? 
# 
_pdbx_struct_assembly_gen.assembly_id       1 
_pdbx_struct_assembly_gen.oper_expression   1,2,3 
_pdbx_struct_assembly_gen.asym_id_list      A,B,C,D 
# 
loop_
_pdbx_struct_oper_list.id 
_pdbx_struct_oper_list.type 
_pdbx_struct_oper_list.name 
_pdbx_struct_oper_list.symmetry_operation 
_pdbx_struct_oper_list.matrix[1][1] 
_pdbx_struct_oper_list.matrix[1][2] 
_pdbx_struct_oper_list.matrix[1][3] 
_pdbx_struct_oper_list.vector[1] 
_pdbx_struct_oper_list.matrix[2][1] 
_pdbx_struct_oper_list.matrix[2][2] 
_pdbx_struct_oper_list.matrix[2][3] 
_pdbx_struct_oper_list.vector[2] 
_pdbx_struct_oper_list.matrix[3][1] 
_pdbx_struct_oper_list.matrix[3][2] 
_pdbx_struct_oper_list.matrix[3][3] 
_pdbx_struct_oper_list.vector[3] 
1 'identity operation'         1_555 x,y,z        1.0000000000  0.0000000000 0.0000000000  0.0000000000  0.0000000000 1.0000000000 0.0000000000  0.0000000000   0.0000000000  0.0000000000  1.0000000000  0.0000000000  
2 'crystal symmetry operation' 2_445 -y-1,x-y-1,z -0.0695159284 0.8806956015 -0.4685539385 14.7768369262 0.4014482319 0.4546769077 0.7950523421  -11.5855437155 0.9132397565  -0.1328313485 -0.3851609794 4.7942783258  
3 'crystal symmetry operation' 3_545 -x+y,-x-1,z  -0.0695159284 0.4014482319 0.9132397565  1.2998960073  0.8806956015 0.4546769077 -0.1328313485 -7.1093856382  -0.4685539385 0.7950523421  -0.3851609794 17.9814277411 
# 
loop_
_struct_conf.conf_type_id 
_struct_conf.id 
_struct_conf.pdbx_PDB_helix_id 
_struct_conf.beg_label_comp_id 
_struct_conf.beg_label_asym_id 
_struct_conf.beg_label_seq_id 
_struct_conf.pdbx_beg_PDB_ins_code 
_struct_conf.end_label_comp_id 
_struct_conf.end_label_asym_id 
_struct_conf.end_label_seq_id 
_struct_conf.pdbx_end_PDB_ins_code 
_struct_conf.beg_auth_comp_id 
_struct_conf.beg_auth_asym_id 
_struct_conf.beg_auth_seq_id 
_struct_conf.end_auth_comp_id 
_struct_conf.end_auth_asym_id 
_struct_conf.end_auth_seq_id 
_struct_conf.pdbx_PDB_helix_class 
_struct_conf.details 
_struct_conf.pdbx_PDB_helix_length 
HELX_P HELX_P1 AA1 GLN A 29 ? ASN A 43 ? GLN A 9  ASN A 23 1 ? 15 
HELX_P HELX_P2 AA2 ARG A 72 ? CYS A 84 ? ARG A 52 CYS A 64 1 ? 13 
# 
_struct_conf_type.id          HELX_P 
_struct_conf_type.criteria    ? 
_struct_conf_type.reference   ? 
# 
loop_
_struct_conn.id 
_struct_conn.conn_type_id 
_struct_conn.pdbx_leaving_atom_flag 
_struct_conn.pdbx_PDB_id 
_struct_conn.ptnr1_label_asym_id 
_struct_conn.ptnr1_label_comp_id 
_struct_conn.ptnr1_label_seq_id 
_struct_conn.ptnr1_label_atom_id 
_struct_conn.pdbx_ptnr1_label_alt_id 
_struct_conn.pdbx_ptnr1_PDB_ins_code 
_struct_conn.pdbx_ptnr1_standard_comp_id 
_struct_conn.ptnr1_symmetry 
_struct_conn.ptnr2_label_asym_id 
_struct_conn.ptnr2_label_comp_id 
_struct_conn.ptnr2_label_seq_id 
_struct_conn.ptnr2_label_atom_id 
_struct_conn.pdbx_ptnr2_label_alt_id 
_struct_conn.pdbx_ptnr2_PDB_ins_code 
_struct_conn.ptnr1_auth_asym_id 
_struct_conn.ptnr1_auth_comp_id 
_struct_conn.ptnr1_auth_seq_id 
_struct_conn.ptnr2_auth_asym_id 
_struct_conn.ptnr2_auth_comp_id 
_struct_conn.ptnr2_auth_seq_id 
_struct_conn.ptnr2_symmetry 
_struct_conn.pdbx_ptnr3_label_atom_id 
_struct_conn.pdbx_ptnr3_label_seq_id 
_struct_conn.pdbx_ptnr3_label_comp_id 
_struct_conn.pdbx_ptnr3_label_asym_id 
_struct_conn.pdbx_ptnr3_label_alt_id 
_struct_conn.pdbx_ptnr3_PDB_ins_code 
_struct_conn.details 
_struct_conn.pdbx_dist_value 
_struct_conn.pdbx_value_order 
_struct_conn.pdbx_role 
metalc1 metalc ? ? A GLN 31 O   ? ? ? 1_555 C CA  . CA ? ? A GLN 11  A CA  202 1_555  ? ? ? ? ? ? ? 2.204 ? ? 
metalc2 metalc ? ? A GLN 31 O   ? ? ? 1_555 C CA  . CA ? ? A GLN 11  A CA  202 11_445 ? ? ? ? ? ? ? 2.205 ? ? 
metalc3 metalc ? ? A GLU 35 OE1 ? ? ? 1_555 C CA  . CA ? ? A GLU 15  A CA  202 1_555  ? ? ? ? ? ? ? 2.398 ? ? 
metalc4 metalc ? ? A GLU 35 OE2 ? ? ? 1_555 C CA  . CA ? ? A GLU 15  A CA  202 1_555  ? ? ? ? ? ? ? 2.609 ? ? 
metalc5 metalc ? ? A GLU 35 OE1 ? ? ? 1_555 C CA  . CA ? ? A GLU 15  A CA  202 11_445 ? ? ? ? ? ? ? 2.398 ? ? 
metalc6 metalc ? ? A GLU 35 OE2 ? ? ? 1_555 C CA  . CA ? ? A GLU 15  A CA  202 11_445 ? ? ? ? ? ? ? 2.609 ? ? 
metalc7 metalc ? ? C CA  .  CA  ? ? ? 1_555 D HOH . O  ? ? A CA  202 A HOH 302 1_555  ? ? ? ? ? ? ? 2.668 ? ? 
metalc8 metalc ? ? C CA  .  CA  ? ? ? 1_555 D HOH . O  ? ? A CA  202 A HOH 302 11_445 ? ? ? ? ? ? ? 2.668 ? ? 
# 
_struct_conn_type.id          metalc 
_struct_conn_type.criteria    ? 
_struct_conn_type.reference   ? 
# 
loop_
_pdbx_struct_conn_angle.id 
_pdbx_struct_conn_angle.ptnr1_label_atom_id 
_pdbx_struct_conn_angle.ptnr1_label_alt_id 
_pdbx_struct_conn_angle.ptnr1_label_asym_id 
_pdbx_struct_conn_angle.ptnr1_label_comp_id 
_pdbx_struct_conn_angle.ptnr1_label_seq_id 
_pdbx_struct_conn_angle.ptnr1_auth_atom_id 
_pdbx_struct_conn_angle.ptnr1_auth_asym_id 
_pdbx_struct_conn_angle.ptnr1_auth_comp_id 
_pdbx_struct_conn_angle.ptnr1_auth_seq_id 
_pdbx_struct_conn_angle.ptnr1_PDB_ins_code 
_pdbx_struct_conn_angle.ptnr1_symmetry 
_pdbx_struct_conn_angle.ptnr2_label_atom_id 
_pdbx_struct_conn_angle.ptnr2_label_alt_id 
_pdbx_struct_conn_angle.ptnr2_label_asym_id 
_pdbx_struct_conn_angle.ptnr2_label_comp_id 
_pdbx_struct_conn_angle.ptnr2_label_seq_id 
_pdbx_struct_conn_angle.ptnr2_auth_atom_id 
_pdbx_struct_conn_angle.ptnr2_auth_asym_id 
_pdbx_struct_conn_angle.ptnr2_auth_comp_id 
_pdbx_struct_conn_angle.ptnr2_auth_seq_id 
_pdbx_struct_conn_angle.ptnr2_PDB_ins_code 
_pdbx_struct_conn_angle.ptnr2_symmetry 
_pdbx_struct_conn_angle.ptnr3_label_atom_id 
_pdbx_struct_conn_angle.ptnr3_label_alt_id 
_pdbx_struct_conn_angle.ptnr3_label_asym_id 
_pdbx_struct_conn_angle.ptnr3_label_comp_id 
_pdbx_struct_conn_angle.ptnr3_label_seq_id 
_pdbx_struct_conn_angle.ptnr3_auth_atom_id 
_pdbx_struct_conn_angle.ptnr3_auth_asym_id 
_pdbx_struct_conn_angle.ptnr3_auth_comp_id 
_pdbx_struct_conn_angle.ptnr3_auth_seq_id 
_pdbx_struct_conn_angle.ptnr3_PDB_ins_code 
_pdbx_struct_conn_angle.ptnr3_symmetry 
_pdbx_struct_conn_angle.value 
_pdbx_struct_conn_angle.value_esd 
1  O   ? A GLN 31 ? A GLN 11  ? 1_555 CA ? C CA . ? A CA 202 ? 1_555 O   ? A GLN 31 ? A GLN 11  ? 1_555  0.0   ? 
2  O   ? A GLN 31 ? A GLN 11  ? 1_555 CA ? C CA . ? A CA 202 ? 1_555 OE1 ? A GLU 35 ? A GLU 15  ? 1_555  129.8 ? 
3  O   ? A GLN 31 ? A GLN 11  ? 1_555 CA ? C CA . ? A CA 202 ? 1_555 OE1 ? A GLU 35 ? A GLU 15  ? 1_555  129.8 ? 
4  O   ? A GLN 31 ? A GLN 11  ? 1_555 CA ? C CA . ? A CA 202 ? 1_555 OE2 ? A GLU 35 ? A GLU 15  ? 1_555  81.0  ? 
5  O   ? A GLN 31 ? A GLN 11  ? 1_555 CA ? C CA . ? A CA 202 ? 1_555 OE2 ? A GLU 35 ? A GLU 15  ? 1_555  81.0  ? 
6  OE1 ? A GLU 35 ? A GLU 15  ? 1_555 CA ? C CA . ? A CA 202 ? 1_555 OE2 ? A GLU 35 ? A GLU 15  ? 1_555  52.3  ? 
7  O   ? A GLN 31 ? A GLN 11  ? 1_555 CA ? C CA . ? A CA 202 ? 1_555 OE1 ? A GLU 35 ? A GLU 15  ? 1_555  129.8 ? 
8  O   ? A GLN 31 ? A GLN 11  ? 1_555 CA ? C CA . ? A CA 202 ? 1_555 OE1 ? A GLU 35 ? A GLU 15  ? 1_555  129.8 ? 
9  OE1 ? A GLU 35 ? A GLU 15  ? 1_555 CA ? C CA . ? A CA 202 ? 1_555 OE1 ? A GLU 35 ? A GLU 15  ? 1_555  0.0   ? 
10 OE2 ? A GLU 35 ? A GLU 15  ? 1_555 CA ? C CA . ? A CA 202 ? 1_555 OE1 ? A GLU 35 ? A GLU 15  ? 1_555  52.3  ? 
11 O   ? A GLN 31 ? A GLN 11  ? 1_555 CA ? C CA . ? A CA 202 ? 1_555 OE2 ? A GLU 35 ? A GLU 15  ? 1_555  81.0  ? 
12 O   ? A GLN 31 ? A GLN 11  ? 1_555 CA ? C CA . ? A CA 202 ? 1_555 OE2 ? A GLU 35 ? A GLU 15  ? 1_555  81.0  ? 
13 OE1 ? A GLU 35 ? A GLU 15  ? 1_555 CA ? C CA . ? A CA 202 ? 1_555 OE2 ? A GLU 35 ? A GLU 15  ? 1_555  52.3  ? 
14 OE2 ? A GLU 35 ? A GLU 15  ? 1_555 CA ? C CA . ? A CA 202 ? 1_555 OE2 ? A GLU 35 ? A GLU 15  ? 1_555  0.0   ? 
15 OE1 ? A GLU 35 ? A GLU 15  ? 1_555 CA ? C CA . ? A CA 202 ? 1_555 OE2 ? A GLU 35 ? A GLU 15  ? 1_555  52.3  ? 
16 O   ? A GLN 31 ? A GLN 11  ? 1_555 CA ? C CA . ? A CA 202 ? 1_555 O   ? D HOH .  ? A HOH 302 ? 1_555  65.4  ? 
17 O   ? A GLN 31 ? A GLN 11  ? 1_555 CA ? C CA . ? A CA 202 ? 1_555 O   ? D HOH .  ? A HOH 302 ? 1_555  65.4  ? 
18 OE1 ? A GLU 35 ? A GLU 15  ? 1_555 CA ? C CA . ? A CA 202 ? 1_555 O   ? D HOH .  ? A HOH 302 ? 1_555  86.2  ? 
19 OE2 ? A GLU 35 ? A GLU 15  ? 1_555 CA ? C CA . ? A CA 202 ? 1_555 O   ? D HOH .  ? A HOH 302 ? 1_555  78.7  ? 
20 OE1 ? A GLU 35 ? A GLU 15  ? 1_555 CA ? C CA . ? A CA 202 ? 1_555 O   ? D HOH .  ? A HOH 302 ? 1_555  86.2  ? 
21 OE2 ? A GLU 35 ? A GLU 15  ? 1_555 CA ? C CA . ? A CA 202 ? 1_555 O   ? D HOH .  ? A HOH 302 ? 1_555  78.7  ? 
22 O   ? A GLN 31 ? A GLN 11  ? 1_555 CA ? C CA . ? A CA 202 ? 1_555 O   ? D HOH .  ? A HOH 302 ? 11_445 78.2  ? 
23 O   ? A GLN 31 ? A GLN 11  ? 1_555 CA ? C CA . ? A CA 202 ? 1_555 O   ? D HOH .  ? A HOH 302 ? 11_445 78.2  ? 
24 OE1 ? A GLU 35 ? A GLU 15  ? 1_555 CA ? C CA . ? A CA 202 ? 1_555 O   ? D HOH .  ? A HOH 302 ? 11_445 148.8 ? 
25 OE2 ? A GLU 35 ? A GLU 15  ? 1_555 CA ? C CA . ? A CA 202 ? 1_555 O   ? D HOH .  ? A HOH 302 ? 11_445 158.7 ? 
26 OE1 ? A GLU 35 ? A GLU 15  ? 1_555 CA ? C CA . ? A CA 202 ? 1_555 O   ? D HOH .  ? A HOH 302 ? 11_445 148.8 ? 
27 OE2 ? A GLU 35 ? A GLU 15  ? 1_555 CA ? C CA . ? A CA 202 ? 1_555 O   ? D HOH .  ? A HOH 302 ? 11_445 158.7 ? 
28 O   ? D HOH .  ? A HOH 302 ? 1_555 CA ? C CA . ? A CA 202 ? 1_555 O   ? D HOH .  ? A HOH 302 ? 11_445 96.7  ? 
# 
_struct_sheet.id               AA1 
_struct_sheet.type             ? 
_struct_sheet.number_strands   4 
_struct_sheet.details          ? 
# 
loop_
_struct_sheet_order.sheet_id 
_struct_sheet_order.range_id_1 
_struct_sheet_order.range_id_2 
_struct_sheet_order.offset 
_struct_sheet_order.sense 
AA1 1 2 ? anti-parallel 
AA1 2 3 ? anti-parallel 
AA1 3 4 ? anti-parallel 
# 
loop_
_struct_sheet_range.sheet_id 
_struct_sheet_range.id 
_struct_sheet_range.beg_label_comp_id 
_struct_sheet_range.beg_label_asym_id 
_struct_sheet_range.beg_label_seq_id 
_struct_sheet_range.pdbx_beg_PDB_ins_code 
_struct_sheet_range.end_label_comp_id 
_struct_sheet_range.end_label_asym_id 
_struct_sheet_range.end_label_seq_id 
_struct_sheet_range.pdbx_end_PDB_ins_code 
_struct_sheet_range.beg_auth_comp_id 
_struct_sheet_range.beg_auth_asym_id 
_struct_sheet_range.beg_auth_seq_id 
_struct_sheet_range.end_auth_comp_id 
_struct_sheet_range.end_auth_asym_id 
_struct_sheet_range.end_auth_seq_id 
AA1 1 THR A 48  ? THR A 53  ? THR A 28 THR A 33  
AA1 2 GLY A 60  ? ASN A 69  ? GLY A 40 ASN A 49  
AA1 3 MET A 21  ? VAL A 28  ? MET A 1  VAL A 8   
AA1 4 ALA A 116 ? PRO A 122 ? ALA A 96 PRO A 102 
# 
loop_
_pdbx_struct_sheet_hbond.sheet_id 
_pdbx_struct_sheet_hbond.range_id_1 
_pdbx_struct_sheet_hbond.range_id_2 
_pdbx_struct_sheet_hbond.range_1_label_atom_id 
_pdbx_struct_sheet_hbond.range_1_label_comp_id 
_pdbx_struct_sheet_hbond.range_1_label_asym_id 
_pdbx_struct_sheet_hbond.range_1_label_seq_id 
_pdbx_struct_sheet_hbond.range_1_PDB_ins_code 
_pdbx_struct_sheet_hbond.range_1_auth_atom_id 
_pdbx_struct_sheet_hbond.range_1_auth_comp_id 
_pdbx_struct_sheet_hbond.range_1_auth_asym_id 
_pdbx_struct_sheet_hbond.range_1_auth_seq_id 
_pdbx_struct_sheet_hbond.range_2_label_atom_id 
_pdbx_struct_sheet_hbond.range_2_label_comp_id 
_pdbx_struct_sheet_hbond.range_2_label_asym_id 
_pdbx_struct_sheet_hbond.range_2_label_seq_id 
_pdbx_struct_sheet_hbond.range_2_PDB_ins_code 
_pdbx_struct_sheet_hbond.range_2_auth_atom_id 
_pdbx_struct_sheet_hbond.range_2_auth_comp_id 
_pdbx_struct_sheet_hbond.range_2_auth_asym_id 
_pdbx_struct_sheet_hbond.range_2_auth_seq_id 
AA1 1 2 N THR A 48 ? N THR A 28 O LEU A 65  ? O LEU A 45  
AA1 2 3 O VAL A 68 ? O VAL A 48 N LYS A 22  ? N LYS A 2   
AA1 3 4 N MET A 23 ? N MET A 3  O MET A 121 ? O MET A 101 
# 
loop_
_struct_site.id 
_struct_site.pdbx_evidence_code 
_struct_site.pdbx_auth_asym_id 
_struct_site.pdbx_auth_comp_id 
_struct_site.pdbx_auth_seq_id 
_struct_site.pdbx_auth_ins_code 
_struct_site.pdbx_num_residues 
_struct_site.details 
AC1 Software A 2BA 201 ? 19 'binding site for residue 2BA A 201' 
AC2 Software A CA  202 ? 6  'binding site for residue CA A 202'  
# 
loop_
_struct_site_gen.id 
_struct_site_gen.site_id 
_struct_site_gen.pdbx_num_res 
_struct_site_gen.label_comp_id 
_struct_site_gen.label_asym_id 
_struct_site_gen.label_seq_id 
_struct_site_gen.pdbx_auth_ins_code 
_struct_site_gen.auth_comp_id 
_struct_site_gen.auth_asym_id 
_struct_site_gen.auth_seq_id 
_struct_site_gen.label_atom_id 
_struct_site_gen.label_alt_id 
_struct_site_gen.symmetry 
_struct_site_gen.details 
1  AC1 19 ARG A 17  ? ARG A -3  . ? 5_545  ? 
2  AC1 19 GLY A 18  ? GLY A -2  . ? 5_545  ? 
3  AC1 19 ILE A 27  ? ILE A 7   . ? 1_555  ? 
4  AC1 19 ARG A 46  ? ARG A 26  . ? 3_545  ? 
5  AC1 19 ALA A 47  ? ALA A 27  . ? 3_545  ? 
6  AC1 19 THR A 48  ? THR A 28  . ? 3_545  ? 
7  AC1 19 GLY A 54  ? GLY A 34  . ? 1_555  ? 
8  AC1 19 GLY A 55  ? GLY A 35  . ? 1_555  ? 
9  AC1 19 PHE A 56  ? PHE A 36  . ? 1_555  ? 
10 AC1 19 LEU A 57  ? LEU A 37  . ? 1_555  ? 
11 AC1 19 ASN A 61  ? ASN A 41  . ? 1_555  ? 
12 AC1 19 LEU A 65  ? LEU A 45  . ? 3_545  ? 
13 AC1 19 GLY A 67  ? GLY A 47  . ? 3_545  ? 
14 AC1 19 THR A 117 ? THR A 97  . ? 1_555  ? 
15 AC1 19 PHE A 119 ? PHE A 99  . ? 1_555  ? 
16 AC1 19 GLN A 128 ? GLN A 108 . ? 3_545  ? 
17 AC1 19 HOH D .   ? HOH A 307 . ? 1_555  ? 
18 AC1 19 HOH D .   ? HOH A 312 . ? 1_555  ? 
19 AC1 19 HOH D .   ? HOH A 309 . ? 1_555  ? 
20 AC2 6  GLN A 31  ? GLN A 11  . ? 1_555  ? 
21 AC2 6  GLN A 31  ? GLN A 11  . ? 11_445 ? 
22 AC2 6  GLU A 35  ? GLU A 15  . ? 1_555  ? 
23 AC2 6  GLU A 35  ? GLU A 15  . ? 11_445 ? 
24 AC2 6  HOH D .   ? HOH A 302 . ? 11_445 ? 
25 AC2 6  HOH D .   ? HOH A 302 . ? 1_555  ? 
# 
loop_
_pdbx_struct_special_symmetry.id 
_pdbx_struct_special_symmetry.PDB_model_num 
_pdbx_struct_special_symmetry.auth_asym_id 
_pdbx_struct_special_symmetry.auth_comp_id 
_pdbx_struct_special_symmetry.auth_seq_id 
_pdbx_struct_special_symmetry.PDB_ins_code 
_pdbx_struct_special_symmetry.label_asym_id 
_pdbx_struct_special_symmetry.label_comp_id 
_pdbx_struct_special_symmetry.label_seq_id 
1 1 A CA  202 ? C CA  . 
2 1 A HOH 321 ? D HOH . 
# 
_pdbx_refine_tls.id               1 
_pdbx_refine_tls.pdbx_refine_id   'X-RAY DIFFRACTION' 
_pdbx_refine_tls.details          ? 
_pdbx_refine_tls.method           refined 
_pdbx_refine_tls.origin_x         -0.3859 
_pdbx_refine_tls.origin_y         0.0207 
_pdbx_refine_tls.origin_z         0.6830 
_pdbx_refine_tls.T[1][1]          0.3062 
_pdbx_refine_tls.T[1][1]_esd      ? 
_pdbx_refine_tls.T[1][2]          0.0017 
_pdbx_refine_tls.T[1][2]_esd      ? 
_pdbx_refine_tls.T[1][3]          -0.0667 
_pdbx_refine_tls.T[1][3]_esd      ? 
_pdbx_refine_tls.T[2][2]          0.3800 
_pdbx_refine_tls.T[2][2]_esd      ? 
_pdbx_refine_tls.T[2][3]          -0.0066 
_pdbx_refine_tls.T[2][3]_esd      ? 
_pdbx_refine_tls.T[3][3]          0.3012 
_pdbx_refine_tls.T[3][3]_esd      ? 
_pdbx_refine_tls.L[1][1]          2.6210 
_pdbx_refine_tls.L[1][1]_esd      ? 
_pdbx_refine_tls.L[1][2]          -0.0789 
_pdbx_refine_tls.L[1][2]_esd      ? 
_pdbx_refine_tls.L[1][3]          -0.6841 
_pdbx_refine_tls.L[1][3]_esd      ? 
_pdbx_refine_tls.L[2][2]          3.8482 
_pdbx_refine_tls.L[2][2]_esd      ? 
_pdbx_refine_tls.L[2][3]          -0.1478 
_pdbx_refine_tls.L[2][3]_esd      ? 
_pdbx_refine_tls.L[3][3]          4.5043 
_pdbx_refine_tls.L[3][3]_esd      ? 
_pdbx_refine_tls.S[1][1]          0.0046 
_pdbx_refine_tls.S[1][1]_esd      ? 
_pdbx_refine_tls.S[1][2]          0.6135 
_pdbx_refine_tls.S[1][2]_esd      ? 
_pdbx_refine_tls.S[1][3]          0.0859 
_pdbx_refine_tls.S[1][3]_esd      ? 
_pdbx_refine_tls.S[2][1]          -0.3754 
_pdbx_refine_tls.S[2][1]_esd      ? 
_pdbx_refine_tls.S[2][2]          0.0155 
_pdbx_refine_tls.S[2][2]_esd      ? 
_pdbx_refine_tls.S[2][3]          0.3712 
_pdbx_refine_tls.S[2][3]_esd      ? 
_pdbx_refine_tls.S[3][1]          -0.1660 
_pdbx_refine_tls.S[3][1]_esd      ? 
_pdbx_refine_tls.S[3][2]          -0.5435 
_pdbx_refine_tls.S[3][2]_esd      ? 
_pdbx_refine_tls.S[3][3]          -0.0269 
_pdbx_refine_tls.S[3][3]_esd      ? 
# 
_pdbx_refine_tls_group.id                  1 
_pdbx_refine_tls_group.pdbx_refine_id      'X-RAY DIFFRACTION' 
_pdbx_refine_tls_group.refine_tls_id       1 
_pdbx_refine_tls_group.beg_label_asym_id   ? 
_pdbx_refine_tls_group.beg_label_seq_id    ? 
_pdbx_refine_tls_group.beg_auth_asym_id    ? 
_pdbx_refine_tls_group.beg_auth_seq_id     ? 
_pdbx_refine_tls_group.end_label_asym_id   ? 
_pdbx_refine_tls_group.end_label_seq_id    ? 
_pdbx_refine_tls_group.end_auth_asym_id    ? 
_pdbx_refine_tls_group.end_auth_seq_id     ? 
_pdbx_refine_tls_group.selection           ? 
_pdbx_refine_tls_group.selection_details   all 
# 
loop_
_pdbx_unobs_or_zero_occ_residues.id 
_pdbx_unobs_or_zero_occ_residues.PDB_model_num 
_pdbx_unobs_or_zero_occ_residues.polymer_flag 
_pdbx_unobs_or_zero_occ_residues.occupancy_flag 
_pdbx_unobs_or_zero_occ_residues.auth_asym_id 
_pdbx_unobs_or_zero_occ_residues.auth_comp_id 
_pdbx_unobs_or_zero_occ_residues.auth_seq_id 
_pdbx_unobs_or_zero_occ_residues.PDB_ins_code 
_pdbx_unobs_or_zero_occ_residues.label_asym_id 
_pdbx_unobs_or_zero_occ_residues.label_comp_id 
_pdbx_unobs_or_zero_occ_residues.label_seq_id 
1  1 Y 1 A MET -19 ? A MET 1   
2  1 Y 1 A GLY -18 ? A GLY 2   
3  1 Y 1 A SER -17 ? A SER 3   
4  1 Y 1 A SER -16 ? A SER 4   
5  1 Y 1 A HIS -15 ? A HIS 5   
6  1 Y 1 A HIS -14 ? A HIS 6   
7  1 Y 1 A HIS -13 ? A HIS 7   
8  1 Y 1 A HIS -12 ? A HIS 8   
9  1 Y 1 A HIS -11 ? A HIS 9   
10 1 Y 1 A HIS -10 ? A HIS 10  
11 1 Y 1 A SER -9  ? A SER 11  
12 1 Y 1 A SER -8  ? A SER 12  
13 1 Y 1 A ARG 67  ? A ARG 87  
14 1 Y 1 A GLU 68  ? A GLU 88  
15 1 Y 1 A GLN 69  ? A GLN 89  
16 1 Y 1 A LEU 70  ? A LEU 90  
17 1 Y 1 A VAL 71  ? A VAL 91  
18 1 Y 1 A SER 72  ? A SER 92  
19 1 Y 1 A PRO 73  ? A PRO 93  
20 1 Y 1 A ILE 74  ? A ILE 94  
21 1 Y 1 A THR 75  ? A THR 95  
22 1 Y 1 A PRO 76  ? A PRO 96  
23 1 Y 1 A MET 77  ? A MET 97  
24 1 Y 1 A GLY 78  ? A GLY 98  
25 1 Y 1 A GLY 79  ? A GLY 99  
26 1 Y 1 A SER 80  ? A SER 100 
27 1 Y 1 A ALA 81  ? A ALA 101 
28 1 Y 1 A ASP 82  ? A ASP 102 
29 1 Y 1 A SER 83  ? A SER 103 
30 1 Y 1 A TYR 84  ? A TYR 104 
31 1 Y 1 A ILE 85  ? A ILE 105 
32 1 Y 1 A PRO 86  ? A PRO 106 
33 1 Y 1 A TYR 87  ? A TYR 107 
34 1 Y 1 A PRO 88  ? A PRO 108 
35 1 Y 1 A VAL 89  ? A VAL 109 
36 1 Y 1 A GLU 90  ? A GLU 110 
37 1 Y 1 A VAL 91  ? A VAL 111 
# 
loop_
_chem_comp_atom.comp_id 
_chem_comp_atom.atom_id 
_chem_comp_atom.type_symbol 
_chem_comp_atom.pdbx_aromatic_flag 
_chem_comp_atom.pdbx_stereo_config 
_chem_comp_atom.pdbx_ordinal 
2BA P      P  N R 1   
2BA O1P    O  N N 2   
2BA O2P    O  N N 3   
2BA "O5'"  O  N N 4   
2BA "C5'"  C  N N 5   
2BA "C4'"  C  N R 6   
2BA "O4'"  O  N N 7   
2BA "C3'"  C  N S 8   
2BA "O3'"  O  N N 9   
2BA "C2'"  C  N R 10  
2BA "O2'"  O  N N 11  
2BA "C1'"  C  N R 12  
2BA N9     N  Y N 13  
2BA C8     C  Y N 14  
2BA N7     N  Y N 15  
2BA C5     C  Y N 16  
2BA C6     C  Y N 17  
2BA N6     N  N N 18  
2BA N1     N  Y N 19  
2BA C2     C  Y N 20  
2BA N3     N  Y N 21  
2BA C4     C  Y N 22  
2BA P1     P  N R 23  
2BA O1P1   O  N N 24  
2BA O2P1   O  N N 25  
2BA "O5'1" O  N N 26  
2BA "C5'1" C  N N 27  
2BA "C4'1" C  N R 28  
2BA "O4'1" O  N N 29  
2BA "C3'1" C  N S 30  
2BA "O3'1" O  N N 31  
2BA "C2'1" C  N R 32  
2BA "O2'1" O  N N 33  
2BA "C1'1" C  N R 34  
2BA N91    N  Y N 35  
2BA C81    C  Y N 36  
2BA N71    N  Y N 37  
2BA C51    C  Y N 38  
2BA C61    C  Y N 39  
2BA N61    N  N N 40  
2BA N11    N  Y N 41  
2BA C21    C  Y N 42  
2BA N31    N  Y N 43  
2BA C41    C  Y N 44  
2BA "H5'"  H  N N 45  
2BA "H5'A" H  N N 46  
2BA "H4'"  H  N N 47  
2BA "H3'"  H  N N 48  
2BA "H2'"  H  N N 49  
2BA "HO2'" H  N N 50  
2BA "H1'"  H  N N 51  
2BA H8     H  N N 52  
2BA HN6    H  N N 53  
2BA HN6A   H  N N 54  
2BA H2     H  N N 55  
2BA "HC5'" H  N N 56  
2BA HC5A   H  N N 57  
2BA "HC4'" H  N N 58  
2BA "HC3'" H  N N 59  
2BA "HC2'" H  N N 60  
2BA HO2A   H  N N 61  
2BA "HC1'" H  N N 62  
2BA HC8    H  N N 63  
2BA H1N6   H  N N 64  
2BA H1NA   H  N N 65  
2BA HC2    H  N N 66  
2BA H2P    H  N N 67  
2BA H2OP   H  N N 68  
ALA N      N  N N 69  
ALA CA     C  N S 70  
ALA C      C  N N 71  
ALA O      O  N N 72  
ALA CB     C  N N 73  
ALA OXT    O  N N 74  
ALA H      H  N N 75  
ALA H2     H  N N 76  
ALA HA     H  N N 77  
ALA HB1    H  N N 78  
ALA HB2    H  N N 79  
ALA HB3    H  N N 80  
ALA HXT    H  N N 81  
ARG N      N  N N 82  
ARG CA     C  N S 83  
ARG C      C  N N 84  
ARG O      O  N N 85  
ARG CB     C  N N 86  
ARG CG     C  N N 87  
ARG CD     C  N N 88  
ARG NE     N  N N 89  
ARG CZ     C  N N 90  
ARG NH1    N  N N 91  
ARG NH2    N  N N 92  
ARG OXT    O  N N 93  
ARG H      H  N N 94  
ARG H2     H  N N 95  
ARG HA     H  N N 96  
ARG HB2    H  N N 97  
ARG HB3    H  N N 98  
ARG HG2    H  N N 99  
ARG HG3    H  N N 100 
ARG HD2    H  N N 101 
ARG HD3    H  N N 102 
ARG HE     H  N N 103 
ARG HH11   H  N N 104 
ARG HH12   H  N N 105 
ARG HH21   H  N N 106 
ARG HH22   H  N N 107 
ARG HXT    H  N N 108 
ASN N      N  N N 109 
ASN CA     C  N S 110 
ASN C      C  N N 111 
ASN O      O  N N 112 
ASN CB     C  N N 113 
ASN CG     C  N N 114 
ASN OD1    O  N N 115 
ASN ND2    N  N N 116 
ASN OXT    O  N N 117 
ASN H      H  N N 118 
ASN H2     H  N N 119 
ASN HA     H  N N 120 
ASN HB2    H  N N 121 
ASN HB3    H  N N 122 
ASN HD21   H  N N 123 
ASN HD22   H  N N 124 
ASN HXT    H  N N 125 
ASP N      N  N N 126 
ASP CA     C  N S 127 
ASP C      C  N N 128 
ASP O      O  N N 129 
ASP CB     C  N N 130 
ASP CG     C  N N 131 
ASP OD1    O  N N 132 
ASP OD2    O  N N 133 
ASP OXT    O  N N 134 
ASP H      H  N N 135 
ASP H2     H  N N 136 
ASP HA     H  N N 137 
ASP HB2    H  N N 138 
ASP HB3    H  N N 139 
ASP HD2    H  N N 140 
ASP HXT    H  N N 141 
CA  CA     CA N N 142 
CYS N      N  N N 143 
CYS CA     C  N R 144 
CYS C      C  N N 145 
CYS O      O  N N 146 
CYS CB     C  N N 147 
CYS SG     S  N N 148 
CYS OXT    O  N N 149 
CYS H      H  N N 150 
CYS H2     H  N N 151 
CYS HA     H  N N 152 
CYS HB2    H  N N 153 
CYS HB3    H  N N 154 
CYS HG     H  N N 155 
CYS HXT    H  N N 156 
GLN N      N  N N 157 
GLN CA     C  N S 158 
GLN C      C  N N 159 
GLN O      O  N N 160 
GLN CB     C  N N 161 
GLN CG     C  N N 162 
GLN CD     C  N N 163 
GLN OE1    O  N N 164 
GLN NE2    N  N N 165 
GLN OXT    O  N N 166 
GLN H      H  N N 167 
GLN H2     H  N N 168 
GLN HA     H  N N 169 
GLN HB2    H  N N 170 
GLN HB3    H  N N 171 
GLN HG2    H  N N 172 
GLN HG3    H  N N 173 
GLN HE21   H  N N 174 
GLN HE22   H  N N 175 
GLN HXT    H  N N 176 
GLU N      N  N N 177 
GLU CA     C  N S 178 
GLU C      C  N N 179 
GLU O      O  N N 180 
GLU CB     C  N N 181 
GLU CG     C  N N 182 
GLU CD     C  N N 183 
GLU OE1    O  N N 184 
GLU OE2    O  N N 185 
GLU OXT    O  N N 186 
GLU H      H  N N 187 
GLU H2     H  N N 188 
GLU HA     H  N N 189 
GLU HB2    H  N N 190 
GLU HB3    H  N N 191 
GLU HG2    H  N N 192 
GLU HG3    H  N N 193 
GLU HE2    H  N N 194 
GLU HXT    H  N N 195 
GLY N      N  N N 196 
GLY CA     C  N N 197 
GLY C      C  N N 198 
GLY O      O  N N 199 
GLY OXT    O  N N 200 
GLY H      H  N N 201 
GLY H2     H  N N 202 
GLY HA2    H  N N 203 
GLY HA3    H  N N 204 
GLY HXT    H  N N 205 
HIS N      N  N N 206 
HIS CA     C  N S 207 
HIS C      C  N N 208 
HIS O      O  N N 209 
HIS CB     C  N N 210 
HIS CG     C  Y N 211 
HIS ND1    N  Y N 212 
HIS CD2    C  Y N 213 
HIS CE1    C  Y N 214 
HIS NE2    N  Y N 215 
HIS OXT    O  N N 216 
HIS H      H  N N 217 
HIS H2     H  N N 218 
HIS HA     H  N N 219 
HIS HB2    H  N N 220 
HIS HB3    H  N N 221 
HIS HD1    H  N N 222 
HIS HD2    H  N N 223 
HIS HE1    H  N N 224 
HIS HE2    H  N N 225 
HIS HXT    H  N N 226 
HOH O      O  N N 227 
HOH H1     H  N N 228 
HOH H2     H  N N 229 
ILE N      N  N N 230 
ILE CA     C  N S 231 
ILE C      C  N N 232 
ILE O      O  N N 233 
ILE CB     C  N S 234 
ILE CG1    C  N N 235 
ILE CG2    C  N N 236 
ILE CD1    C  N N 237 
ILE OXT    O  N N 238 
ILE H      H  N N 239 
ILE H2     H  N N 240 
ILE HA     H  N N 241 
ILE HB     H  N N 242 
ILE HG12   H  N N 243 
ILE HG13   H  N N 244 
ILE HG21   H  N N 245 
ILE HG22   H  N N 246 
ILE HG23   H  N N 247 
ILE HD11   H  N N 248 
ILE HD12   H  N N 249 
ILE HD13   H  N N 250 
ILE HXT    H  N N 251 
LEU N      N  N N 252 
LEU CA     C  N S 253 
LEU C      C  N N 254 
LEU O      O  N N 255 
LEU CB     C  N N 256 
LEU CG     C  N N 257 
LEU CD1    C  N N 258 
LEU CD2    C  N N 259 
LEU OXT    O  N N 260 
LEU H      H  N N 261 
LEU H2     H  N N 262 
LEU HA     H  N N 263 
LEU HB2    H  N N 264 
LEU HB3    H  N N 265 
LEU HG     H  N N 266 
LEU HD11   H  N N 267 
LEU HD12   H  N N 268 
LEU HD13   H  N N 269 
LEU HD21   H  N N 270 
LEU HD22   H  N N 271 
LEU HD23   H  N N 272 
LEU HXT    H  N N 273 
LYS N      N  N N 274 
LYS CA     C  N S 275 
LYS C      C  N N 276 
LYS O      O  N N 277 
LYS CB     C  N N 278 
LYS CG     C  N N 279 
LYS CD     C  N N 280 
LYS CE     C  N N 281 
LYS NZ     N  N N 282 
LYS OXT    O  N N 283 
LYS H      H  N N 284 
LYS H2     H  N N 285 
LYS HA     H  N N 286 
LYS HB2    H  N N 287 
LYS HB3    H  N N 288 
LYS HG2    H  N N 289 
LYS HG3    H  N N 290 
LYS HD2    H  N N 291 
LYS HD3    H  N N 292 
LYS HE2    H  N N 293 
LYS HE3    H  N N 294 
LYS HZ1    H  N N 295 
LYS HZ2    H  N N 296 
LYS HZ3    H  N N 297 
LYS HXT    H  N N 298 
MET N      N  N N 299 
MET CA     C  N S 300 
MET C      C  N N 301 
MET O      O  N N 302 
MET CB     C  N N 303 
MET CG     C  N N 304 
MET SD     S  N N 305 
MET CE     C  N N 306 
MET OXT    O  N N 307 
MET H      H  N N 308 
MET H2     H  N N 309 
MET HA     H  N N 310 
MET HB2    H  N N 311 
MET HB3    H  N N 312 
MET HG2    H  N N 313 
MET HG3    H  N N 314 
MET HE1    H  N N 315 
MET HE2    H  N N 316 
MET HE3    H  N N 317 
MET HXT    H  N N 318 
PHE N      N  N N 319 
PHE CA     C  N S 320 
PHE C      C  N N 321 
PHE O      O  N N 322 
PHE CB     C  N N 323 
PHE CG     C  Y N 324 
PHE CD1    C  Y N 325 
PHE CD2    C  Y N 326 
PHE CE1    C  Y N 327 
PHE CE2    C  Y N 328 
PHE CZ     C  Y N 329 
PHE OXT    O  N N 330 
PHE H      H  N N 331 
PHE H2     H  N N 332 
PHE HA     H  N N 333 
PHE HB2    H  N N 334 
PHE HB3    H  N N 335 
PHE HD1    H  N N 336 
PHE HD2    H  N N 337 
PHE HE1    H  N N 338 
PHE HE2    H  N N 339 
PHE HZ     H  N N 340 
PHE HXT    H  N N 341 
PRO N      N  N N 342 
PRO CA     C  N S 343 
PRO C      C  N N 344 
PRO O      O  N N 345 
PRO CB     C  N N 346 
PRO CG     C  N N 347 
PRO CD     C  N N 348 
PRO OXT    O  N N 349 
PRO H      H  N N 350 
PRO HA     H  N N 351 
PRO HB2    H  N N 352 
PRO HB3    H  N N 353 
PRO HG2    H  N N 354 
PRO HG3    H  N N 355 
PRO HD2    H  N N 356 
PRO HD3    H  N N 357 
PRO HXT    H  N N 358 
SER N      N  N N 359 
SER CA     C  N S 360 
SER C      C  N N 361 
SER O      O  N N 362 
SER CB     C  N N 363 
SER OG     O  N N 364 
SER OXT    O  N N 365 
SER H      H  N N 366 
SER H2     H  N N 367 
SER HA     H  N N 368 
SER HB2    H  N N 369 
SER HB3    H  N N 370 
SER HG     H  N N 371 
SER HXT    H  N N 372 
THR N      N  N N 373 
THR CA     C  N S 374 
THR C      C  N N 375 
THR O      O  N N 376 
THR CB     C  N R 377 
THR OG1    O  N N 378 
THR CG2    C  N N 379 
THR OXT    O  N N 380 
THR H      H  N N 381 
THR H2     H  N N 382 
THR HA     H  N N 383 
THR HB     H  N N 384 
THR HG1    H  N N 385 
THR HG21   H  N N 386 
THR HG22   H  N N 387 
THR HG23   H  N N 388 
THR HXT    H  N N 389 
TYR N      N  N N 390 
TYR CA     C  N S 391 
TYR C      C  N N 392 
TYR O      O  N N 393 
TYR CB     C  N N 394 
TYR CG     C  Y N 395 
TYR CD1    C  Y N 396 
TYR CD2    C  Y N 397 
TYR CE1    C  Y N 398 
TYR CE2    C  Y N 399 
TYR CZ     C  Y N 400 
TYR OH     O  N N 401 
TYR OXT    O  N N 402 
TYR H      H  N N 403 
TYR H2     H  N N 404 
TYR HA     H  N N 405 
TYR HB2    H  N N 406 
TYR HB3    H  N N 407 
TYR HD1    H  N N 408 
TYR HD2    H  N N 409 
TYR HE1    H  N N 410 
TYR HE2    H  N N 411 
TYR HH     H  N N 412 
TYR HXT    H  N N 413 
VAL N      N  N N 414 
VAL CA     C  N S 415 
VAL C      C  N N 416 
VAL O      O  N N 417 
VAL CB     C  N N 418 
VAL CG1    C  N N 419 
VAL CG2    C  N N 420 
VAL OXT    O  N N 421 
VAL H      H  N N 422 
VAL H2     H  N N 423 
VAL HA     H  N N 424 
VAL HB     H  N N 425 
VAL HG11   H  N N 426 
VAL HG12   H  N N 427 
VAL HG13   H  N N 428 
VAL HG21   H  N N 429 
VAL HG22   H  N N 430 
VAL HG23   H  N N 431 
VAL HXT    H  N N 432 
# 
loop_
_chem_comp_bond.comp_id 
_chem_comp_bond.atom_id_1 
_chem_comp_bond.atom_id_2 
_chem_comp_bond.value_order 
_chem_comp_bond.pdbx_aromatic_flag 
_chem_comp_bond.pdbx_stereo_config 
_chem_comp_bond.pdbx_ordinal 
2BA P      O1P    doub N N 1   
2BA P      O2P    sing N N 2   
2BA P      "O5'"  sing N N 3   
2BA P      "O3'1" sing N N 4   
2BA "O5'"  "C5'"  sing N N 5   
2BA "C5'"  "C4'"  sing N N 6   
2BA "C4'"  "O4'"  sing N N 7   
2BA "C4'"  "C3'"  sing N N 8   
2BA "O4'"  "C1'"  sing N N 9   
2BA "C3'"  "O3'"  sing N N 10  
2BA "C3'"  "C2'"  sing N N 11  
2BA "O3'"  P1     sing N N 12  
2BA "C2'"  "O2'"  sing N N 13  
2BA "C2'"  "C1'"  sing N N 14  
2BA "C1'"  N9     sing N N 15  
2BA N9     C8     sing Y N 16  
2BA N9     C4     sing Y N 17  
2BA C8     N7     doub Y N 18  
2BA N7     C5     sing Y N 19  
2BA C5     C6     doub Y N 20  
2BA C5     C4     sing Y N 21  
2BA C6     N6     sing N N 22  
2BA C6     N1     sing Y N 23  
2BA N1     C2     doub Y N 24  
2BA C2     N3     sing Y N 25  
2BA N3     C4     doub Y N 26  
2BA P1     O1P1   doub N N 27  
2BA P1     O2P1   sing N N 28  
2BA P1     "O5'1" sing N N 29  
2BA "O5'1" "C5'1" sing N N 30  
2BA "C5'1" "C4'1" sing N N 31  
2BA "C4'1" "O4'1" sing N N 32  
2BA "C4'1" "C3'1" sing N N 33  
2BA "O4'1" "C1'1" sing N N 34  
2BA "C3'1" "O3'1" sing N N 35  
2BA "C3'1" "C2'1" sing N N 36  
2BA "C2'1" "O2'1" sing N N 37  
2BA "C2'1" "C1'1" sing N N 38  
2BA "C1'1" N91    sing N N 39  
2BA N91    C81    sing Y N 40  
2BA N91    C41    sing Y N 41  
2BA C81    N71    doub Y N 42  
2BA N71    C51    sing Y N 43  
2BA C51    C61    doub Y N 44  
2BA C51    C41    sing Y N 45  
2BA C61    N61    sing N N 46  
2BA C61    N11    sing Y N 47  
2BA N11    C21    doub Y N 48  
2BA C21    N31    sing Y N 49  
2BA N31    C41    doub Y N 50  
2BA "C5'"  "H5'"  sing N N 51  
2BA "C5'"  "H5'A" sing N N 52  
2BA "C4'"  "H4'"  sing N N 53  
2BA "C3'"  "H3'"  sing N N 54  
2BA "C2'"  "H2'"  sing N N 55  
2BA "O2'"  "HO2'" sing N N 56  
2BA "C1'"  "H1'"  sing N N 57  
2BA C8     H8     sing N N 58  
2BA N6     HN6    sing N N 59  
2BA N6     HN6A   sing N N 60  
2BA C2     H2     sing N N 61  
2BA "C5'1" "HC5'" sing N N 62  
2BA "C5'1" HC5A   sing N N 63  
2BA "C4'1" "HC4'" sing N N 64  
2BA "C3'1" "HC3'" sing N N 65  
2BA "C2'1" "HC2'" sing N N 66  
2BA "O2'1" HO2A   sing N N 67  
2BA "C1'1" "HC1'" sing N N 68  
2BA C81    HC8    sing N N 69  
2BA N61    H1N6   sing N N 70  
2BA N61    H1NA   sing N N 71  
2BA C21    HC2    sing N N 72  
2BA O2P    H2P    sing N N 73  
2BA O2P1   H2OP   sing N N 74  
ALA N      CA     sing N N 75  
ALA N      H      sing N N 76  
ALA N      H2     sing N N 77  
ALA CA     C      sing N N 78  
ALA CA     CB     sing N N 79  
ALA CA     HA     sing N N 80  
ALA C      O      doub N N 81  
ALA C      OXT    sing N N 82  
ALA CB     HB1    sing N N 83  
ALA CB     HB2    sing N N 84  
ALA CB     HB3    sing N N 85  
ALA OXT    HXT    sing N N 86  
ARG N      CA     sing N N 87  
ARG N      H      sing N N 88  
ARG N      H2     sing N N 89  
ARG CA     C      sing N N 90  
ARG CA     CB     sing N N 91  
ARG CA     HA     sing N N 92  
ARG C      O      doub N N 93  
ARG C      OXT    sing N N 94  
ARG CB     CG     sing N N 95  
ARG CB     HB2    sing N N 96  
ARG CB     HB3    sing N N 97  
ARG CG     CD     sing N N 98  
ARG CG     HG2    sing N N 99  
ARG CG     HG3    sing N N 100 
ARG CD     NE     sing N N 101 
ARG CD     HD2    sing N N 102 
ARG CD     HD3    sing N N 103 
ARG NE     CZ     sing N N 104 
ARG NE     HE     sing N N 105 
ARG CZ     NH1    sing N N 106 
ARG CZ     NH2    doub N N 107 
ARG NH1    HH11   sing N N 108 
ARG NH1    HH12   sing N N 109 
ARG NH2    HH21   sing N N 110 
ARG NH2    HH22   sing N N 111 
ARG OXT    HXT    sing N N 112 
ASN N      CA     sing N N 113 
ASN N      H      sing N N 114 
ASN N      H2     sing N N 115 
ASN CA     C      sing N N 116 
ASN CA     CB     sing N N 117 
ASN CA     HA     sing N N 118 
ASN C      O      doub N N 119 
ASN C      OXT    sing N N 120 
ASN CB     CG     sing N N 121 
ASN CB     HB2    sing N N 122 
ASN CB     HB3    sing N N 123 
ASN CG     OD1    doub N N 124 
ASN CG     ND2    sing N N 125 
ASN ND2    HD21   sing N N 126 
ASN ND2    HD22   sing N N 127 
ASN OXT    HXT    sing N N 128 
ASP N      CA     sing N N 129 
ASP N      H      sing N N 130 
ASP N      H2     sing N N 131 
ASP CA     C      sing N N 132 
ASP CA     CB     sing N N 133 
ASP CA     HA     sing N N 134 
ASP C      O      doub N N 135 
ASP C      OXT    sing N N 136 
ASP CB     CG     sing N N 137 
ASP CB     HB2    sing N N 138 
ASP CB     HB3    sing N N 139 
ASP CG     OD1    doub N N 140 
ASP CG     OD2    sing N N 141 
ASP OD2    HD2    sing N N 142 
ASP OXT    HXT    sing N N 143 
CYS N      CA     sing N N 144 
CYS N      H      sing N N 145 
CYS N      H2     sing N N 146 
CYS CA     C      sing N N 147 
CYS CA     CB     sing N N 148 
CYS CA     HA     sing N N 149 
CYS C      O      doub N N 150 
CYS C      OXT    sing N N 151 
CYS CB     SG     sing N N 152 
CYS CB     HB2    sing N N 153 
CYS CB     HB3    sing N N 154 
CYS SG     HG     sing N N 155 
CYS OXT    HXT    sing N N 156 
GLN N      CA     sing N N 157 
GLN N      H      sing N N 158 
GLN N      H2     sing N N 159 
GLN CA     C      sing N N 160 
GLN CA     CB     sing N N 161 
GLN CA     HA     sing N N 162 
GLN C      O      doub N N 163 
GLN C      OXT    sing N N 164 
GLN CB     CG     sing N N 165 
GLN CB     HB2    sing N N 166 
GLN CB     HB3    sing N N 167 
GLN CG     CD     sing N N 168 
GLN CG     HG2    sing N N 169 
GLN CG     HG3    sing N N 170 
GLN CD     OE1    doub N N 171 
GLN CD     NE2    sing N N 172 
GLN NE2    HE21   sing N N 173 
GLN NE2    HE22   sing N N 174 
GLN OXT    HXT    sing N N 175 
GLU N      CA     sing N N 176 
GLU N      H      sing N N 177 
GLU N      H2     sing N N 178 
GLU CA     C      sing N N 179 
GLU CA     CB     sing N N 180 
GLU CA     HA     sing N N 181 
GLU C      O      doub N N 182 
GLU C      OXT    sing N N 183 
GLU CB     CG     sing N N 184 
GLU CB     HB2    sing N N 185 
GLU CB     HB3    sing N N 186 
GLU CG     CD     sing N N 187 
GLU CG     HG2    sing N N 188 
GLU CG     HG3    sing N N 189 
GLU CD     OE1    doub N N 190 
GLU CD     OE2    sing N N 191 
GLU OE2    HE2    sing N N 192 
GLU OXT    HXT    sing N N 193 
GLY N      CA     sing N N 194 
GLY N      H      sing N N 195 
GLY N      H2     sing N N 196 
GLY CA     C      sing N N 197 
GLY CA     HA2    sing N N 198 
GLY CA     HA3    sing N N 199 
GLY C      O      doub N N 200 
GLY C      OXT    sing N N 201 
GLY OXT    HXT    sing N N 202 
HIS N      CA     sing N N 203 
HIS N      H      sing N N 204 
HIS N      H2     sing N N 205 
HIS CA     C      sing N N 206 
HIS CA     CB     sing N N 207 
HIS CA     HA     sing N N 208 
HIS C      O      doub N N 209 
HIS C      OXT    sing N N 210 
HIS CB     CG     sing N N 211 
HIS CB     HB2    sing N N 212 
HIS CB     HB3    sing N N 213 
HIS CG     ND1    sing Y N 214 
HIS CG     CD2    doub Y N 215 
HIS ND1    CE1    doub Y N 216 
HIS ND1    HD1    sing N N 217 
HIS CD2    NE2    sing Y N 218 
HIS CD2    HD2    sing N N 219 
HIS CE1    NE2    sing Y N 220 
HIS CE1    HE1    sing N N 221 
HIS NE2    HE2    sing N N 222 
HIS OXT    HXT    sing N N 223 
HOH O      H1     sing N N 224 
HOH O      H2     sing N N 225 
ILE N      CA     sing N N 226 
ILE N      H      sing N N 227 
ILE N      H2     sing N N 228 
ILE CA     C      sing N N 229 
ILE CA     CB     sing N N 230 
ILE CA     HA     sing N N 231 
ILE C      O      doub N N 232 
ILE C      OXT    sing N N 233 
ILE CB     CG1    sing N N 234 
ILE CB     CG2    sing N N 235 
ILE CB     HB     sing N N 236 
ILE CG1    CD1    sing N N 237 
ILE CG1    HG12   sing N N 238 
ILE CG1    HG13   sing N N 239 
ILE CG2    HG21   sing N N 240 
ILE CG2    HG22   sing N N 241 
ILE CG2    HG23   sing N N 242 
ILE CD1    HD11   sing N N 243 
ILE CD1    HD12   sing N N 244 
ILE CD1    HD13   sing N N 245 
ILE OXT    HXT    sing N N 246 
LEU N      CA     sing N N 247 
LEU N      H      sing N N 248 
LEU N      H2     sing N N 249 
LEU CA     C      sing N N 250 
LEU CA     CB     sing N N 251 
LEU CA     HA     sing N N 252 
LEU C      O      doub N N 253 
LEU C      OXT    sing N N 254 
LEU CB     CG     sing N N 255 
LEU CB     HB2    sing N N 256 
LEU CB     HB3    sing N N 257 
LEU CG     CD1    sing N N 258 
LEU CG     CD2    sing N N 259 
LEU CG     HG     sing N N 260 
LEU CD1    HD11   sing N N 261 
LEU CD1    HD12   sing N N 262 
LEU CD1    HD13   sing N N 263 
LEU CD2    HD21   sing N N 264 
LEU CD2    HD22   sing N N 265 
LEU CD2    HD23   sing N N 266 
LEU OXT    HXT    sing N N 267 
LYS N      CA     sing N N 268 
LYS N      H      sing N N 269 
LYS N      H2     sing N N 270 
LYS CA     C      sing N N 271 
LYS CA     CB     sing N N 272 
LYS CA     HA     sing N N 273 
LYS C      O      doub N N 274 
LYS C      OXT    sing N N 275 
LYS CB     CG     sing N N 276 
LYS CB     HB2    sing N N 277 
LYS CB     HB3    sing N N 278 
LYS CG     CD     sing N N 279 
LYS CG     HG2    sing N N 280 
LYS CG     HG3    sing N N 281 
LYS CD     CE     sing N N 282 
LYS CD     HD2    sing N N 283 
LYS CD     HD3    sing N N 284 
LYS CE     NZ     sing N N 285 
LYS CE     HE2    sing N N 286 
LYS CE     HE3    sing N N 287 
LYS NZ     HZ1    sing N N 288 
LYS NZ     HZ2    sing N N 289 
LYS NZ     HZ3    sing N N 290 
LYS OXT    HXT    sing N N 291 
MET N      CA     sing N N 292 
MET N      H      sing N N 293 
MET N      H2     sing N N 294 
MET CA     C      sing N N 295 
MET CA     CB     sing N N 296 
MET CA     HA     sing N N 297 
MET C      O      doub N N 298 
MET C      OXT    sing N N 299 
MET CB     CG     sing N N 300 
MET CB     HB2    sing N N 301 
MET CB     HB3    sing N N 302 
MET CG     SD     sing N N 303 
MET CG     HG2    sing N N 304 
MET CG     HG3    sing N N 305 
MET SD     CE     sing N N 306 
MET CE     HE1    sing N N 307 
MET CE     HE2    sing N N 308 
MET CE     HE3    sing N N 309 
MET OXT    HXT    sing N N 310 
PHE N      CA     sing N N 311 
PHE N      H      sing N N 312 
PHE N      H2     sing N N 313 
PHE CA     C      sing N N 314 
PHE CA     CB     sing N N 315 
PHE CA     HA     sing N N 316 
PHE C      O      doub N N 317 
PHE C      OXT    sing N N 318 
PHE CB     CG     sing N N 319 
PHE CB     HB2    sing N N 320 
PHE CB     HB3    sing N N 321 
PHE CG     CD1    doub Y N 322 
PHE CG     CD2    sing Y N 323 
PHE CD1    CE1    sing Y N 324 
PHE CD1    HD1    sing N N 325 
PHE CD2    CE2    doub Y N 326 
PHE CD2    HD2    sing N N 327 
PHE CE1    CZ     doub Y N 328 
PHE CE1    HE1    sing N N 329 
PHE CE2    CZ     sing Y N 330 
PHE CE2    HE2    sing N N 331 
PHE CZ     HZ     sing N N 332 
PHE OXT    HXT    sing N N 333 
PRO N      CA     sing N N 334 
PRO N      CD     sing N N 335 
PRO N      H      sing N N 336 
PRO CA     C      sing N N 337 
PRO CA     CB     sing N N 338 
PRO CA     HA     sing N N 339 
PRO C      O      doub N N 340 
PRO C      OXT    sing N N 341 
PRO CB     CG     sing N N 342 
PRO CB     HB2    sing N N 343 
PRO CB     HB3    sing N N 344 
PRO CG     CD     sing N N 345 
PRO CG     HG2    sing N N 346 
PRO CG     HG3    sing N N 347 
PRO CD     HD2    sing N N 348 
PRO CD     HD3    sing N N 349 
PRO OXT    HXT    sing N N 350 
SER N      CA     sing N N 351 
SER N      H      sing N N 352 
SER N      H2     sing N N 353 
SER CA     C      sing N N 354 
SER CA     CB     sing N N 355 
SER CA     HA     sing N N 356 
SER C      O      doub N N 357 
SER C      OXT    sing N N 358 
SER CB     OG     sing N N 359 
SER CB     HB2    sing N N 360 
SER CB     HB3    sing N N 361 
SER OG     HG     sing N N 362 
SER OXT    HXT    sing N N 363 
THR N      CA     sing N N 364 
THR N      H      sing N N 365 
THR N      H2     sing N N 366 
THR CA     C      sing N N 367 
THR CA     CB     sing N N 368 
THR CA     HA     sing N N 369 
THR C      O      doub N N 370 
THR C      OXT    sing N N 371 
THR CB     OG1    sing N N 372 
THR CB     CG2    sing N N 373 
THR CB     HB     sing N N 374 
THR OG1    HG1    sing N N 375 
THR CG2    HG21   sing N N 376 
THR CG2    HG22   sing N N 377 
THR CG2    HG23   sing N N 378 
THR OXT    HXT    sing N N 379 
TYR N      CA     sing N N 380 
TYR N      H      sing N N 381 
TYR N      H2     sing N N 382 
TYR CA     C      sing N N 383 
TYR CA     CB     sing N N 384 
TYR CA     HA     sing N N 385 
TYR C      O      doub N N 386 
TYR C      OXT    sing N N 387 
TYR CB     CG     sing N N 388 
TYR CB     HB2    sing N N 389 
TYR CB     HB3    sing N N 390 
TYR CG     CD1    doub Y N 391 
TYR CG     CD2    sing Y N 392 
TYR CD1    CE1    sing Y N 393 
TYR CD1    HD1    sing N N 394 
TYR CD2    CE2    doub Y N 395 
TYR CD2    HD2    sing N N 396 
TYR CE1    CZ     doub Y N 397 
TYR CE1    HE1    sing N N 398 
TYR CE2    CZ     sing Y N 399 
TYR CE2    HE2    sing N N 400 
TYR CZ     OH     sing N N 401 
TYR OH     HH     sing N N 402 
TYR OXT    HXT    sing N N 403 
VAL N      CA     sing N N 404 
VAL N      H      sing N N 405 
VAL N      H2     sing N N 406 
VAL CA     C      sing N N 407 
VAL CA     CB     sing N N 408 
VAL CA     HA     sing N N 409 
VAL C      O      doub N N 410 
VAL C      OXT    sing N N 411 
VAL CB     CG1    sing N N 412 
VAL CB     CG2    sing N N 413 
VAL CB     HB     sing N N 414 
VAL CG1    HG11   sing N N 415 
VAL CG1    HG12   sing N N 416 
VAL CG1    HG13   sing N N 417 
VAL CG2    HG21   sing N N 418 
VAL CG2    HG22   sing N N 419 
VAL CG2    HG23   sing N N 420 
VAL OXT    HXT    sing N N 421 
# 
loop_
_pdbx_audit_support.funding_organization 
_pdbx_audit_support.country 
_pdbx_audit_support.grant_number 
_pdbx_audit_support.ordinal 
'German Research Foundation' Germany 3717/2-1 1 
'German Research Foundation' Germany GRK1721  2 
# 
_pdbx_initial_refinement_model.id               1 
_pdbx_initial_refinement_model.entity_id_list   ? 
_pdbx_initial_refinement_model.type             'experimental model' 
_pdbx_initial_refinement_model.source_name      PDB 
_pdbx_initial_refinement_model.accession_code   3M05 
_pdbx_initial_refinement_model.details          ? 
# 
_atom_sites.entry_id                    4WK1 
_atom_sites.fract_transf_matrix[1][1]   -0.01410529 
_atom_sites.fract_transf_matrix[1][2]   0.00750192 
_atom_sites.fract_transf_matrix[1][3]   0.00567965 
_atom_sites.fract_transf_matrix[2][1]   -0.00917932 
_atom_sites.fract_transf_matrix[2][2]   0.00976614 
_atom_sites.fract_transf_matrix[2][3]   -0.01038598 
_atom_sites.fract_transf_matrix[3][1]   -0.00394660 
_atom_sites.fract_transf_matrix[3][2]   -0.00587724 
_atom_sites.fract_transf_matrix[3][3]   -0.00203840 
_atom_sites.fract_transf_vector[1]      -0.254115 
_atom_sites.fract_transf_vector[2]      -0.477769 
_atom_sites.fract_transf_vector[3]      0.067169 
# 
loop_
_atom_type.symbol 
C  
CA 
N  
O  
P  
S  
# 
loop_
_atom_site.group_PDB 
_atom_site.id 
_atom_site.type_symbol 
_atom_site.label_atom_id 
_atom_site.label_alt_id 
_atom_site.label_comp_id 
_atom_site.label_asym_id 
_atom_site.label_entity_id 
_atom_site.label_seq_id 
_atom_site.pdbx_PDB_ins_code 
_atom_site.Cartn_x 
_atom_site.Cartn_y 
_atom_site.Cartn_z 
_atom_site.occupancy 
_atom_site.B_iso_or_equiv 
_atom_site.pdbx_formal_charge 
_atom_site.auth_seq_id 
_atom_site.auth_comp_id 
_atom_site.auth_asym_id 
_atom_site.auth_atom_id 
_atom_site.pdbx_PDB_model_num 
ATOM   1   N  N      . GLY A 1 13  ? 21.860  1.646   -2.442  1.00 91.68  ? -7  GLY A N      1 
ATOM   2   C  CA     . GLY A 1 13  ? 20.881  0.613   -2.730  1.00 89.79  ? -7  GLY A CA     1 
ATOM   3   C  C      . GLY A 1 13  ? 20.358  0.689   -4.153  1.00 87.21  ? -7  GLY A C      1 
ATOM   4   O  O      . GLY A 1 13  ? 21.126  0.632   -5.108  1.00 100.08 ? -7  GLY A O      1 
ATOM   5   N  N      . LEU A 1 14  ? 19.042  0.810   -4.294  1.00 78.82  ? -6  LEU A N      1 
ATOM   6   C  CA     . LEU A 1 14  ? 18.417  1.034   -5.594  1.00 79.03  ? -6  LEU A CA     1 
ATOM   7   C  C      . LEU A 1 14  ? 17.839  2.451   -5.621  1.00 82.76  ? -6  LEU A C      1 
ATOM   8   O  O      . LEU A 1 14  ? 17.065  2.808   -6.515  1.00 92.62  ? -6  LEU A O      1 
ATOM   9   C  CB     . LEU A 1 14  ? 17.323  -0.012  -5.869  1.00 83.78  ? -6  LEU A CB     1 
ATOM   10  C  CG     . LEU A 1 14  ? 16.911  -0.310  -7.321  1.00 82.59  ? -6  LEU A CG     1 
ATOM   11  C  CD1    . LEU A 1 14  ? 18.096  -0.812  -8.122  1.00 85.69  ? -6  LEU A CD1    1 
ATOM   12  C  CD2    . LEU A 1 14  ? 15.781  -1.320  -7.398  1.00 71.35  ? -6  LEU A CD2    1 
ATOM   13  N  N      . VAL A 1 15  ? 18.228  3.257   -4.632  1.00 61.73  ? -5  VAL A N      1 
ATOM   14  C  CA     . VAL A 1 15  ? 17.702  4.612   -4.492  1.00 62.42  ? -5  VAL A CA     1 
ATOM   15  C  C      . VAL A 1 15  ? 18.821  5.633   -4.720  1.00 62.84  ? -5  VAL A C      1 
ATOM   16  O  O      . VAL A 1 15  ? 19.935  5.486   -4.196  1.00 65.29  ? -5  VAL A O      1 
ATOM   17  C  CB     . VAL A 1 15  ? 17.010  4.808   -3.100  1.00 70.64  ? -5  VAL A CB     1 
ATOM   18  C  CG1    . VAL A 1 15  ? 16.868  3.473   -2.380  1.00 66.81  ? -5  VAL A CG1    1 
ATOM   19  C  CG2    . VAL A 1 15  ? 17.742  5.813   -2.218  1.00 67.04  ? -5  VAL A CG2    1 
ATOM   20  N  N      . PRO A 1 16  ? 18.547  6.642   -5.563  1.00 66.74  ? -4  PRO A N      1 
ATOM   21  C  CA     . PRO A 1 16  ? 19.563  7.651   -5.900  1.00 69.49  ? -4  PRO A CA     1 
ATOM   22  C  C      . PRO A 1 16  ? 19.912  8.506   -4.685  1.00 47.89  ? -4  PRO A C      1 
ATOM   23  O  O      . PRO A 1 16  ? 19.046  8.739   -3.844  1.00 48.81  ? -4  PRO A O      1 
ATOM   24  C  CB     . PRO A 1 16  ? 18.886  8.498   -6.995  1.00 66.87  ? -4  PRO A CB     1 
ATOM   25  C  CG     . PRO A 1 16  ? 17.684  7.693   -7.434  1.00 61.93  ? -4  PRO A CG     1 
ATOM   26  C  CD     . PRO A 1 16  ? 17.267  6.900   -6.238  1.00 59.85  ? -4  PRO A CD     1 
ATOM   27  N  N      . ARG A 1 17  ? 21.158  8.946   -4.588  1.00 56.22  ? -3  ARG A N      1 
ATOM   28  C  CA     . ARG A 1 17  ? 21.564  9.820   -3.494  1.00 59.67  ? -3  ARG A CA     1 
ATOM   29  C  C      . ARG A 1 17  ? 20.658  11.061  -3.376  1.00 61.48  ? -3  ARG A C      1 
ATOM   30  O  O      . ARG A 1 17  ? 20.397  11.755  -4.356  1.00 57.32  ? -3  ARG A O      1 
ATOM   31  C  CB     . ARG A 1 17  ? 23.025  10.237  -3.679  1.00 67.19  ? -3  ARG A CB     1 
ATOM   32  C  CG     . ARG A 1 17  ? 24.009  9.101   -3.452  1.00 64.33  ? -3  ARG A CG     1 
ATOM   33  C  CD     . ARG A 1 17  ? 25.437  9.601   -3.396  1.00 60.04  ? -3  ARG A CD     1 
ATOM   34  N  NE     . ARG A 1 17  ? 26.088  9.545   -4.699  1.00 69.49  ? -3  ARG A NE     1 
ATOM   35  C  CZ     . ARG A 1 17  ? 26.575  8.428   -5.233  1.00 72.33  ? -3  ARG A CZ     1 
ATOM   36  N  NH1    . ARG A 1 17  ? 26.473  7.281   -4.574  1.00 82.83  ? -3  ARG A NH1    1 
ATOM   37  N  NH2    . ARG A 1 17  ? 27.155  8.458   -6.423  1.00 72.57  ? -3  ARG A NH2    1 
ATOM   38  N  N      . GLY A 1 18  ? 20.151  11.312  -2.173  1.00 60.88  ? -2  GLY A N      1 
ATOM   39  C  CA     . GLY A 1 18  ? 19.354  12.500  -1.930  1.00 55.04  ? -2  GLY A CA     1 
ATOM   40  C  C      . GLY A 1 18  ? 17.871  12.224  -1.783  1.00 57.14  ? -2  GLY A C      1 
ATOM   41  O  O      . GLY A 1 18  ? 17.123  13.074  -1.305  1.00 65.36  ? -2  GLY A O      1 
ATOM   42  N  N      . SER A 1 19  ? 17.433  11.040  -2.195  1.00 45.92  ? -1  SER A N      1 
ATOM   43  C  CA     . SER A 1 19  ? 16.046  10.661  -1.953  1.00 47.68  ? -1  SER A CA     1 
ATOM   44  C  C      . SER A 1 19  ? 15.946  9.533   -0.946  1.00 47.25  ? -1  SER A C      1 
ATOM   45  O  O      . SER A 1 19  ? 16.948  8.988   -0.488  1.00 54.73  ? -1  SER A O      1 
ATOM   46  C  CB     . SER A 1 19  ? 15.342  10.278  -3.256  1.00 56.76  ? -1  SER A CB     1 
ATOM   47  O  OG     . SER A 1 19  ? 16.127  9.397   -4.031  1.00 70.87  ? -1  SER A OG     1 
ATOM   48  N  N      . HIS A 1 20  ? 14.716  9.204   -0.585  1.00 42.80  ? 0   HIS A N      1 
ATOM   49  C  CA     . HIS A 1 20  ? 14.450  8.169   0.388   1.00 50.78  ? 0   HIS A CA     1 
ATOM   50  C  C      . HIS A 1 20  ? 13.223  7.376   -0.028  1.00 48.45  ? 0   HIS A C      1 
ATOM   51  O  O      . HIS A 1 20  ? 12.371  7.890   -0.760  1.00 48.66  ? 0   HIS A O      1 
ATOM   52  C  CB     . HIS A 1 20  ? 14.242  8.780   1.768   1.00 46.41  ? 0   HIS A CB     1 
ATOM   53  C  CG     . HIS A 1 20  ? 15.294  9.772   2.140   1.00 59.77  ? 0   HIS A CG     1 
ATOM   54  N  ND1    . HIS A 1 20  ? 15.159  11.122  1.901   1.00 71.62  ? 0   HIS A ND1    1 
ATOM   55  C  CD2    . HIS A 1 20  ? 16.521  9.604   2.685   1.00 65.10  ? 0   HIS A CD2    1 
ATOM   56  C  CE1    . HIS A 1 20  ? 16.247  11.750  2.310   1.00 77.66  ? 0   HIS A CE1    1 
ATOM   57  N  NE2    . HIS A 1 20  ? 17.089  10.853  2.789   1.00 78.06  ? 0   HIS A NE2    1 
ATOM   58  N  N      . MET A 1 21  ? 13.159  6.125   0.431   1.00 43.38  ? 1   MET A N      1 
ATOM   59  C  CA     . MET A 1 21  ? 12.004  5.262   0.234   1.00 44.50  ? 1   MET A CA     1 
ATOM   60  C  C      . MET A 1 21  ? 11.172  5.241   1.502   1.00 40.04  ? 1   MET A C      1 
ATOM   61  O  O      . MET A 1 21  ? 11.700  5.419   2.598   1.00 39.29  ? 1   MET A O      1 
ATOM   62  C  CB     . MET A 1 21  ? 12.435  3.825   -0.102  1.00 49.16  ? 1   MET A CB     1 
ATOM   63  C  CG     . MET A 1 21  ? 13.309  3.690   -1.328  1.00 60.93  ? 1   MET A CG     1 
ATOM   64  S  SD     . MET A 1 21  ? 12.343  3.318   -2.792  1.00 70.83  ? 1   MET A SD     1 
ATOM   65  C  CE     . MET A 1 21  ? 11.452  1.869   -2.246  1.00 51.40  ? 1   MET A CE     1 
ATOM   66  N  N      . LYS A 1 22  ? 9.876   4.992   1.348   1.00 37.90  ? 2   LYS A N      1 
ATOM   67  C  CA     . LYS A 1 22  ? 9.005   4.689   2.463   1.00 34.00  ? 2   LYS A CA     1 
ATOM   68  C  C      . LYS A 1 22  ? 8.323   3.354   2.205   1.00 35.86  ? 2   LYS A C      1 
ATOM   69  O  O      . LYS A 1 22  ? 8.171   2.927   1.052   1.00 43.22  ? 2   LYS A O      1 
ATOM   70  C  CB     . LYS A 1 22  ? 7.939   5.775   2.665   1.00 35.30  ? 2   LYS A CB     1 
ATOM   71  C  CG     . LYS A 1 22  ? 8.481   7.177   2.897   1.00 42.08  ? 2   LYS A CG     1 
ATOM   72  C  CD     . LYS A 1 22  ? 9.199   7.288   4.231   1.00 41.40  ? 2   LYS A CD     1 
ATOM   73  C  CE     . LYS A 1 22  ? 10.030  8.581   4.278   1.00 43.19  ? 2   LYS A CE     1 
ATOM   74  N  NZ     . LYS A 1 22  ? 10.584  8.766   5.627   1.00 38.26  ? 2   LYS A NZ     1 
ATOM   75  N  N      . MET A 1 23  ? 7.896   2.705   3.280   1.00 36.62  ? 3   MET A N      1 
ATOM   76  C  CA     . MET A 1 23  ? 7.108   1.474   3.166   1.00 39.23  ? 3   MET A CA     1 
ATOM   77  C  C      . MET A 1 23  ? 5.673   1.799   3.527   1.00 40.66  ? 3   MET A C      1 
ATOM   78  O  O      . MET A 1 23  ? 5.398   2.324   4.613   1.00 37.04  ? 3   MET A O      1 
ATOM   79  C  CB     . MET A 1 23  ? 7.666   0.369   4.075   1.00 35.58  ? 3   MET A CB     1 
ATOM   80  C  CG     . MET A 1 23  ? 6.781   -0.909  4.152   1.00 32.86  ? 3   MET A CG     1 
ATOM   81  S  SD     . MET A 1 23  ? 6.467   -1.651  2.530   1.00 39.25  ? 3   MET A SD     1 
ATOM   82  C  CE     . MET A 1 23  ? 8.106   -2.219  2.062   1.00 42.69  ? 3   MET A CE     1 
ATOM   83  N  N      . ILE A 1 24  ? 4.765   1.539   2.594   1.00 36.83  ? 4   ILE A N      1 
ATOM   84  C  CA     . ILE A 1 24  ? 3.348   1.752   2.834   1.00 30.02  ? 4   ILE A CA     1 
ATOM   85  C  C      . ILE A 1 24  ? 2.724   0.416   3.226   1.00 41.62  ? 4   ILE A C      1 
ATOM   86  O  O      . ILE A 1 24  ? 2.862   -0.558  2.503   1.00 41.29  ? 4   ILE A O      1 
ATOM   87  C  CB     . ILE A 1 24  ? 2.628   2.321   1.609   1.00 35.85  ? 4   ILE A CB     1 
ATOM   88  C  CG1    . ILE A 1 24  ? 2.815   3.841   1.499   1.00 49.91  ? 4   ILE A CG1    1 
ATOM   89  C  CG2    . ILE A 1 24  ? 1.138   2.145   1.761   1.00 39.02  ? 4   ILE A CG2    1 
ATOM   90  C  CD1    . ILE A 1 24  ? 4.216   4.313   1.425   1.00 54.60  ? 4   ILE A CD1    1 
ATOM   91  N  N      . ILE A 1 25  ? 2.068   0.357   4.378   1.00 40.43  ? 5   ILE A N      1 
ATOM   92  C  CA     . ILE A 1 25  ? 1.315   -0.850  4.735   1.00 34.78  ? 5   ILE A CA     1 
ATOM   93  C  C      . ILE A 1 25  ? -0.152  -0.485  4.749   1.00 39.25  ? 5   ILE A C      1 
ATOM   94  O  O      . ILE A 1 25  ? -0.590  0.307   5.581   1.00 41.10  ? 5   ILE A O      1 
ATOM   95  C  CB     . ILE A 1 25  ? 1.739   -1.419  6.093   1.00 32.90  ? 5   ILE A CB     1 
ATOM   96  C  CG1    . ILE A 1 25  ? 3.228   -1.763  6.084   1.00 35.21  ? 5   ILE A CG1    1 
ATOM   97  C  CG2    . ILE A 1 25  ? 0.892   -2.677  6.478   1.00 30.91  ? 5   ILE A CG2    1 
ATOM   98  C  CD1    . ILE A 1 25  ? 3.724   -2.196  7.463   1.00 40.11  ? 5   ILE A CD1    1 
ATOM   99  N  N      . ALA A 1 26  ? -0.915  -1.040  3.809   1.00 36.48  ? 6   ALA A N      1 
ATOM   100 C  CA     . ALA A 1 26  ? -2.312  -0.667  3.707   1.00 47.20  ? 6   ALA A CA     1 
ATOM   101 C  C      . ALA A 1 26  ? -3.223  -1.858  3.911   1.00 39.64  ? 6   ALA A C      1 
ATOM   102 O  O      . ALA A 1 26  ? -3.167  -2.831  3.149   1.00 37.03  ? 6   ALA A O      1 
ATOM   103 C  CB     . ALA A 1 26  ? -2.581  -0.029  2.370   1.00 45.98  ? 6   ALA A CB     1 
ATOM   104 N  N      . ILE A 1 27  ? -4.070  -1.765  4.932   1.00 44.10  ? 7   ILE A N      1 
ATOM   105 C  CA     . ILE A 1 27  ? -5.082  -2.784  5.208   1.00 44.84  ? 7   ILE A CA     1 
ATOM   106 C  C      . ILE A 1 27  ? -6.440  -2.361  4.630   1.00 47.71  ? 7   ILE A C      1 
ATOM   107 O  O      . ILE A 1 27  ? -7.021  -1.344  5.036   1.00 40.51  ? 7   ILE A O      1 
ATOM   108 C  CB     . ILE A 1 27  ? -5.212  -3.057  6.730   1.00 42.94  ? 7   ILE A CB     1 
ATOM   109 C  CG1    . ILE A 1 27  ? -3.848  -3.451  7.318   1.00 40.50  ? 7   ILE A CG1    1 
ATOM   110 C  CG2    . ILE A 1 27  ? -6.272  -4.124  7.007   1.00 37.99  ? 7   ILE A CG2    1 
ATOM   111 C  CD1    . ILE A 1 27  ? -3.338  -2.472  8.377   1.00 37.98  ? 7   ILE A CD1    1 
ATOM   112 N  N      . VAL A 1 28  ? -6.935  -3.142  3.669   1.00 44.19  ? 8   VAL A N      1 
ATOM   113 C  CA     . VAL A 1 28  ? -8.166  -2.818  2.951   1.00 42.99  ? 8   VAL A CA     1 
ATOM   114 C  C      . VAL A 1 28  ? -9.128  -4.008  2.932   1.00 43.77  ? 8   VAL A C      1 
ATOM   115 O  O      . VAL A 1 28  ? -8.741  -5.131  3.267   1.00 46.75  ? 8   VAL A O      1 
ATOM   116 C  CB     . VAL A 1 28  ? -7.865  -2.381  1.494   1.00 44.50  ? 8   VAL A CB     1 
ATOM   117 C  CG1    . VAL A 1 28  ? -6.930  -1.164  1.476   1.00 39.60  ? 8   VAL A CG1    1 
ATOM   118 C  CG2    . VAL A 1 28  ? -7.231  -3.527  0.714   1.00 43.30  ? 8   VAL A CG2    1 
ATOM   119 N  N      . GLN A 1 29  ? -10.375 -3.763  2.543   1.00 50.82  ? 9   GLN A N      1 
ATOM   120 C  CA     . GLN A 1 29  ? -11.372 -4.830  2.449   1.00 54.82  ? 9   GLN A CA     1 
ATOM   121 C  C      . GLN A 1 29  ? -11.080 -5.746  1.270   1.00 60.26  ? 9   GLN A C      1 
ATOM   122 O  O      . GLN A 1 29  ? -10.596 -5.288  0.238   1.00 55.64  ? 9   GLN A O      1 
ATOM   123 C  CB     . GLN A 1 29  ? -12.785 -4.247  2.316   1.00 53.32  ? 9   GLN A CB     1 
ATOM   124 C  CG     . GLN A 1 29  ? -13.206 -3.362  3.479   1.00 73.88  ? 9   GLN A CG     1 
ATOM   125 C  CD     . GLN A 1 29  ? -13.135 -4.073  4.828   1.00 84.42  ? 9   GLN A CD     1 
ATOM   126 O  OE1    . GLN A 1 29  ? -13.267 -5.295  4.913   1.00 85.71  ? 9   GLN A OE1    1 
ATOM   127 N  NE2    . GLN A 1 29  ? -12.925 -3.301  5.888   1.00 89.97  ? 9   GLN A NE2    1 
ATOM   128 N  N      . ASP A 1 30  ? -11.388 -7.031  1.416   1.00 58.61  ? 10  ASP A N      1 
ATOM   129 C  CA     . ASP A 1 30  ? -11.131 -8.004  0.355   1.00 52.10  ? 10  ASP A CA     1 
ATOM   130 C  C      . ASP A 1 30  ? -11.813 -7.618  -0.951  1.00 51.42  ? 10  ASP A C      1 
ATOM   131 O  O      . ASP A 1 30  ? -11.268 -7.815  -2.044  1.00 56.90  ? 10  ASP A O      1 
ATOM   132 C  CB     . ASP A 1 30  ? -11.587 -9.406  0.778   1.00 60.99  ? 10  ASP A CB     1 
ATOM   133 C  CG     . ASP A 1 30  ? -10.507 -10.174 1.509   1.00 70.80  ? 10  ASP A CG     1 
ATOM   134 O  OD1    . ASP A 1 30  ? -9.328  -9.756  1.441   1.00 72.52  ? 10  ASP A OD1    1 
ATOM   135 O  OD2    . ASP A 1 30  ? -10.831 -11.203 2.135   1.00 82.97  ? 10  ASP A OD2    1 
ATOM   136 N  N      . GLN A 1 31  ? -13.006 -7.055  -0.834  1.00 50.33  ? 11  GLN A N      1 
ATOM   137 C  CA     . GLN A 1 31  ? -13.811 -6.749  -2.006  1.00 53.76  ? 11  GLN A CA     1 
ATOM   138 C  C      . GLN A 1 31  ? -13.280 -5.547  -2.770  1.00 58.80  ? 11  GLN A C      1 
ATOM   139 O  O      . GLN A 1 31  ? -13.744 -5.250  -3.861  1.00 67.74  ? 11  GLN A O      1 
ATOM   140 C  CB     . GLN A 1 31  ? -15.258 -6.503  -1.594  1.00 71.67  ? 11  GLN A CB     1 
ATOM   141 C  CG     . GLN A 1 31  ? -15.448 -5.269  -0.736  1.00 71.85  ? 11  GLN A CG     1 
ATOM   142 C  CD     . GLN A 1 31  ? -16.870 -5.146  -0.235  0.28 85.25  ? 11  GLN A CD     1 
ATOM   143 O  OE1    . GLN A 1 31  ? -17.605 -6.133  -0.179  0.93 93.75  ? 11  GLN A OE1    1 
ATOM   144 N  NE2    . GLN A 1 31  ? -17.272 -3.932  0.120   0.83 95.59  ? 11  GLN A NE2    1 
ATOM   145 N  N      . ASP A 1 32  ? -12.319 -4.841  -2.183  1.00 55.67  ? 12  ASP A N      1 
ATOM   146 C  CA     . ASP A 1 32  ? -11.687 -3.708  -2.845  1.00 56.93  ? 12  ASP A CA     1 
ATOM   147 C  C      . ASP A 1 32  ? -10.261 -4.021  -3.329  1.00 50.34  ? 12  ASP A C      1 
ATOM   148 O  O      . ASP A 1 32  ? -9.675  -3.220  -4.052  1.00 56.31  ? 12  ASP A O      1 
ATOM   149 C  CB     . ASP A 1 32  ? -11.641 -2.490  -1.911  1.00 50.58  ? 12  ASP A CB     1 
ATOM   150 C  CG     . ASP A 1 32  ? -13.003 -1.862  -1.681  1.00 59.75  ? 12  ASP A CG     1 
ATOM   151 O  OD1    . ASP A 1 32  ? -13.985 -2.228  -2.369  1.00 60.37  ? 12  ASP A OD1    1 
ATOM   152 O  OD2    . ASP A 1 32  ? -13.089 -0.986  -0.800  1.00 65.87  ? 12  ASP A OD2    1 
ATOM   153 N  N      . SER A 1 33  ? -9.703  -5.167  -2.943  1.00 48.90  ? 13  SER A N      1 
ATOM   154 C  CA     . SER A 1 33  ? -8.283  -5.449  -3.226  1.00 51.90  ? 13  SER A CA     1 
ATOM   155 C  C      . SER A 1 33  ? -7.991  -5.524  -4.726  1.00 49.76  ? 13  SER A C      1 
ATOM   156 O  O      . SER A 1 33  ? -6.941  -5.091  -5.189  1.00 61.43  ? 13  SER A O      1 
ATOM   157 C  CB     . SER A 1 33  ? -7.844  -6.746  -2.542  1.00 60.10  ? 13  SER A CB     1 
ATOM   158 O  OG     . SER A 1 33  ? -8.527  -7.866  -3.072  1.00 74.56  ? 13  SER A OG     1 
ATOM   159 N  N      . GLN A 1 34  ? -8.938  -6.068  -5.475  1.00 56.13  ? 14  GLN A N      1 
ATOM   160 C  CA     . GLN A 1 34  ? -8.830  -6.158  -6.918  1.00 60.17  ? 14  GLN A CA     1 
ATOM   161 C  C      . GLN A 1 34  ? -8.731  -4.775  -7.575  1.00 60.52  ? 14  GLN A C      1 
ATOM   162 O  O      . GLN A 1 34  ? -7.894  -4.557  -8.449  1.00 60.19  ? 14  GLN A O      1 
ATOM   163 C  CB     . GLN A 1 34  ? -10.026 -6.938  -7.464  1.00 60.64  ? 14  GLN A CB     1 
ATOM   164 C  CG     . GLN A 1 34  ? -10.035 -8.412  -7.044  0.43 63.18  ? 14  GLN A CG     1 
ATOM   165 C  CD     . GLN A 1 34  ? -10.556 -8.669  -5.623  0.00 63.32  ? 14  GLN A CD     1 
ATOM   166 O  OE1    . GLN A 1 34  ? -10.902 -7.745  -4.877  0.72 51.38  ? 14  GLN A OE1    1 
ATOM   167 N  NE2    . GLN A 1 34  ? -10.619 -9.943  -5.252  0.77 69.77  ? 14  GLN A NE2    1 
ATOM   168 N  N      . GLU A 1 35  ? -9.575  -3.839  -7.148  1.00 55.53  ? 15  GLU A N      1 
ATOM   169 C  CA     . GLU A 1 35  ? -9.567  -2.493  -7.726  1.00 60.62  ? 15  GLU A CA     1 
ATOM   170 C  C      . GLU A 1 35  ? -8.280  -1.727  -7.384  1.00 56.91  ? 15  GLU A C      1 
ATOM   171 O  O      . GLU A 1 35  ? -7.769  -0.965  -8.214  1.00 53.21  ? 15  GLU A O      1 
ATOM   172 C  CB     . GLU A 1 35  ? -10.780 -1.686  -7.256  1.00 53.17  ? 15  GLU A CB     1 
ATOM   173 C  CG     . GLU A 1 35  ? -12.119 -2.075  -7.889  1.00 57.61  ? 15  GLU A CG     1 
ATOM   174 C  CD     . GLU A 1 35  ? -12.803 -3.266  -7.219  1.00 69.71  ? 15  GLU A CD     1 
ATOM   175 O  OE1    . GLU A 1 35  ? -13.902 -3.633  -7.700  1.00 77.64  ? 15  GLU A OE1    1 
ATOM   176 O  OE2    . GLU A 1 35  ? -12.255 -3.835  -6.236  1.00 55.15  ? 15  GLU A OE2    1 
ATOM   177 N  N      . LEU A 1 36  ? -7.772  -1.902  -6.166  1.00 57.39  ? 16  LEU A N      1 
ATOM   178 C  CA     . LEU A 1 36  ? -6.548  -1.206  -5.756  1.00 51.44  ? 16  LEU A CA     1 
ATOM   179 C  C      . LEU A 1 36  ? -5.332  -1.718  -6.522  1.00 57.64  ? 16  LEU A C      1 
ATOM   180 O  O      . LEU A 1 36  ? -4.519  -0.923  -7.002  1.00 55.05  ? 16  LEU A O      1 
ATOM   181 C  CB     . LEU A 1 36  ? -6.304  -1.344  -4.242  1.00 45.53  ? 16  LEU A CB     1 
ATOM   182 C  CG     . LEU A 1 36  ? -4.985  -0.756  -3.719  1.00 46.09  ? 16  LEU A CG     1 
ATOM   183 C  CD1    . LEU A 1 36  ? -4.921  0.752   -3.977  1.00 46.42  ? 16  LEU A CD1    1 
ATOM   184 C  CD2    . LEU A 1 36  ? -4.762  -1.059  -2.233  1.00 45.77  ? 16  LEU A CD2    1 
ATOM   185 N  N      . ALA A 1 37  ? -5.205  -3.041  -6.621  1.00 62.02  ? 17  ALA A N      1 
ATOM   186 C  CA     . ALA A 1 37  ? -4.113  -3.669  -7.363  1.00 58.56  ? 17  ALA A CA     1 
ATOM   187 C  C      . ALA A 1 37  ? -4.058  -3.175  -8.807  1.00 56.35  ? 17  ALA A C      1 
ATOM   188 O  O      . ALA A 1 37  ? -2.984  -2.892  -9.331  1.00 58.19  ? 17  ALA A O      1 
ATOM   189 C  CB     . ALA A 1 37  ? -4.248  -5.189  -7.331  1.00 58.20  ? 17  ALA A CB     1 
ATOM   190 N  N      . ASP A 1 38  ? -5.212  -3.063  -9.452  1.00 58.49  ? 18  ASP A N      1 
ATOM   191 C  CA     . ASP A 1 38  ? -5.234  -2.597  -10.840 1.00 62.14  ? 18  ASP A CA     1 
ATOM   192 C  C      . ASP A 1 38  ? -4.836  -1.117  -10.970 1.00 65.32  ? 18  ASP A C      1 
ATOM   193 O  O      . ASP A 1 38  ? -4.141  -0.744  -11.911 1.00 54.20  ? 18  ASP A O      1 
ATOM   194 C  CB     . ASP A 1 38  ? -6.609  -2.845  -11.476 1.00 81.54  ? 18  ASP A CB     1 
ATOM   195 C  CG     . ASP A 1 38  ? -6.764  -4.271  -11.995 1.00 103.57 ? 18  ASP A CG     1 
ATOM   196 O  OD1    . ASP A 1 38  ? -5.813  -4.773  -12.633 1.00 113.55 ? 18  ASP A OD1    1 
ATOM   197 O  OD2    . ASP A 1 38  ? -7.829  -4.887  -11.770 1.00 108.44 ? 18  ASP A OD2    1 
ATOM   198 N  N      . GLN A 1 39  ? -5.241  -0.285  -10.012 1.00 58.57  ? 19  GLN A N      1 
ATOM   199 C  CA     . GLN A 1 39  ? -4.973  1.154   -10.097 1.00 58.64  ? 19  GLN A CA     1 
ATOM   200 C  C      . GLN A 1 39  ? -3.527  1.480   -9.724  1.00 58.67  ? 19  GLN A C      1 
ATOM   201 O  O      . GLN A 1 39  ? -2.951  2.458   -10.215 1.00 57.41  ? 19  GLN A O      1 
ATOM   202 C  CB     . GLN A 1 39  ? -5.938  1.932   -9.197  1.00 66.36  ? 19  GLN A CB     1 
ATOM   203 C  CG     . GLN A 1 39  ? -5.951  3.434   -9.436  1.00 77.20  ? 19  GLN A CG     1 
ATOM   204 C  CD     . GLN A 1 39  ? -6.590  3.834   -10.756 1.00 75.25  ? 19  GLN A CD     1 
ATOM   205 O  OE1    . GLN A 1 39  ? -7.255  3.033   -11.412 1.00 78.19  ? 19  GLN A OE1    1 
ATOM   206 N  NE2    . GLN A 1 39  ? -6.383  5.085   -11.152 1.00 83.51  ? 19  GLN A NE2    1 
ATOM   207 N  N      . LEU A 1 40  ? -2.945  0.662   -8.851  1.00 46.32  ? 20  LEU A N      1 
ATOM   208 C  CA     . LEU A 1 40  ? -1.529  0.769   -8.531  1.00 50.43  ? 20  LEU A CA     1 
ATOM   209 C  C      . LEU A 1 40  ? -0.687  0.410   -9.753  1.00 61.67  ? 20  LEU A C      1 
ATOM   210 O  O      . LEU A 1 40  ? 0.344   1.029   -10.019 1.00 58.51  ? 20  LEU A O      1 
ATOM   211 C  CB     . LEU A 1 40  ? -1.172  -0.140  -7.353  1.00 43.89  ? 20  LEU A CB     1 
ATOM   212 C  CG     . LEU A 1 40  ? -1.705  0.224   -5.960  1.00 50.81  ? 20  LEU A CG     1 
ATOM   213 C  CD1    . LEU A 1 40  ? -1.389  -0.888  -4.951  1.00 46.87  ? 20  LEU A CD1    1 
ATOM   214 C  CD2    . LEU A 1 40  ? -1.158  1.572   -5.461  1.00 46.42  ? 20  LEU A CD2    1 
ATOM   215 N  N      . VAL A 1 41  ? -1.131  -0.599  -10.494 1.00 63.91  ? 21  VAL A N      1 
ATOM   216 C  CA     . VAL A 1 41  ? -0.423  -1.027  -11.694 1.00 56.87  ? 21  VAL A CA     1 
ATOM   217 C  C      . VAL A 1 41  ? -0.464  0.072   -12.743 1.00 56.73  ? 21  VAL A C      1 
ATOM   218 O  O      . VAL A 1 41  ? 0.575   0.431   -13.301 1.00 59.07  ? 21  VAL A O      1 
ATOM   219 C  CB     . VAL A 1 41  ? -1.008  -2.336  -12.264 1.00 55.23  ? 21  VAL A CB     1 
ATOM   220 C  CG1    . VAL A 1 41  ? -0.633  -2.511  -13.744 1.00 59.53  ? 21  VAL A CG1    1 
ATOM   221 C  CG2    . VAL A 1 41  ? -0.530  -3.523  -11.425 1.00 62.11  ? 21  VAL A CG2    1 
ATOM   222 N  N      . LYS A 1 42  ? -1.654  0.619   -12.990 1.00 53.83  ? 22  LYS A N      1 
ATOM   223 C  CA     . LYS A 1 42  ? -1.822  1.704   -13.961 1.00 59.14  ? 22  LYS A CA     1 
ATOM   224 C  C      . LYS A 1 42  ? -0.912  2.901   -13.641 1.00 63.02  ? 22  LYS A C      1 
ATOM   225 O  O      . LYS A 1 42  ? -0.413  3.570   -14.548 1.00 70.11  ? 22  LYS A O      1 
ATOM   226 C  CB     . LYS A 1 42  ? -3.288  2.146   -14.017 1.00 67.64  ? 22  LYS A CB     1 
ATOM   227 C  CG     . LYS A 1 42  ? -3.507  3.583   -14.482 0.94 77.50  ? 22  LYS A CG     1 
ATOM   228 C  CD     . LYS A 1 42  ? -4.872  3.783   -15.113 0.00 73.38  ? 22  LYS A CD     1 
ATOM   229 C  CE     . LYS A 1 42  ? -4.942  5.119   -15.838 0.00 73.06  ? 22  LYS A CE     1 
ATOM   230 N  NZ     . LYS A 1 42  ? -5.893  5.097   -16.981 0.00 77.47  ? 22  LYS A NZ     1 
ATOM   231 N  N      . ASN A 1 43  ? -0.675  3.131   -12.351 1.00 61.32  ? 23  ASN A N      1 
ATOM   232 C  CA     . ASN A 1 43  ? 0.097   4.276   -11.873 1.00 61.96  ? 23  ASN A CA     1 
ATOM   233 C  C      . ASN A 1 43  ? 1.582   3.986   -11.580 1.00 58.69  ? 23  ASN A C      1 
ATOM   234 O  O      . ASN A 1 43  ? 2.239   4.768   -10.896 1.00 55.02  ? 23  ASN A O      1 
ATOM   235 C  CB     . ASN A 1 43  ? -0.564  4.841   -10.608 1.00 58.65  ? 23  ASN A CB     1 
ATOM   236 C  CG     . ASN A 1 43  ? -1.935  5.450   -10.881 1.00 63.46  ? 23  ASN A CG     1 
ATOM   237 O  OD1    . ASN A 1 43  ? -2.034  6.563   -11.389 1.00 64.17  ? 23  ASN A OD1    1 
ATOM   238 N  ND2    . ASN A 1 43  ? -2.994  4.730   -10.531 1.00 64.99  ? 23  ASN A ND2    1 
ATOM   239 N  N      . ASN A 1 44  ? 2.093   2.865   -12.092 1.00 57.61  ? 24  ASN A N      1 
ATOM   240 C  CA     . ASN A 1 44  ? 3.509   2.473   -11.963 1.00 66.87  ? 24  ASN A CA     1 
ATOM   241 C  C      . ASN A 1 44  ? 4.008   2.290   -10.520 1.00 66.45  ? 24  ASN A C      1 
ATOM   242 O  O      . ASN A 1 44  ? 5.194   2.504   -10.239 1.00 68.02  ? 24  ASN A O      1 
ATOM   243 C  CB     . ASN A 1 44  ? 4.416   3.488   -12.675 1.00 60.59  ? 24  ASN A CB     1 
ATOM   244 C  CG     . ASN A 1 44  ? 3.936   3.826   -14.076 1.00 76.43  ? 24  ASN A CG     1 
ATOM   245 O  OD1    . ASN A 1 44  ? 3.705   2.938   -14.903 1.00 75.42  ? 24  ASN A OD1    1 
ATOM   246 N  ND2    . ASN A 1 44  ? 3.777   5.122   -14.348 1.00 73.87  ? 24  ASN A ND2    1 
ATOM   247 N  N      . PHE A 1 45  ? 3.106   1.898   -9.618  1.00 55.90  ? 25  PHE A N      1 
ATOM   248 C  CA     . PHE A 1 45  ? 3.476   1.474   -8.268  1.00 57.23  ? 25  PHE A CA     1 
ATOM   249 C  C      . PHE A 1 45  ? 3.615   -0.042  -8.204  1.00 59.89  ? 25  PHE A C      1 
ATOM   250 O  O      . PHE A 1 45  ? 2.803   -0.759  -8.780  1.00 52.77  ? 25  PHE A O      1 
ATOM   251 C  CB     . PHE A 1 45  ? 2.435   1.925   -7.234  1.00 54.64  ? 25  PHE A CB     1 
ATOM   252 C  CG     . PHE A 1 45  ? 2.387   3.405   -7.022  1.00 50.15  ? 25  PHE A CG     1 
ATOM   253 C  CD1    . PHE A 1 45  ? 3.430   4.061   -6.385  1.00 45.12  ? 25  PHE A CD1    1 
ATOM   254 C  CD2    . PHE A 1 45  ? 1.293   4.144   -7.445  1.00 46.40  ? 25  PHE A CD2    1 
ATOM   255 C  CE1    . PHE A 1 45  ? 3.379   5.430   -6.186  1.00 44.35  ? 25  PHE A CE1    1 
ATOM   256 C  CE2    . PHE A 1 45  ? 1.242   5.519   -7.253  1.00 50.49  ? 25  PHE A CE2    1 
ATOM   257 C  CZ     . PHE A 1 45  ? 2.282   6.158   -6.624  1.00 52.69  ? 25  PHE A CZ     1 
ATOM   258 N  N      . ARG A 1 46  ? 4.626   -0.527  -7.490  1.00 43.32  ? 26  ARG A N      1 
ATOM   259 C  CA     . ARG A 1 46  ? 4.799   -1.968  -7.277  1.00 48.48  ? 26  ARG A CA     1 
ATOM   260 C  C      . ARG A 1 46  ? 4.140   -2.347  -5.948  1.00 55.29  ? 26  ARG A C      1 
ATOM   261 O  O      . ARG A 1 46  ? 4.068   -1.520  -5.039  1.00 49.17  ? 26  ARG A O      1 
ATOM   262 C  CB     . ARG A 1 46  ? 6.288   -2.359  -7.278  1.00 45.32  ? 26  ARG A CB     1 
ATOM   263 C  CG     . ARG A 1 46  ? 6.888   -2.720  -8.650  1.00 44.55  ? 26  ARG A CG     1 
ATOM   264 C  CD     . ARG A 1 46  ? 6.875   -1.523  -9.606  1.00 52.08  ? 26  ARG A CD     1 
ATOM   265 N  NE     . ARG A 1 46  ? 7.728   -1.735  -10.775 1.00 52.19  ? 26  ARG A NE     1 
ATOM   266 C  CZ     . ARG A 1 46  ? 7.774   -0.919  -11.825 1.00 55.28  ? 26  ARG A CZ     1 
ATOM   267 N  NH1    . ARG A 1 46  ? 7.000   0.157   -11.857 1.00 58.20  ? 26  ARG A NH1    1 
ATOM   268 N  NH2    . ARG A 1 46  ? 8.585   -1.185  -12.847 1.00 49.65  ? 26  ARG A NH2    1 
ATOM   269 N  N      . ALA A 1 47  ? 3.661   -3.588  -5.820  1.00 44.36  ? 27  ALA A N      1 
ATOM   270 C  CA     . ALA A 1 47  ? 2.960   -3.998  -4.594  1.00 40.99  ? 27  ALA A CA     1 
ATOM   271 C  C      . ALA A 1 47  ? 3.055   -5.499  -4.320  1.00 41.78  ? 27  ALA A C      1 
ATOM   272 O  O      . ALA A 1 47  ? 3.190   -6.290  -5.240  1.00 42.33  ? 27  ALA A O      1 
ATOM   273 C  CB     . ALA A 1 47  ? 1.499   -3.589  -4.666  1.00 47.39  ? 27  ALA A CB     1 
ATOM   274 N  N      . THR A 1 48  ? 3.000   -5.862  -3.040  1.00 37.28  ? 28  THR A N      1 
ATOM   275 C  CA     . THR A 1 48  ? 2.936   -7.253  -2.615  1.00 44.19  ? 28  THR A CA     1 
ATOM   276 C  C      . THR A 1 48  ? 1.700   -7.391  -1.718  1.00 43.59  ? 28  THR A C      1 
ATOM   277 O  O      . THR A 1 48  ? 1.498   -6.555  -0.843  1.00 44.43  ? 28  THR A O      1 
ATOM   278 C  CB     . THR A 1 48  ? 4.223   -7.666  -1.877  1.00 38.83  ? 28  THR A CB     1 
ATOM   279 O  OG1    . THR A 1 48  ? 5.330   -7.614  -2.793  1.00 41.30  ? 28  THR A OG1    1 
ATOM   280 C  CG2    . THR A 1 48  ? 4.106   -9.081  -1.329  1.00 40.28  ? 28  THR A CG2    1 
ATOM   281 N  N      . LYS A 1 49  ? 0.861   -8.400  -1.969  1.00 38.53  ? 29  LYS A N      1 
ATOM   282 C  CA     . LYS A 1 49  ? -0.402  -8.577  -1.238  1.00 39.42  ? 29  LYS A CA     1 
ATOM   283 C  C      . LYS A 1 49  ? -0.361  -9.750  -0.273  1.00 44.34  ? 29  LYS A C      1 
ATOM   284 O  O      . LYS A 1 49  ? 0.160   -10.824 -0.603  1.00 46.11  ? 29  LYS A O      1 
ATOM   285 C  CB     . LYS A 1 49  ? -1.591  -8.828  -2.190  1.00 48.93  ? 29  LYS A CB     1 
ATOM   286 C  CG     . LYS A 1 49  ? -1.729  -7.922  -3.387  1.00 62.38  ? 29  LYS A CG     1 
ATOM   287 C  CD     . LYS A 1 49  ? -3.160  -7.997  -3.972  1.00 73.52  ? 29  LYS A CD     1 
ATOM   288 C  CE     . LYS A 1 49  ? -3.587  -9.391  -4.431  1.00 81.93  ? 29  LYS A CE     1 
ATOM   289 N  NZ     . LYS A 1 49  ? -4.249  -10.208 -3.365  1.00 83.57  ? 29  LYS A NZ     1 
ATOM   290 N  N      . LEU A 1 50  ? -0.989  -9.558  0.882   1.00 39.73  ? 30  LEU A N      1 
ATOM   291 C  CA     . LEU A 1 50  ? -1.053  -10.556 1.958   1.00 47.11  ? 30  LEU A CA     1 
ATOM   292 C  C      . LEU A 1 50  ? -2.517  -10.810 2.296   1.00 44.44  ? 30  LEU A C      1 
ATOM   293 O  O      . LEU A 1 50  ? -3.233  -9.870  2.615   1.00 46.16  ? 30  LEU A O      1 
ATOM   294 C  CB     . LEU A 1 50  ? -0.320  -10.063 3.236   1.00 36.23  ? 30  LEU A CB     1 
ATOM   295 C  CG     . LEU A 1 50  ? 1.190   -9.906  3.354   1.00 48.64  ? 30  LEU A CG     1 
ATOM   296 C  CD1    . LEU A 1 50  ? 1.758   -9.084  2.197   1.00 41.34  ? 30  LEU A CD1    1 
ATOM   297 C  CD2    . LEU A 1 50  ? 1.533   -9.224  4.680   1.00 49.04  ? 30  LEU A CD2    1 
ATOM   298 N  N      . ALA A 1 51  ? -2.971  -12.054 2.235   1.00 48.81  ? 31  ALA A N      1 
ATOM   299 C  CA     . ALA A 1 51  ? -4.295  -12.385 2.765   1.00 48.80  ? 31  ALA A CA     1 
ATOM   300 C  C      . ALA A 1 51  ? -4.194  -12.315 4.280   1.00 52.52  ? 31  ALA A C      1 
ATOM   301 O  O      . ALA A 1 51  ? -3.418  -13.059 4.885   1.00 50.58  ? 31  ALA A O      1 
ATOM   302 C  CB     . ALA A 1 51  ? -4.749  -13.750 2.290   1.00 56.58  ? 31  ALA A CB     1 
ATOM   303 N  N      . THR A 1 52  ? -4.933  -11.400 4.900   1.00 42.86  ? 32  THR A N      1 
ATOM   304 C  CA     . THR A 1 52  ? -4.857  -11.275 6.354   1.00 42.39  ? 32  THR A CA     1 
ATOM   305 C  C      . THR A 1 52  ? -6.226  -11.433 6.983   1.00 46.73  ? 32  THR A C      1 
ATOM   306 O  O      . THR A 1 52  ? -7.200  -11.720 6.305   1.00 45.12  ? 32  THR A O      1 
ATOM   307 C  CB     . THR A 1 52  ? -4.260  -9.934  6.780   1.00 40.91  ? 32  THR A CB     1 
ATOM   308 O  OG1    . THR A 1 52  ? -4.932  -8.868  6.100   1.00 47.72  ? 32  THR A OG1    1 
ATOM   309 C  CG2    . THR A 1 52  ? -2.792  -9.880  6.402   1.00 41.18  ? 32  THR A CG2    1 
ATOM   310 N  N      . THR A 1 53  ? -6.291  -11.248 8.292   1.00 43.43  ? 33  THR A N      1 
ATOM   311 C  CA     A THR A 1 53  ? -7.579  -11.256 8.957   0.55 37.07  ? 33  THR A CA     1 
ATOM   312 C  CA     B THR A 1 53  ? -7.550  -11.328 9.019   0.45 40.47  ? 33  THR A CA     1 
ATOM   313 C  C      . THR A 1 53  ? -7.576  -10.229 10.085  1.00 47.47  ? 33  THR A C      1 
ATOM   314 O  O      . THR A 1 53  ? -6.526  -9.901  10.660  1.00 45.83  ? 33  THR A O      1 
ATOM   315 C  CB     A THR A 1 53  ? -7.934  -12.658 9.487   0.55 47.08  ? 33  THR A CB     1 
ATOM   316 C  CB     B THR A 1 53  ? -7.720  -12.721 9.657   0.45 47.66  ? 33  THR A CB     1 
ATOM   317 O  OG1    A THR A 1 53  ? -9.336  -12.726 9.739   0.55 51.53  ? 33  THR A OG1    1 
ATOM   318 O  OG1    B THR A 1 53  ? -7.739  -13.715 8.622   0.45 42.57  ? 33  THR A OG1    1 
ATOM   319 C  CG2    A THR A 1 53  ? -7.179  -12.975 10.753  0.55 36.59  ? 33  THR A CG2    1 
ATOM   320 C  CG2    B THR A 1 53  ? -9.002  -12.809 10.452  0.45 50.27  ? 33  THR A CG2    1 
ATOM   321 N  N      . GLY A 1 54  ? -8.751  -9.659  10.346  1.00 50.11  ? 34  GLY A N      1 
ATOM   322 C  CA     . GLY A 1 54  ? -8.875  -8.590  11.327  1.00 48.90  ? 34  GLY A CA     1 
ATOM   323 C  C      . GLY A 1 54  ? -8.972  -9.124  12.743  1.00 45.47  ? 34  GLY A C      1 
ATOM   324 O  O      . GLY A 1 54  ? -9.570  -10.168 12.979  1.00 51.01  ? 34  GLY A O      1 
ATOM   325 N  N      . GLY A 1 55  ? -8.379  -8.414  13.693  1.00 48.76  ? 35  GLY A N      1 
ATOM   326 C  CA     . GLY A 1 55  ? -8.389  -8.870  15.070  1.00 50.23  ? 35  GLY A CA     1 
ATOM   327 C  C      . GLY A 1 55  ? -9.761  -8.796  15.699  1.00 54.63  ? 35  GLY A C      1 
ATOM   328 O  O      . GLY A 1 55  ? -10.108 -9.630  16.535  1.00 51.71  ? 35  GLY A O      1 
ATOM   329 N  N      . PHE A 1 56  ? -10.551 -7.799  15.298  1.00 43.26  ? 36  PHE A N      1 
ATOM   330 C  CA     . PHE A 1 56  ? -11.836 -7.558  15.942  1.00 54.86  ? 36  PHE A CA     1 
ATOM   331 C  C      . PHE A 1 56  ? -12.973 -8.389  15.341  1.00 55.13  ? 36  PHE A C      1 
ATOM   332 O  O      . PHE A 1 56  ? -13.674 -9.102  16.058  1.00 53.68  ? 36  PHE A O      1 
ATOM   333 C  CB     . PHE A 1 56  ? -12.186 -6.067  15.883  1.00 53.64  ? 36  PHE A CB     1 
ATOM   334 C  CG     . PHE A 1 56  ? -13.448 -5.712  16.624  1.00 59.43  ? 36  PHE A CG     1 
ATOM   335 C  CD1    . PHE A 1 56  ? -13.466 -5.670  18.007  1.00 62.36  ? 36  PHE A CD1    1 
ATOM   336 C  CD2    . PHE A 1 56  ? -14.616 -5.415  15.936  1.00 61.67  ? 36  PHE A CD2    1 
ATOM   337 C  CE1    . PHE A 1 56  ? -14.629 -5.344  18.697  1.00 78.20  ? 36  PHE A CE1    1 
ATOM   338 C  CE2    . PHE A 1 56  ? -15.786 -5.089  16.616  1.00 68.06  ? 36  PHE A CE2    1 
ATOM   339 C  CZ     . PHE A 1 56  ? -15.794 -5.051  17.999  1.00 70.85  ? 36  PHE A CZ     1 
ATOM   340 N  N      . LEU A 1 57  ? -13.167 -8.301  14.029  1.00 52.39  ? 37  LEU A N      1 
ATOM   341 C  CA     . LEU A 1 57  ? -14.289 -9.002  13.407  1.00 62.84  ? 37  LEU A CA     1 
ATOM   342 C  C      . LEU A 1 57  ? -13.896 -10.418 12.998  1.00 61.03  ? 37  LEU A C      1 
ATOM   343 O  O      . LEU A 1 57  ? -14.760 -11.248 12.711  1.00 57.93  ? 37  LEU A O      1 
ATOM   344 C  CB     . LEU A 1 57  ? -14.806 -8.217  12.201  1.00 59.58  ? 37  LEU A CB     1 
ATOM   345 C  CG     . LEU A 1 57  ? -15.460 -6.893  12.590  1.00 56.37  ? 37  LEU A CG     1 
ATOM   346 C  CD1    . LEU A 1 57  ? -15.935 -6.144  11.358  1.00 65.60  ? 37  LEU A CD1    1 
ATOM   347 C  CD2    . LEU A 1 57  ? -16.600 -7.127  13.557  1.00 56.08  ? 37  LEU A CD2    1 
ATOM   348 N  N      . ARG A 1 58  ? -12.590 -10.674 12.972  1.00 54.20  ? 38  ARG A N      1 
ATOM   349 C  CA     . ARG A 1 58  ? -12.040 -11.991 12.662  1.00 59.58  ? 38  ARG A CA     1 
ATOM   350 C  C      . ARG A 1 58  ? -12.518 -12.503 11.306  1.00 66.12  ? 38  ARG A C      1 
ATOM   351 O  O      . ARG A 1 58  ? -12.880 -13.676 11.149  1.00 56.28  ? 38  ARG A O      1 
ATOM   352 C  CB     . ARG A 1 58  ? -12.380 -12.983 13.784  1.00 70.06  ? 38  ARG A CB     1 
ATOM   353 C  CG     . ARG A 1 58  ? -11.479 -12.810 15.007  1.00 85.51  ? 38  ARG A CG     1 
ATOM   354 C  CD     . ARG A 1 58  ? -11.952 -13.581 16.231  1.00 102.16 ? 38  ARG A CD     1 
ATOM   355 N  NE     . ARG A 1 58  ? -11.150 -13.237 17.407  1.00 106.42 ? 38  ARG A NE     1 
ATOM   356 C  CZ     . ARG A 1 58  ? -11.367 -12.181 18.187  1.00 104.08 ? 38  ARG A CZ     1 
ATOM   357 N  NH1    . ARG A 1 58  ? -12.378 -11.359 17.940  1.00 104.72 ? 38  ARG A NH1    1 
ATOM   358 N  NH2    . ARG A 1 58  ? -10.578 -11.953 19.225  1.00 101.28 ? 38  ARG A NH2    1 
ATOM   359 N  N      . ALA A 1 59  ? -12.517 -11.605 10.330  1.00 55.65  ? 39  ALA A N      1 
ATOM   360 C  CA     . ALA A 1 59  ? -12.875 -11.950 8.961   1.00 61.14  ? 39  ALA A CA     1 
ATOM   361 C  C      . ALA A 1 59  ? -11.727 -11.584 8.043   1.00 56.78  ? 39  ALA A C      1 
ATOM   362 O  O      . ALA A 1 59  ? -10.873 -10.763 8.399   1.00 50.14  ? 39  ALA A O      1 
ATOM   363 C  CB     . ALA A 1 59  ? -14.149 -11.239 8.538   1.00 67.91  ? 39  ALA A CB     1 
ATOM   364 N  N      . GLY A 1 60  ? -11.694 -12.194 6.868   1.00 51.33  ? 40  GLY A N      1 
ATOM   365 C  CA     . GLY A 1 60  ? -10.584 -11.970 5.963   1.00 50.02  ? 40  GLY A CA     1 
ATOM   366 C  C      . GLY A 1 60  ? -10.513 -10.528 5.502   1.00 49.51  ? 40  GLY A C      1 
ATOM   367 O  O      . GLY A 1 60  ? -11.536 -9.875  5.306   1.00 51.99  ? 40  GLY A O      1 
ATOM   368 N  N      . ASN A 1 61  ? -9.300  -10.011 5.375   1.00 46.70  ? 41  ASN A N      1 
ATOM   369 C  CA     . ASN A 1 61  ? -9.089  -8.758  4.663   1.00 50.70  ? 41  ASN A CA     1 
ATOM   370 C  C      . ASN A 1 61  ? -7.745  -8.859  3.945   1.00 47.75  ? 41  ASN A C      1 
ATOM   371 O  O      . ASN A 1 61  ? -7.121  -9.913  3.945   1.00 42.06  ? 41  ASN A O      1 
ATOM   372 C  CB     . ASN A 1 61  ? -9.175  -7.529  5.593   1.00 55.55  ? 41  ASN A CB     1 
ATOM   373 C  CG     . ASN A 1 61  ? -8.313  -7.644  6.852   1.00 54.05  ? 41  ASN A CG     1 
ATOM   374 O  OD1    . ASN A 1 61  ? -7.328  -8.387  6.899   1.00 41.11  ? 41  ASN A OD1    1 
ATOM   375 N  ND2    . ASN A 1 61  ? -8.687  -6.881  7.888   1.00 48.11  ? 41  ASN A ND2    1 
ATOM   376 N  N      . THR A 1 62  ? -7.331  -7.798  3.276   1.00 43.64  ? 42  THR A N      1 
ATOM   377 C  CA     . THR A 1 62  ? -6.110  -7.860  2.476   1.00 39.58  ? 42  THR A CA     1 
ATOM   378 C  C      . THR A 1 62  ? -5.121  -6.790  2.920   1.00 40.47  ? 42  THR A C      1 
ATOM   379 O  O      . THR A 1 62  ? -5.496  -5.626  3.112   1.00 43.88  ? 42  THR A O      1 
ATOM   380 C  CB     . THR A 1 62  ? -6.428  -7.691  0.970   1.00 42.03  ? 42  THR A CB     1 
ATOM   381 O  OG1    . THR A 1 62  ? -7.326  -8.722  0.554   1.00 45.99  ? 42  THR A OG1    1 
ATOM   382 C  CG2    . THR A 1 62  ? -5.163  -7.764  0.120   1.00 40.08  ? 42  THR A CG2    1 
ATOM   383 N  N      . THR A 1 63  ? -3.861  -7.181  3.098   1.00 43.23  ? 43  THR A N      1 
ATOM   384 C  CA     . THR A 1 63  ? -2.813  -6.218  3.404   1.00 40.55  ? 43  THR A CA     1 
ATOM   385 C  C      . THR A 1 63  ? -1.840  -6.097  2.223   1.00 41.32  ? 43  THR A C      1 
ATOM   386 O  O      . THR A 1 63  ? -1.320  -7.104  1.732   1.00 42.34  ? 43  THR A O      1 
ATOM   387 C  CB     . THR A 1 63  ? -2.068  -6.610  4.704   1.00 43.13  ? 43  THR A CB     1 
ATOM   388 O  OG1    . THR A 1 63  ? -3.019  -6.688  5.772   1.00 42.84  ? 43  THR A OG1    1 
ATOM   389 C  CG2    . THR A 1 63  ? -1.024  -5.562  5.091   1.00 30.64  ? 43  THR A CG2    1 
ATOM   390 N  N      . PHE A 1 64  ? -1.648  -4.862  1.742   1.00 36.34  ? 44  PHE A N      1 
ATOM   391 C  CA     . PHE A 1 64  ? -0.667  -4.544  0.702   1.00 32.51  ? 44  PHE A CA     1 
ATOM   392 C  C      . PHE A 1 64  ? 0.619   -3.983  1.310   1.00 38.99  ? 44  PHE A C      1 
ATOM   393 O  O      . PHE A 1 64  ? 0.575   -3.126  2.211   1.00 38.71  ? 44  PHE A O      1 
ATOM   394 C  CB     . PHE A 1 64  ? -1.204  -3.497  -0.287  1.00 30.29  ? 44  PHE A CB     1 
ATOM   395 C  CG     . PHE A 1 64  ? -2.247  -4.009  -1.243  1.00 40.30  ? 44  PHE A CG     1 
ATOM   396 C  CD1    . PHE A 1 64  ? -3.548  -4.231  -0.825  1.00 49.03  ? 44  PHE A CD1    1 
ATOM   397 C  CD2    . PHE A 1 64  ? -1.937  -4.198  -2.583  1.00 45.03  ? 44  PHE A CD2    1 
ATOM   398 C  CE1    . PHE A 1 64  ? -4.514  -4.694  -1.721  1.00 42.92  ? 44  PHE A CE1    1 
ATOM   399 C  CE2    . PHE A 1 64  ? -2.897  -4.647  -3.480  1.00 53.28  ? 44  PHE A CE2    1 
ATOM   400 C  CZ     . PHE A 1 64  ? -4.183  -4.892  -3.048  1.00 45.63  ? 44  PHE A CZ     1 
ATOM   401 N  N      . LEU A 1 65  ? 1.760   -4.431  0.794   1.00 38.52  ? 45  LEU A N      1 
ATOM   402 C  CA     . LEU A 1 65  ? 3.040   -3.783  1.094   1.00 37.47  ? 45  LEU A CA     1 
ATOM   403 C  C      . LEU A 1 65  ? 3.554   -3.041  -0.151  1.00 38.20  ? 45  LEU A C      1 
ATOM   404 O  O      . LEU A 1 65  ? 3.718   -3.647  -1.205  1.00 40.70  ? 45  LEU A O      1 
ATOM   405 C  CB     . LEU A 1 65  ? 4.066   -4.817  1.570   1.00 36.45  ? 45  LEU A CB     1 
ATOM   406 C  CG     . LEU A 1 65  ? 3.633   -5.773  2.691   1.00 43.26  ? 45  LEU A CG     1 
ATOM   407 C  CD1    . LEU A 1 65  ? 4.742   -6.830  2.941   1.00 39.20  ? 45  LEU A CD1    1 
ATOM   408 C  CD2    . LEU A 1 65  ? 3.282   -5.002  3.987   1.00 32.28  ? 45  LEU A CD2    1 
ATOM   409 N  N      . CYS A 1 66  ? 3.782   -1.728  -0.039  1.00 37.05  ? 46  CYS A N      1 
ATOM   410 C  CA     . CYS A 1 66  ? 4.204   -0.916  -1.186  1.00 39.08  ? 46  CYS A CA     1 
ATOM   411 C  C      . CYS A 1 66  ? 5.435   -0.071  -0.869  1.00 39.95  ? 46  CYS A C      1 
ATOM   412 O  O      . CYS A 1 66  ? 5.350   0.887   -0.104  1.00 36.60  ? 46  CYS A O      1 
ATOM   413 C  CB     . CYS A 1 66  ? 3.082   0.019   -1.643  1.00 42.64  ? 46  CYS A CB     1 
ATOM   414 S  SG     . CYS A 1 66  ? 1.568   -0.804  -2.163  1.00 46.71  ? 46  CYS A SG     1 
ATOM   415 N  N      . GLY A 1 67  ? 6.569   -0.442  -1.446  1.00 34.81  ? 47  GLY A N      1 
ATOM   416 C  CA     . GLY A 1 67  ? 7.787   0.344   -1.318  1.00 36.37  ? 47  GLY A CA     1 
ATOM   417 C  C      . GLY A 1 67  ? 7.718   1.446   -2.355  1.00 37.80  ? 47  GLY A C      1 
ATOM   418 O  O      . GLY A 1 67  ? 7.556   1.187   -3.560  1.00 39.56  ? 47  GLY A O      1 
ATOM   419 N  N      . VAL A 1 68  ? 7.828   2.684   -1.894  1.00 36.13  ? 48  VAL A N      1 
ATOM   420 C  CA     A VAL A 1 68  ? 7.693   3.821   -2.785  0.56 42.78  ? 48  VAL A CA     1 
ATOM   421 C  CA     B VAL A 1 68  ? 7.636   3.852   -2.747  0.44 42.62  ? 48  VAL A CA     1 
ATOM   422 C  C      . VAL A 1 68  ? 8.665   4.949   -2.438  1.00 41.67  ? 48  VAL A C      1 
ATOM   423 O  O      . VAL A 1 68  ? 9.024   5.160   -1.274  1.00 37.74  ? 48  VAL A O      1 
ATOM   424 C  CB     A VAL A 1 68  ? 6.253   4.362   -2.763  0.56 44.45  ? 48  VAL A CB     1 
ATOM   425 C  CB     B VAL A 1 68  ? 6.201   4.425   -2.578  0.44 42.98  ? 48  VAL A CB     1 
ATOM   426 C  CG1    A VAL A 1 68  ? 6.002   5.184   -1.503  0.56 36.16  ? 48  VAL A CG1    1 
ATOM   427 C  CG1    B VAL A 1 68  ? 6.028   5.715   -3.351  0.44 49.98  ? 48  VAL A CG1    1 
ATOM   428 C  CG2    A VAL A 1 68  ? 5.980   5.178   -4.008  0.56 52.95  ? 48  VAL A CG2    1 
ATOM   429 C  CG2    B VAL A 1 68  ? 5.147   3.409   -3.016  0.44 29.84  ? 48  VAL A CG2    1 
ATOM   430 N  N      . ASN A 1 69  ? 9.119   5.648   -3.467  1.00 48.81  ? 49  ASN A N      1 
ATOM   431 C  CA     . ASN A 1 69  ? 9.959   6.824   -3.283  1.00 48.97  ? 49  ASN A CA     1 
ATOM   432 C  C      . ASN A 1 69  ? 9.189   7.899   -2.513  1.00 48.67  ? 49  ASN A C      1 
ATOM   433 O  O      . ASN A 1 69  ? 7.996   8.109   -2.748  1.00 47.58  ? 49  ASN A O      1 
ATOM   434 C  CB     . ASN A 1 69  ? 10.429  7.365   -4.633  1.00 54.70  ? 49  ASN A CB     1 
ATOM   435 C  CG     . ASN A 1 69  ? 11.396  8.530   -4.495  1.00 78.93  ? 49  ASN A CG     1 
ATOM   436 O  OD1    . ASN A 1 69  ? 11.000  9.649   -4.168  1.00 86.25  ? 49  ASN A OD1    1 
ATOM   437 N  ND2    . ASN A 1 69  ? 12.670  8.273   -4.753  1.00 84.60  ? 49  ASN A ND2    1 
ATOM   438 N  N      . ASP A 1 70  ? 9.877   8.556   -1.585  1.00 49.49  ? 50  ASP A N      1 
ATOM   439 C  CA     . ASP A 1 70  ? 9.303   9.614   -0.755  1.00 52.37  ? 50  ASP A CA     1 
ATOM   440 C  C      . ASP A 1 70  ? 8.479   10.614  -1.577  1.00 49.82  ? 50  ASP A C      1 
ATOM   441 O  O      . ASP A 1 70  ? 7.414   11.060  -1.141  1.00 49.98  ? 50  ASP A O      1 
ATOM   442 C  CB     . ASP A 1 70  ? 10.432  10.331  -0.003  1.00 73.54  ? 50  ASP A CB     1 
ATOM   443 C  CG     . ASP A 1 70  ? 9.942   11.490  0.838   1.00 93.86  ? 50  ASP A CG     1 
ATOM   444 O  OD1    . ASP A 1 70  ? 9.215   11.251  1.829   1.00 89.84  ? 50  ASP A OD1    1 
ATOM   445 O  OD2    . ASP A 1 70  ? 10.300  12.644  0.512   1.00 107.97 ? 50  ASP A OD2    1 
ATOM   446 N  N      . ASP A 1 71  ? 8.970   10.935  -2.772  1.00 47.15  ? 51  ASP A N      1 
ATOM   447 C  CA     . ASP A 1 71  ? 8.326   11.902  -3.662  1.00 52.88  ? 51  ASP A CA     1 
ATOM   448 C  C      . ASP A 1 71  ? 6.912   11.496  -4.092  1.00 50.47  ? 51  ASP A C      1 
ATOM   449 O  O      . ASP A 1 71  ? 6.144   12.328  -4.561  1.00 48.25  ? 51  ASP A O      1 
ATOM   450 C  CB     . ASP A 1 71  ? 9.178   12.119  -4.924  1.00 48.50  ? 51  ASP A CB     1 
ATOM   451 C  CG     . ASP A 1 71  ? 10.574  12.652  -4.614  1.00 80.49  ? 51  ASP A CG     1 
ATOM   452 O  OD1    . ASP A 1 71  ? 10.823  13.072  -3.459  1.00 78.55  ? 51  ASP A OD1    1 
ATOM   453 O  OD2    . ASP A 1 71  ? 11.425  12.654  -5.533  1.00 94.22  ? 51  ASP A OD2    1 
ATOM   454 N  N      . ARG A 1 72  ? 6.573   10.222  -3.968  1.00 46.09  ? 52  ARG A N      1 
ATOM   455 C  CA     . ARG A 1 72  ? 5.293   9.749   -4.499  1.00 54.23  ? 52  ARG A CA     1 
ATOM   456 C  C      . ARG A 1 72  ? 4.297   9.284   -3.426  1.00 50.07  ? 52  ARG A C      1 
ATOM   457 O  O      . ARG A 1 72  ? 3.271   8.682   -3.747  1.00 48.19  ? 52  ARG A O      1 
ATOM   458 C  CB     . ARG A 1 72  ? 5.525   8.608   -5.495  1.00 54.55  ? 52  ARG A CB     1 
ATOM   459 C  CG     . ARG A 1 72  ? 6.369   8.967   -6.696  1.00 61.58  ? 52  ARG A CG     1 
ATOM   460 C  CD     . ARG A 1 72  ? 6.340   7.848   -7.744  1.00 66.38  ? 52  ARG A CD     1 
ATOM   461 N  NE     . ARG A 1 72  ? 5.084   7.827   -8.490  1.00 66.15  ? 52  ARG A NE     1 
ATOM   462 C  CZ     . ARG A 1 72  ? 4.569   6.754   -9.093  1.00 62.25  ? 52  ARG A CZ     1 
ATOM   463 N  NH1    . ARG A 1 72  ? 5.185   5.580   -9.051  1.00 56.99  ? 52  ARG A NH1    1 
ATOM   464 N  NH2    . ARG A 1 72  ? 3.423   6.860   -9.747  1.00 57.81  ? 52  ARG A NH2    1 
ATOM   465 N  N      . VAL A 1 73  ? 4.591   9.566   -2.162  1.00 45.60  ? 53  VAL A N      1 
ATOM   466 C  CA     . VAL A 1 73  ? 3.720   9.133   -1.071  1.00 44.99  ? 53  VAL A CA     1 
ATOM   467 C  C      . VAL A 1 73  ? 2.326   9.775   -1.142  1.00 47.98  ? 53  VAL A C      1 
ATOM   468 O  O      . VAL A 1 73  ? 1.332   9.087   -0.941  1.00 43.20  ? 53  VAL A O      1 
ATOM   469 C  CB     . VAL A 1 73  ? 4.369   9.412   0.320   1.00 39.58  ? 53  VAL A CB     1 
ATOM   470 C  CG1    . VAL A 1 73  ? 3.375   9.171   1.477   1.00 35.78  ? 53  VAL A CG1    1 
ATOM   471 C  CG2    . VAL A 1 73  ? 5.602   8.515   0.513   1.00 37.89  ? 53  VAL A CG2    1 
ATOM   472 N  N      . ASP A 1 74  ? 2.235   11.071  -1.438  1.00 45.39  ? 54  ASP A N      1 
ATOM   473 C  CA     . ASP A 1 74  ? 0.920   11.706  -1.531  1.00 49.85  ? 54  ASP A CA     1 
ATOM   474 C  C      . ASP A 1 74  ? 0.115   11.067  -2.658  1.00 52.93  ? 54  ASP A C      1 
ATOM   475 O  O      . ASP A 1 74  ? -1.064  10.734  -2.497  1.00 50.45  ? 54  ASP A O      1 
ATOM   476 C  CB     . ASP A 1 74  ? 1.038   13.218  -1.764  1.00 48.22  ? 54  ASP A CB     1 
ATOM   477 C  CG     . ASP A 1 74  ? 1.593   13.943  -0.561  1.00 58.81  ? 54  ASP A CG     1 
ATOM   478 O  OD1    . ASP A 1 74  ? 1.398   13.447  0.569   1.00 61.93  ? 54  ASP A OD1    1 
ATOM   479 O  OD2    . ASP A 1 74  ? 2.226   15.000  -0.743  1.00 73.80  ? 54  ASP A OD2    1 
ATOM   480 N  N      . GLU A 1 75  ? 0.777   10.899  -3.793  1.00 43.21  ? 55  GLU A N      1 
ATOM   481 C  CA     . GLU A 1 75  ? 0.187   10.230  -4.942  1.00 54.02  ? 55  GLU A CA     1 
ATOM   482 C  C      . GLU A 1 75  ? -0.390  8.847   -4.592  1.00 51.64  ? 55  GLU A C      1 
ATOM   483 O  O      . GLU A 1 75  ? -1.534  8.551   -4.932  1.00 53.37  ? 55  GLU A O      1 
ATOM   484 C  CB     . GLU A 1 75  ? 1.234   10.108  -6.042  1.00 51.45  ? 55  GLU A CB     1 
ATOM   485 C  CG     . GLU A 1 75  ? 0.698   9.685   -7.372  1.00 68.88  ? 55  GLU A CG     1 
ATOM   486 C  CD     . GLU A 1 75  ? 1.795   9.575   -8.402  1.00 75.31  ? 55  GLU A CD     1 
ATOM   487 O  OE1    . GLU A 1 75  ? 2.893   10.139  -8.167  1.00 69.23  ? 55  GLU A OE1    1 
ATOM   488 O  OE2    . GLU A 1 75  ? 1.555   8.924   -9.441  1.00 75.78  ? 55  GLU A OE2    1 
ATOM   489 N  N      . ILE A 1 76  ? 0.373   8.006   -3.901  1.00 45.83  ? 56  ILE A N      1 
ATOM   490 C  CA     . ILE A 1 76  ? -0.139  6.663   -3.629  1.00 48.39  ? 56  ILE A CA     1 
ATOM   491 C  C      . ILE A 1 76  ? -1.256  6.687   -2.580  1.00 55.21  ? 56  ILE A C      1 
ATOM   492 O  O      . ILE A 1 76  ? -2.187  5.873   -2.655  1.00 48.09  ? 56  ILE A O      1 
ATOM   493 C  CB     . ILE A 1 76  ? 0.964   5.679   -3.203  1.00 42.52  ? 56  ILE A CB     1 
ATOM   494 C  CG1    . ILE A 1 76  ? 0.468   4.234   -3.396  1.00 49.17  ? 56  ILE A CG1    1 
ATOM   495 C  CG2    . ILE A 1 76  ? 1.476   5.936   -1.744  1.00 44.39  ? 56  ILE A CG2    1 
ATOM   496 C  CD1    . ILE A 1 76  ? 1.527   3.164   -3.211  1.00 46.33  ? 56  ILE A CD1    1 
ATOM   497 N  N      . LEU A 1 77  ? -1.204  7.633   -1.640  1.00 48.37  ? 57  LEU A N      1 
ATOM   498 C  CA     . LEU A 1 77  ? -2.262  7.739   -0.625  1.00 49.42  ? 57  LEU A CA     1 
ATOM   499 C  C      . LEU A 1 77  ? -3.566  8.088   -1.317  1.00 54.51  ? 57  LEU A C      1 
ATOM   500 O  O      . LEU A 1 77  ? -4.636  7.573   -0.975  1.00 50.28  ? 57  LEU A O      1 
ATOM   501 C  CB     . LEU A 1 77  ? -1.933  8.796   0.432   1.00 53.35  ? 57  LEU A CB     1 
ATOM   502 C  CG     . LEU A 1 77  ? -0.789  8.522   1.408   1.00 48.47  ? 57  LEU A CG     1 
ATOM   503 C  CD1    . LEU A 1 77  ? -0.683  9.659   2.410   1.00 52.83  ? 57  LEU A CD1    1 
ATOM   504 C  CD2    . LEU A 1 77  ? -0.954  7.192   2.127   1.00 47.63  ? 57  LEU A CD2    1 
ATOM   505 N  N      . SER A 1 78  ? -3.456  8.964   -2.308  1.00 47.40  ? 58  SER A N      1 
ATOM   506 C  CA     . SER A 1 78  ? -4.591  9.374   -3.113  1.00 50.98  ? 58  SER A CA     1 
ATOM   507 C  C      . SER A 1 78  ? -5.247  8.204   -3.853  1.00 62.16  ? 58  SER A C      1 
ATOM   508 O  O      . SER A 1 78  ? -6.473  8.131   -3.948  1.00 54.09  ? 58  SER A O      1 
ATOM   509 C  CB     . SER A 1 78  ? -4.153  10.440  -4.111  1.00 61.33  ? 58  SER A CB     1 
ATOM   510 O  OG     . SER A 1 78  ? -5.243  10.856  -4.907  1.00 81.17  ? 58  SER A OG     1 
ATOM   511 N  N      . VAL A 1 79  ? -4.432  7.297   -4.387  1.00 52.05  ? 59  VAL A N      1 
ATOM   512 C  CA     . VAL A 1 79  ? -4.948  6.117   -5.078  1.00 53.03  ? 59  VAL A CA     1 
ATOM   513 C  C      . VAL A 1 79  ? -5.718  5.209   -4.111  1.00 48.91  ? 59  VAL A C      1 
ATOM   514 O  O      . VAL A 1 79  ? -6.814  4.721   -4.437  1.00 51.28  ? 59  VAL A O      1 
ATOM   515 C  CB     . VAL A 1 79  ? -3.806  5.311   -5.749  1.00 61.94  ? 59  VAL A CB     1 
ATOM   516 C  CG1    . VAL A 1 79  ? -4.320  3.977   -6.295  1.00 51.30  ? 59  VAL A CG1    1 
ATOM   517 C  CG2    . VAL A 1 79  ? -3.149  6.127   -6.858  1.00 57.31  ? 59  VAL A CG2    1 
ATOM   518 N  N      . ILE A 1 80  ? -5.146  5.003   -2.926  1.00 47.08  ? 60  ILE A N      1 
ATOM   519 C  CA     . ILE A 1 80  ? -5.748  4.148   -1.894  1.00 51.27  ? 60  ILE A CA     1 
ATOM   520 C  C      . ILE A 1 80  ? -7.084  4.728   -1.453  1.00 57.94  ? 60  ILE A C      1 
ATOM   521 O  O      . ILE A 1 80  ? -8.094  4.023   -1.377  1.00 64.54  ? 60  ILE A O      1 
ATOM   522 C  CB     . ILE A 1 80  ? -4.819  3.987   -0.681  1.00 53.57  ? 60  ILE A CB     1 
ATOM   523 C  CG1    . ILE A 1 80  ? -3.512  3.313   -1.104  1.00 51.61  ? 60  ILE A CG1    1 
ATOM   524 C  CG2    . ILE A 1 80  ? -5.471  3.164   0.431   1.00 38.67  ? 60  ILE A CG2    1 
ATOM   525 C  CD1    . ILE A 1 80  ? -2.401  3.499   -0.093  1.00 43.52  ? 60  ILE A CD1    1 
ATOM   526 N  N      . ASN A 1 81  ? -7.085  6.032   -1.199  1.00 46.82  ? 61  ASN A N      1 
ATOM   527 C  CA     . ASN A 1 81  ? -8.298  6.734   -0.823  1.00 52.16  ? 61  ASN A CA     1 
ATOM   528 C  C      . ASN A 1 81  ? -9.394  6.632   -1.873  1.00 58.70  ? 61  ASN A C      1 
ATOM   529 O  O      . ASN A 1 81  ? -10.553 6.423   -1.534  1.00 57.04  ? 61  ASN A O      1 
ATOM   530 C  CB     . ASN A 1 81  ? -7.979  8.196   -0.545  1.00 59.35  ? 61  ASN A CB     1 
ATOM   531 C  CG     . ASN A 1 81  ? -9.169  8.955   -0.025  1.00 62.43  ? 61  ASN A CG     1 
ATOM   532 O  OD1    . ASN A 1 81  ? -9.923  8.454   0.804   1.00 65.20  ? 61  ASN A OD1    1 
ATOM   533 N  ND2    . ASN A 1 81  ? -9.342  10.179  -0.504  1.00 70.73  ? 61  ASN A ND2    1 
ATOM   534 N  N      . GLN A 1 82  ? -9.039  6.786   -3.146  1.00 65.25  ? 62  GLN A N      1 
ATOM   535 C  CA     . GLN A 1 82  ? -10.030 6.698   -4.222  1.00 60.22  ? 62  GLN A CA     1 
ATOM   536 C  C      . GLN A 1 82  ? -10.611 5.294   -4.389  1.00 62.39  ? 62  GLN A C      1 
ATOM   537 O  O      . GLN A 1 82  ? -11.823 5.136   -4.519  1.00 71.72  ? 62  GLN A O      1 
ATOM   538 C  CB     . GLN A 1 82  ? -9.427  7.153   -5.550  1.00 71.20  ? 62  GLN A CB     1 
ATOM   539 C  CG     . GLN A 1 82  ? -8.946  8.592   -5.578  0.82 77.52  ? 62  GLN A CG     1 
ATOM   540 C  CD     . GLN A 1 82  ? -8.707  9.078   -6.990  0.29 73.38  ? 62  GLN A CD     1 
ATOM   541 O  OE1    . GLN A 1 82  ? -9.645  9.265   -7.766  0.84 88.20  ? 62  GLN A OE1    1 
ATOM   542 N  NE2    . GLN A 1 82  ? -7.439  9.264   -7.341  0.65 65.97  ? 62  GLN A NE2    1 
ATOM   543 N  N      . THR A 1 83  ? -9.752  4.276   -4.372  1.00 55.69  ? 63  THR A N      1 
ATOM   544 C  CA     . THR A 1 83  ? -10.198 2.916   -4.657  1.00 67.04  ? 63  THR A CA     1 
ATOM   545 C  C      . THR A 1 83  ? -10.791 2.226   -3.427  1.00 67.11  ? 63  THR A C      1 
ATOM   546 O  O      . THR A 1 83  ? -11.743 1.458   -3.527  1.00 60.99  ? 63  THR A O      1 
ATOM   547 C  CB     . THR A 1 83  ? -9.046  2.065   -5.201  1.00 61.72  ? 63  THR A CB     1 
ATOM   548 O  OG1    . THR A 1 83  ? -7.940  2.141   -4.293  1.00 66.93  ? 63  THR A OG1    1 
ATOM   549 C  CG2    . THR A 1 83  ? -8.617  2.578   -6.569  1.00 58.36  ? 63  THR A CG2    1 
ATOM   550 N  N      . CYS A 1 84  ? -10.213 2.501   -2.267  1.00 57.59  ? 64  CYS A N      1 
ATOM   551 C  CA     . CYS A 1 84  ? -10.695 1.926   -1.023  1.00 58.76  ? 64  CYS A CA     1 
ATOM   552 C  C      . CYS A 1 84  ? -11.100 3.095   -0.136  1.00 69.31  ? 64  CYS A C      1 
ATOM   553 O  O      . CYS A 1 84  ? -10.936 4.240   -0.529  1.00 77.82  ? 64  CYS A O      1 
ATOM   554 C  CB     . CYS A 1 84  ? -9.573  1.167   -0.327  1.00 57.11  ? 64  CYS A CB     1 
ATOM   555 S  SG     . CYS A 1 84  ? -8.574  0.183   -1.511  1.00 54.81  ? 64  CYS A SG     1 
ATOM   556 N  N      . GLY A 1 85  ? -11.648 2.850   1.042   1.00 67.73  ? 65  GLY A N      1 
ATOM   557 C  CA     . GLY A 1 85  ? -12.025 3.990   1.864   1.00 77.91  ? 65  GLY A CA     1 
ATOM   558 C  C      . GLY A 1 85  ? -13.539 4.039   1.845   1.00 64.38  ? 65  GLY A C      1 
ATOM   559 O  O      . GLY A 1 85  ? -14.159 3.604   0.880   1.00 66.48  ? 65  GLY A O      1 
ATOM   560 N  N      . ASN A 1 86  ? -14.130 4.577   2.909   1.00 74.19  ? 66  ASN A N      1 
ATOM   561 C  CA     . ASN A 1 86  ? -15.554 4.390   3.172   1.00 76.62  ? 66  ASN A CA     1 
ATOM   562 C  C      . ASN A 1 86  ? -16.493 5.235   2.309   1.00 73.33  ? 66  ASN A C      1 
ATOM   563 O  O      . ASN A 1 86  ? -16.055 6.128   1.589   1.00 77.92  ? 66  ASN A O      1 
ATOM   564 C  CB     . ASN A 1 86  ? -15.841 4.635   4.663   1.00 94.30  ? 66  ASN A CB     1 
ATOM   565 C  CG     . ASN A 1 86  ? -15.508 6.052   5.114   0.00 80.00  ? 66  ASN A CG     1 
ATOM   566 O  OD1    . ASN A 1 86  ? -15.635 7.015   4.356   0.00 80.00  ? 66  ASN A OD1    1 
ATOM   567 N  ND2    . ASN A 1 86  ? -15.092 6.184   6.369   0.00 80.00  ? 66  ASN A ND2    1 
ATOM   568 N  N      . GLU A 1 112 ? -20.460 4.167   4.749   1.00 101.38 ? 92  GLU A N      1 
ATOM   569 C  CA     . GLU A 1 112 ? -20.984 3.165   5.669   1.00 99.19  ? 92  GLU A CA     1 
ATOM   570 C  C      . GLU A 1 112 ? -20.183 1.869   5.586   1.00 106.98 ? 92  GLU A C      1 
ATOM   571 O  O      . GLU A 1 112 ? -20.057 1.142   6.571   1.00 80.00  ? 92  GLU A O      1 
ATOM   572 C  CB     . GLU A 1 112 ? -22.461 2.891   5.381   1.00 20.00  ? 92  GLU A CB     1 
ATOM   573 C  CG     . GLU A 1 112 ? -23.264 4.129   5.021   1.00 20.00  ? 92  GLU A CG     1 
ATOM   574 C  CD     . GLU A 1 112 ? -24.759 3.902   5.113   1.00 20.00  ? 92  GLU A CD     1 
ATOM   575 O  OE1    . GLU A 1 112 ? -25.170 2.842   5.632   1.00 20.00  ? 92  GLU A OE1    1 
ATOM   576 O  OE2    . GLU A 1 112 ? -25.525 4.781   4.667   1.00 20.00  ? 92  GLU A OE2    1 
ATOM   577 N  N      . VAL A 1 113 ? -19.644 1.587   4.404   1.00 94.44  ? 93  VAL A N      1 
ATOM   578 C  CA     . VAL A 1 113 ? -18.855 0.380   4.190   1.00 90.75  ? 93  VAL A CA     1 
ATOM   579 C  C      . VAL A 1 113 ? -17.484 0.713   3.613   1.00 86.67  ? 93  VAL A C      1 
ATOM   580 O  O      . VAL A 1 113 ? -17.184 1.872   3.329   1.00 80.46  ? 93  VAL A O      1 
ATOM   581 C  CB     . VAL A 1 113 ? -19.574 -0.605  3.249   1.00 90.09  ? 93  VAL A CB     1 
ATOM   582 C  CG1    . VAL A 1 113 ? -20.706 -1.308  3.981   1.00 90.00  ? 93  VAL A CG1    1 
ATOM   583 C  CG2    . VAL A 1 113 ? -20.096 0.123   2.020   1.00 89.25  ? 93  VAL A CG2    1 
ATOM   584 N  N      . GLY A 1 114 ? -16.655 -0.312  3.441   1.00 77.78  ? 94  GLY A N      1 
ATOM   585 C  CA     . GLY A 1 114 ? -15.321 -0.132  2.900   1.00 70.25  ? 94  GLY A CA     1 
ATOM   586 C  C      . GLY A 1 114 ? -14.381 0.450   3.938   1.00 61.98  ? 94  GLY A C      1 
ATOM   587 O  O      . GLY A 1 114 ? -14.588 0.280   5.140   1.00 75.05  ? 94  GLY A O      1 
ATOM   588 N  N      . GLY A 1 115 ? -13.350 1.149   3.480   1.00 51.88  ? 95  GLY A N      1 
ATOM   589 C  CA     . GLY A 1 115 ? -12.406 1.762   4.393   1.00 60.78  ? 95  GLY A CA     1 
ATOM   590 C  C      . GLY A 1 115 ? -10.992 1.254   4.202   1.00 58.20  ? 95  GLY A C      1 
ATOM   591 O  O      . GLY A 1 115 ? -10.772 0.101   3.819   1.00 55.66  ? 95  GLY A O      1 
ATOM   592 N  N      . ALA A 1 116 ? -10.021 2.121   4.462   1.00 48.18  ? 96  ALA A N      1 
ATOM   593 C  CA     . ALA A 1 116 ? -8.625  1.718   4.398   1.00 40.06  ? 96  ALA A CA     1 
ATOM   594 C  C      . ALA A 1 116 ? -7.816  2.298   5.565   1.00 47.09  ? 96  ALA A C      1 
ATOM   595 O  O      . ALA A 1 116 ? -8.013  3.452   5.968   1.00 47.84  ? 96  ALA A O      1 
ATOM   596 C  CB     . ALA A 1 116 ? -8.017  2.131   3.067   1.00 48.74  ? 96  ALA A CB     1 
ATOM   597 N  N      . THR A 1 117 ? -6.926  1.471   6.110   1.00 43.99  ? 97  THR A N      1 
ATOM   598 C  CA     . THR A 1 117 ? -6.032  1.851   7.208   1.00 43.59  ? 97  THR A CA     1 
ATOM   599 C  C      . THR A 1 117 ? -4.606  1.776   6.681   1.00 45.39  ? 97  THR A C      1 
ATOM   600 O  O      . THR A 1 117 ? -4.171  0.734   6.185   1.00 41.84  ? 97  THR A O      1 
ATOM   601 C  CB     . THR A 1 117 ? -6.212  0.926   8.449   1.00 41.14  ? 97  THR A CB     1 
ATOM   602 O  OG1    . THR A 1 117 ? -7.574  0.994   8.900   1.00 44.69  ? 97  THR A OG1    1 
ATOM   603 C  CG2    . THR A 1 117 ? -5.285  1.323   9.604   1.00 36.26  ? 97  THR A CG2    1 
ATOM   604 N  N      . VAL A 1 118 ? -3.883  2.886   6.772   1.00 40.35  ? 98  VAL A N      1 
ATOM   605 C  CA     . VAL A 1 118 ? -2.578  2.990   6.124   1.00 41.23  ? 98  VAL A CA     1 
ATOM   606 C  C      . VAL A 1 118 ? -1.483  3.484   7.060   1.00 39.16  ? 98  VAL A C      1 
ATOM   607 O  O      . VAL A 1 118 ? -1.641  4.516   7.727   1.00 39.19  ? 98  VAL A O      1 
ATOM   608 C  CB     . VAL A 1 118 ? -2.637  3.940   4.911   1.00 43.14  ? 98  VAL A CB     1 
ATOM   609 C  CG1    . VAL A 1 118 ? -1.327  3.898   4.134   1.00 39.02  ? 98  VAL A CG1    1 
ATOM   610 C  CG2    . VAL A 1 118 ? -3.811  3.588   3.988   1.00 45.81  ? 98  VAL A CG2    1 
ATOM   611 N  N      . PHE A 1 119 ? -0.371  2.754   7.092   1.00 34.77  ? 99  PHE A N      1 
ATOM   612 C  CA     . PHE A 1 119 ? 0.841   3.205   7.796   1.00 34.77  ? 99  PHE A CA     1 
ATOM   613 C  C      . PHE A 1 119 ? 1.960   3.566   6.821   1.00 42.11  ? 99  PHE A C      1 
ATOM   614 O  O      . PHE A 1 119 ? 2.234   2.823   5.882   1.00 40.40  ? 99  PHE A O      1 
ATOM   615 C  CB     . PHE A 1 119 ? 1.344   2.131   8.747   1.00 32.53  ? 99  PHE A CB     1 
ATOM   616 C  CG     . PHE A 1 119 ? 0.321   1.677   9.731   1.00 39.17  ? 99  PHE A CG     1 
ATOM   617 C  CD1    . PHE A 1 119 ? -0.553  0.646   9.417   1.00 39.71  ? 99  PHE A CD1    1 
ATOM   618 C  CD2    . PHE A 1 119 ? 0.230   2.275   10.974  1.00 44.67  ? 99  PHE A CD2    1 
ATOM   619 C  CE1    . PHE A 1 119 ? -1.505  0.222   10.332  1.00 36.75  ? 99  PHE A CE1    1 
ATOM   620 C  CE2    . PHE A 1 119 ? -0.724  1.859   11.892  1.00 50.88  ? 99  PHE A CE2    1 
ATOM   621 C  CZ     . PHE A 1 119 ? -1.600  0.830   11.566  1.00 38.99  ? 99  PHE A CZ     1 
ATOM   622 N  N      . VAL A 1 120 ? 2.599   4.710   7.044   1.00 36.55  ? 100 VAL A N      1 
ATOM   623 C  CA     . VAL A 1 120 ? 3.796   5.094   6.277   1.00 34.82  ? 100 VAL A CA     1 
ATOM   624 C  C      . VAL A 1 120 ? 5.038   4.924   7.154   1.00 39.36  ? 100 VAL A C      1 
ATOM   625 O  O      . VAL A 1 120 ? 5.160   5.573   8.210   1.00 35.75  ? 100 VAL A O      1 
ATOM   626 C  CB     . VAL A 1 120 ? 3.722   6.567   5.778   1.00 35.64  ? 100 VAL A CB     1 
ATOM   627 C  CG1    . VAL A 1 120 ? 4.968   6.923   4.950   1.00 35.93  ? 100 VAL A CG1    1 
ATOM   628 C  CG2    . VAL A 1 120 ? 2.435   6.831   4.962   1.00 37.36  ? 100 VAL A CG2    1 
ATOM   629 N  N      . MET A 1 121 ? 5.971   4.084   6.718   1.00 32.43  ? 101 MET A N      1 
ATOM   630 C  CA     . MET A 1 121 ? 7.097   3.706   7.569   1.00 35.99  ? 101 MET A CA     1 
ATOM   631 C  C      . MET A 1 121 ? 8.445   3.992   6.895   1.00 38.32  ? 101 MET A C      1 
ATOM   632 O  O      . MET A 1 121 ? 8.586   3.818   5.688   1.00 38.91  ? 101 MET A O      1 
ATOM   633 C  CB     . MET A 1 121 ? 7.001   2.224   7.942   1.00 32.44  ? 101 MET A CB     1 
ATOM   634 C  CG     . MET A 1 121 ? 5.768   1.909   8.793   1.00 35.40  ? 101 MET A CG     1 
ATOM   635 S  SD     . MET A 1 121 ? 5.589   0.156   9.191   1.00 41.57  ? 101 MET A SD     1 
ATOM   636 C  CE     . MET A 1 121 ? 6.983   -0.131  10.326  1.00 33.23  ? 101 MET A CE     1 
ATOM   637 N  N      . PRO A 1 122 ? 9.443   4.402   7.690   1.00 36.07  ? 102 PRO A N      1 
ATOM   638 C  CA     . PRO A 1 122 ? 10.751  4.713   7.109   1.00 36.87  ? 102 PRO A CA     1 
ATOM   639 C  C      . PRO A 1 122 ? 11.499  3.464   6.646   1.00 43.54  ? 102 PRO A C      1 
ATOM   640 O  O      . PRO A 1 122 ? 11.377  2.392   7.253   1.00 34.75  ? 102 PRO A O      1 
ATOM   641 C  CB     . PRO A 1 122 ? 11.498  5.404   8.262   1.00 41.44  ? 102 PRO A CB     1 
ATOM   642 C  CG     . PRO A 1 122 ? 10.862  4.844   9.517   1.00 37.27  ? 102 PRO A CG     1 
ATOM   643 C  CD     . PRO A 1 122 ? 9.403   4.615   9.156   1.00 36.00  ? 102 PRO A CD     1 
ATOM   644 N  N      . VAL A 1 123 ? 12.283  3.636   5.586   1.00 40.55  ? 103 VAL A N      1 
ATOM   645 C  CA     . VAL A 1 123 ? 13.111  2.586   5.013   1.00 41.08  ? 103 VAL A CA     1 
ATOM   646 C  C      . VAL A 1 123 ? 14.579  3.028   4.966   1.00 47.01  ? 103 VAL A C      1 
ATOM   647 O  O      . VAL A 1 123 ? 14.875  4.093   4.421   1.00 39.41  ? 103 VAL A O      1 
ATOM   648 C  CB     . VAL A 1 123 ? 12.646  2.248   3.587   1.00 38.97  ? 103 VAL A CB     1 
ATOM   649 C  CG1    . VAL A 1 123 ? 13.610  1.284   2.938   1.00 37.35  ? 103 VAL A CG1    1 
ATOM   650 C  CG2    . VAL A 1 123 ? 11.219  1.685   3.600   1.00 40.84  ? 103 VAL A CG2    1 
ATOM   651 N  N      . ASP A 1 124 ? 15.496  2.226   5.513   1.00 39.64  ? 104 ASP A N      1 
ATOM   652 C  CA     . ASP A 1 124 ? 16.931  2.551   5.444   1.00 41.30  ? 104 ASP A CA     1 
ATOM   653 C  C      . ASP A 1 124 ? 17.547  2.339   4.059   1.00 43.46  ? 104 ASP A C      1 
ATOM   654 O  O      . ASP A 1 124 ? 18.350  3.149   3.603   1.00 43.06  ? 104 ASP A O      1 
ATOM   655 C  CB     . ASP A 1 124 ? 17.724  1.725   6.460   1.00 42.60  ? 104 ASP A CB     1 
ATOM   656 C  CG     . ASP A 1 124 ? 17.549  2.216   7.874   1.00 47.15  ? 104 ASP A CG     1 
ATOM   657 O  OD1    . ASP A 1 124 ? 17.080  3.356   8.051   1.00 46.45  ? 104 ASP A OD1    1 
ATOM   658 O  OD2    . ASP A 1 124 ? 17.867  1.454   8.810   1.00 50.61  ? 104 ASP A OD2    1 
ATOM   659 N  N      . ALA A 1 125 ? 17.202  1.231   3.406   1.00 39.77  ? 105 ALA A N      1 
ATOM   660 C  CA     . ALA A 1 125 ? 17.806  0.879   2.111   1.00 40.15  ? 105 ALA A CA     1 
ATOM   661 C  C      . ALA A 1 125 ? 16.871  -0.011  1.297   1.00 44.48  ? 105 ALA A C      1 
ATOM   662 O  O      . ALA A 1 125 ? 15.955  -0.645  1.845   1.00 36.85  ? 105 ALA A O      1 
ATOM   663 C  CB     . ALA A 1 125 ? 19.156  0.189   2.308   1.00 42.84  ? 105 ALA A CB     1 
ATOM   664 N  N      . PHE A 1 126 ? 17.100  -0.044  -0.011  1.00 40.94  ? 106 PHE A N      1 
ATOM   665 C  CA     . PHE A 1 126 ? 16.242  -0.780  -0.944  1.00 45.99  ? 106 PHE A CA     1 
ATOM   666 C  C      . PHE A 1 126 ? 17.152  -1.472  -1.953  1.00 50.15  ? 106 PHE A C      1 
ATOM   667 O  O      . PHE A 1 126 ? 18.011  -0.815  -2.533  1.00 48.30  ? 106 PHE A O      1 
ATOM   668 C  CB     . PHE A 1 126 ? 15.269  0.197   -1.613  1.00 54.45  ? 106 PHE A CB     1 
ATOM   669 C  CG     . PHE A 1 126 ? 14.437  -0.391  -2.728  1.00 49.86  ? 106 PHE A CG     1 
ATOM   670 C  CD1    . PHE A 1 126 ? 13.603  -1.466  -2.508  1.00 54.52  ? 106 PHE A CD1    1 
ATOM   671 C  CD2    . PHE A 1 126 ? 14.448  0.186   -3.981  1.00 56.17  ? 106 PHE A CD2    1 
ATOM   672 C  CE1    . PHE A 1 126 ? 12.820  -1.978  -3.536  1.00 57.21  ? 106 PHE A CE1    1 
ATOM   673 C  CE2    . PHE A 1 126 ? 13.666  -0.319  -5.010  1.00 61.83  ? 106 PHE A CE2    1 
ATOM   674 C  CZ     . PHE A 1 126 ? 12.860  -1.402  -4.793  1.00 50.57  ? 106 PHE A CZ     1 
ATOM   675 N  N      . HIS A 1 127 ? 17.017  -2.787  -2.137  1.00 33.84  ? 107 HIS A N      1 
ATOM   676 C  CA     . HIS A 1 127 ? 17.915  -3.498  -3.063  1.00 36.73  ? 107 HIS A CA     1 
ATOM   677 C  C      . HIS A 1 127 ? 17.125  -4.404  -3.981  1.00 46.76  ? 107 HIS A C      1 
ATOM   678 O  O      . HIS A 1 127 ? 16.088  -4.934  -3.584  1.00 44.20  ? 107 HIS A O      1 
ATOM   679 C  CB     . HIS A 1 127 ? 18.937  -4.364  -2.319  1.00 44.40  ? 107 HIS A CB     1 
ATOM   680 C  CG     . HIS A 1 127 ? 19.803  -3.610  -1.358  1.00 51.27  ? 107 HIS A CG     1 
ATOM   681 N  ND1    . HIS A 1 127 ? 21.071  -3.175  -1.676  1.00 53.44  ? 107 HIS A ND1    1 
ATOM   682 C  CD2    . HIS A 1 127 ? 19.578  -3.212  -0.083  1.00 50.69  ? 107 HIS A CD2    1 
ATOM   683 C  CE1    . HIS A 1 127 ? 21.593  -2.547  -0.636  1.00 47.76  ? 107 HIS A CE1    1 
ATOM   684 N  NE2    . HIS A 1 127 ? 20.704  -2.550  0.340   1.00 51.65  ? 107 HIS A NE2    1 
ATOM   685 N  N      . GLN A 1 128 ? 17.616  -4.593  -5.197  1.00 41.09  ? 108 GLN A N      1 
ATOM   686 C  CA     . GLN A 1 128 ? 17.150  -5.703  -6.030  1.00 53.51  ? 108 GLN A CA     1 
ATOM   687 C  C      . GLN A 1 128 ? 18.341  -6.570  -6.436  1.00 54.28  ? 108 GLN A C      1 
ATOM   688 O  O      . GLN A 1 128 ? 19.391  -6.056  -6.830  1.00 58.08  ? 108 GLN A O      1 
ATOM   689 C  CB     . GLN A 1 128 ? 16.384  -5.193  -7.265  1.00 50.78  ? 108 GLN A CB     1 
ATOM   690 C  CG     . GLN A 1 128 ? 14.921  -4.873  -6.967  1.00 55.40  ? 108 GLN A CG     1 
ATOM   691 C  CD     . GLN A 1 128 ? 14.069  -4.725  -8.216  1.00 55.82  ? 108 GLN A CD     1 
ATOM   692 O  OE1    . GLN A 1 128 ? 14.562  -4.347  -9.278  1.00 56.98  ? 108 GLN A OE1    1 
ATOM   693 N  NE2    . GLN A 1 128 ? 12.784  -5.050  -8.097  1.00 51.66  ? 108 GLN A NE2    1 
ATOM   694 N  N      . PHE A 1 129 ? 18.181  -7.886  -6.322  1.00 56.40  ? 109 PHE A N      1 
ATOM   695 C  CA     . PHE A 1 129 ? 19.234  -8.830  -6.685  1.00 54.98  ? 109 PHE A CA     1 
ATOM   696 C  C      . PHE A 1 129 ? 18.766  -9.741  -7.810  1.00 51.15  ? 109 PHE A C      1 
ATOM   697 O  O      . PHE A 1 129 ? 19.565  -10.311 -8.553  1.00 53.13  ? 109 PHE A O      1 
ATOM   698 C  CB     . PHE A 1 129 ? 19.653  -9.676  -5.481  1.00 57.95  ? 109 PHE A CB     1 
ATOM   699 C  CG     . PHE A 1 129 ? 20.164  -8.875  -4.322  1.00 58.22  ? 109 PHE A CG     1 
ATOM   700 C  CD1    . PHE A 1 129 ? 21.317  -8.114  -4.446  1.00 63.92  ? 109 PHE A CD1    1 
ATOM   701 C  CD2    . PHE A 1 129 ? 19.501  -8.891  -3.104  1.00 58.86  ? 109 PHE A CD2    1 
ATOM   702 C  CE1    . PHE A 1 129 ? 21.798  -7.372  -3.374  1.00 57.11  ? 109 PHE A CE1    1 
ATOM   703 C  CE2    . PHE A 1 129 ? 19.975  -8.152  -2.032  1.00 58.53  ? 109 PHE A CE2    1 
ATOM   704 C  CZ     . PHE A 1 129 ? 21.127  -7.392  -2.171  1.00 50.04  ? 109 PHE A CZ     1 
ATOM   705 O  OXT    . PHE A 1 129 ? 17.557  -9.923  -7.982  1.00 55.58  ? 109 PHE A OXT    1 
HETATM 706 P  P      . 2BA B 2 .   ? -11.335 -0.300  10.781  1.00 47.00  ? 201 2BA A P      1 
HETATM 707 O  O1P    . 2BA B 2 .   ? -10.799 0.604   11.857  1.00 50.49  ? 201 2BA A O1P    1 
HETATM 708 O  O2P    . 2BA B 2 .   ? -11.544 0.605   9.512   1.00 51.76  ? 201 2BA A O2P    1 
HETATM 709 O  "O5'"  . 2BA B 2 .   ? -10.215 -1.417  10.586  1.00 50.07  ? 201 2BA A "O5'"  1 
HETATM 710 C  "C5'"  . 2BA B 2 .   ? -10.399 -2.380  9.574   1.00 37.70  ? 201 2BA A "C5'"  1 
HETATM 711 C  "C4'"  . 2BA B 2 .   ? -9.234  -3.375  9.688   1.00 48.90  ? 201 2BA A "C4'"  1 
HETATM 712 O  "O4'"  . 2BA B 2 .   ? -8.119  -2.645  9.577   1.00 49.82  ? 201 2BA A "O4'"  1 
HETATM 713 C  "C3'"  . 2BA B 2 .   ? -9.227  -4.007  11.060  1.00 45.90  ? 201 2BA A "C3'"  1 
HETATM 714 O  "O3'"  . 2BA B 2 .   ? -9.959  -5.177  11.058  1.00 43.01  ? 201 2BA A "O3'"  1 
HETATM 715 C  "C2'"  . 2BA B 2 .   ? -7.680  -4.280  11.204  1.00 41.24  ? 201 2BA A "C2'"  1 
HETATM 716 O  "O2'"  . 2BA B 2 .   ? -7.374  -5.559  10.583  1.00 39.69  ? 201 2BA A "O2'"  1 
HETATM 717 C  "C1'"  . 2BA B 2 .   ? -7.055  -3.325  10.563  1.00 40.53  ? 201 2BA A "C1'"  1 
HETATM 718 N  N9     . 2BA B 2 .   ? -6.483  -2.383  11.467  1.00 45.05  ? 201 2BA A N9     1 
HETATM 719 C  C8     . 2BA B 2 .   ? -7.268  -1.309  11.718  1.00 41.22  ? 201 2BA A C8     1 
HETATM 720 N  N7     . 2BA B 2 .   ? -6.607  -0.490  12.605  1.00 42.71  ? 201 2BA A N7     1 
HETATM 721 C  C5     . 2BA B 2 .   ? -5.407  -1.091  12.890  1.00 39.07  ? 201 2BA A C5     1 
HETATM 722 C  C6     . 2BA B 2 .   ? -4.312  -0.746  13.726  1.00 43.74  ? 201 2BA A C6     1 
HETATM 723 N  N6     . 2BA B 2 .   ? -4.057  0.361   14.580  1.00 37.72  ? 201 2BA A N6     1 
HETATM 724 N  N1     . 2BA B 2 .   ? -3.251  -1.546  13.806  1.00 40.25  ? 201 2BA A N1     1 
HETATM 725 C  C2     . 2BA B 2 .   ? -3.195  -2.702  13.090  1.00 40.89  ? 201 2BA A C2     1 
HETATM 726 N  N3     . 2BA B 2 .   ? -4.258  -3.059  12.271  1.00 36.69  ? 201 2BA A N3     1 
HETATM 727 C  C4     . 2BA B 2 .   ? -5.335  -2.230  12.185  1.00 37.28  ? 201 2BA A C4     1 
HETATM 728 P  P1     . 2BA B 2 .   ? -10.822 -5.480  12.393  1.00 44.15  ? 201 2BA A P1     1 
HETATM 729 O  O1P1   . 2BA B 2 .   ? -9.842  -5.618  13.549  1.00 45.23  ? 201 2BA A O1P1   1 
HETATM 730 O  O2P1   . 2BA B 2 .   ? -11.640 -6.764  12.366  1.00 51.01  ? 201 2BA A O2P1   1 
HETATM 731 O  "O5'1" . 2BA B 2 .   ? -11.682 -4.067  12.705  1.00 44.40  ? 201 2BA A "O5'1" 1 
HETATM 732 C  "C5'1" . 2BA B 2 .   ? -12.967 -4.086  12.138  1.00 46.08  ? 201 2BA A "C5'1" 1 
HETATM 733 C  "C4'1" . 2BA B 2 .   ? -13.722 -2.871  12.600  1.00 53.10  ? 201 2BA A "C4'1" 1 
HETATM 734 O  "O4'1" . 2BA B 2 .   ? -14.177 -3.058  13.795  1.00 51.97  ? 201 2BA A "O4'1" 1 
HETATM 735 C  "C3'1" . 2BA B 2 .   ? -12.768 -1.505  12.663  1.00 53.84  ? 201 2BA A "C3'1" 1 
HETATM 736 O  "O3'1" . 2BA B 2 .   ? -12.817 -0.813  11.364  1.00 44.91  ? 201 2BA A "O3'1" 1 
HETATM 737 C  "C2'1" . 2BA B 2 .   ? -13.297 -0.787  13.566  1.00 62.94  ? 201 2BA A "C2'1" 1 
HETATM 738 O  "O2'1" . 2BA B 2 .   ? -14.454 0.000   12.990  1.00 55.69  ? 201 2BA A "O2'1" 1 
HETATM 739 C  "C1'1" . 2BA B 2 .   ? -13.924 -1.786  14.617  1.00 52.89  ? 201 2BA A "C1'1" 1 
HETATM 740 N  N91    . 2BA B 2 .   ? -13.133 -2.048  15.645  1.00 52.78  ? 201 2BA A N91    1 
HETATM 741 C  C81    . 2BA B 2 .   ? -11.927 -2.669  15.698  1.00 51.10  ? 201 2BA A C81    1 
HETATM 742 N  N71    . 2BA B 2 .   ? -11.538 -2.709  17.004  1.00 53.28  ? 201 2BA A N71    1 
HETATM 743 C  C51    . 2BA B 2 .   ? -12.515 -2.116  17.755  1.00 51.02  ? 201 2BA A C51    1 
HETATM 744 C  C61    . 2BA B 2 .   ? -12.629 -1.893  19.136  1.00 65.75  ? 201 2BA A C61    1 
HETATM 745 N  N61    . 2BA B 2 .   ? -11.629 -2.291  20.103  1.00 66.86  ? 201 2BA A N61    1 
HETATM 746 N  N11    . 2BA B 2 .   ? -13.734 -1.267  19.634  1.00 73.05  ? 201 2BA A N11    1 
HETATM 747 C  C21    . 2BA B 2 .   ? -14.729 -0.862  18.787  1.00 72.38  ? 201 2BA A C21    1 
HETATM 748 N  N31    . 2BA B 2 .   ? -14.614 -1.080  17.430  1.00 61.88  ? 201 2BA A N31    1 
HETATM 749 C  C41    . 2BA B 2 .   ? -13.501 -1.716  16.921  1.00 53.76  ? 201 2BA A C41    1 
HETATM 750 CA CA     . CA  C 3 .   ? -14.492 -5.140  -5.931  0.50 70.66  ? 202 CA  A CA     1 
HETATM 751 O  O      . HOH D 4 .   ? 21.589  -9.704  -9.457  1.00 63.75  ? 301 HOH A O      1 
HETATM 752 O  O      . HOH D 4 .   ? -14.956 -2.959  -4.466  1.00 65.52  ? 302 HOH A O      1 
HETATM 753 O  O      . HOH D 4 .   ? 5.423   0.931   -4.939  1.00 53.99  ? 303 HOH A O      1 
HETATM 754 O  O      . HOH D 4 .   ? -12.445 -7.888  3.875   1.00 53.36  ? 304 HOH A O      1 
HETATM 755 O  O      . HOH D 4 .   ? -9.406  0.091   7.269   1.00 30.00  ? 305 HOH A O      1 
HETATM 756 O  O      . HOH D 4 .   ? -11.248 -1.189  1.531   1.00 47.41  ? 306 HOH A O      1 
HETATM 757 O  O      . HOH D 4 .   ? -10.140 1.457   14.343  1.00 30.00  ? 307 HOH A O      1 
HETATM 758 O  O      . HOH D 4 .   ? 15.446  5.228   2.003   1.00 48.63  ? 308 HOH A O      1 
HETATM 759 O  O      . HOH D 4 .   ? -11.912 -8.834  10.407  1.00 54.99  ? 309 HOH A O      1 
HETATM 760 O  O      . HOH D 4 .   ? -8.340  -12.399 3.317   1.00 65.12  ? 310 HOH A O      1 
HETATM 761 O  O      . HOH D 4 .   ? 12.770  6.645   4.970   1.00 38.37  ? 311 HOH A O      1 
HETATM 762 O  O      . HOH D 4 .   ? -13.639 -0.722  8.032   1.00 65.03  ? 312 HOH A O      1 
HETATM 763 O  O      . HOH D 4 .   ? 3.245   12.382  -4.237  1.00 58.85  ? 313 HOH A O      1 
HETATM 764 O  O      . HOH D 4 .   ? -4.989  -14.583 9.248   1.00 56.56  ? 314 HOH A O      1 
HETATM 765 O  O      . HOH D 4 .   ? 8.399   4.814   -6.209  1.00 49.11  ? 315 HOH A O      1 
HETATM 766 O  O      . HOH D 4 .   ? 17.623  4.424   10.813  1.00 61.87  ? 316 HOH A O      1 
HETATM 767 O  O      . HOH D 4 .   ? -9.903  -1.894  5.995   1.00 71.24  ? 317 HOH A O      1 
HETATM 768 O  O      . HOH D 4 .   ? 21.927  -1.639  3.067   1.00 55.89  ? 318 HOH A O      1 
HETATM 769 O  O      . HOH D 4 .   ? -7.319  2.177   14.123  1.00 48.87  ? 319 HOH A O      1 
HETATM 770 O  O      . HOH D 4 .   ? -2.976  12.370  -0.448  1.00 60.32  ? 320 HOH A O      1 
HETATM 771 O  O      . HOH D 4 .   ? 10.310  1.141   10.149  0.33 46.70  ? 321 HOH A O      1 
HETATM 772 O  O      . HOH D 4 .   ? 9.768   0.037   -7.040  1.00 55.63  ? 322 HOH A O      1 
HETATM 773 O  O      . HOH D 4 .   ? 8.816   10.743  -8.997  1.00 64.93  ? 323 HOH A O      1 
# 
loop_
_atom_site_anisotrop.id 
_atom_site_anisotrop.type_symbol 
_atom_site_anisotrop.pdbx_label_atom_id 
_atom_site_anisotrop.pdbx_label_alt_id 
_atom_site_anisotrop.pdbx_label_comp_id 
_atom_site_anisotrop.pdbx_label_asym_id 
_atom_site_anisotrop.pdbx_label_seq_id 
_atom_site_anisotrop.pdbx_PDB_ins_code 
_atom_site_anisotrop.U[1][1] 
_atom_site_anisotrop.U[2][2] 
_atom_site_anisotrop.U[3][3] 
_atom_site_anisotrop.U[1][2] 
_atom_site_anisotrop.U[1][3] 
_atom_site_anisotrop.U[2][3] 
_atom_site_anisotrop.pdbx_auth_seq_id 
_atom_site_anisotrop.pdbx_auth_comp_id 
_atom_site_anisotrop.pdbx_auth_asym_id 
_atom_site_anisotrop.pdbx_auth_atom_id 
1   N  N      . GLY A 13  ? 0.9800 1.2935 1.2099 -0.0929 0.1391  0.0181  -7  GLY A N      
2   C  CA     . GLY A 13  ? 0.9798 1.2626 1.1692 -0.0680 0.1344  0.0089  -7  GLY A CA     
3   C  C      . GLY A 13  ? 0.9724 1.2306 1.1105 -0.0661 0.1543  0.0126  -7  GLY A C      
4   O  O      . GLY A 13  ? 1.1259 1.4088 1.2680 -0.0667 0.1815  0.0153  -7  GLY A O      
5   N  N      . LEU A 14  ? 0.8979 1.1097 0.9874 -0.0632 0.1406  0.0130  -6  LEU A N      
6   C  CA     . LEU A 14  ? 0.9272 1.1132 0.9623 -0.0629 0.1532  0.0185  -6  LEU A CA     
7   C  C      . LEU A 14  ? 0.9925 1.1473 1.0046 -0.0807 0.1465  0.0351  -6  LEU A C      
8   O  O      . LEU A 14  ? 1.1435 1.2696 1.1062 -0.0795 0.1487  0.0428  -6  LEU A O      
9   C  CB     . LEU A 14  ? 1.0087 1.1693 1.0054 -0.0441 0.1418  0.0055  -6  LEU A CB     
10  C  CG     . LEU A 14  ? 1.0170 1.1621 0.9588 -0.0380 0.1560  0.0039  -6  LEU A CG     
11  C  CD1    . LEU A 14  ? 1.0438 1.2180 0.9939 -0.0327 0.1872  -0.0005 -6  LEU A CD1    
12  C  CD2    . LEU A 14  ? 0.8935 1.0142 0.8034 -0.0245 0.1394  -0.0111 -6  LEU A CD2    
13  N  N      . VAL A 15  ? 0.7133 0.8723 0.7597 -0.0965 0.1375  0.0404  -5  VAL A N      
14  C  CA     . VAL A 15  ? 0.7411 0.8634 0.7672 -0.1122 0.1308  0.0547  -5  VAL A CA     
15  C  C      . VAL A 15  ? 0.7347 0.8705 0.7824 -0.1380 0.1504  0.0673  -5  VAL A C      
16  O  O      . VAL A 15  ? 0.7349 0.9120 0.8338 -0.1480 0.1550  0.0623  -5  VAL A O      
17  C  CB     . VAL A 15  ? 0.8485 0.9504 0.8853 -0.1112 0.1032  0.0489  -5  VAL A CB     
18  C  CG1    . VAL A 15  ? 0.7870 0.9081 0.8432 -0.0929 0.0895  0.0319  -5  VAL A CG1    
19  C  CG2    . VAL A 15  ? 0.7919 0.8953 0.8602 -0.1344 0.0999  0.0530  -5  VAL A CG2    
20  N  N      . PRO A 16  ? 0.8083 0.9105 0.8168 -0.1487 0.1627  0.0847  -4  PRO A N      
21  C  CA     . PRO A 16  ? 0.8363 0.9446 0.8596 -0.1765 0.1850  0.0988  -4  PRO A CA     
22  C  C      . PRO A 16  ? 0.5533 0.6544 0.6117 -0.1989 0.1714  0.0981  -4  PRO A C      
23  O  O      . PRO A 16  ? 0.5803 0.6479 0.6266 -0.1926 0.1475  0.0937  -4  PRO A O      
24  C  CB     . PRO A 16  ? 0.8406 0.8995 0.8006 -0.1779 0.1962  0.1189  -4  PRO A CB     
25  C  CG     . PRO A 16  ? 0.7972 0.8412 0.7147 -0.1486 0.1818  0.1127  -4  PRO A CG     
26  C  CD     . PRO A 16  ? 0.7560 0.8133 0.7047 -0.1357 0.1558  0.0933  -4  PRO A CD     
27  N  N      . ARG A 17  ? 0.6337 0.7675 0.7349 -0.2254 0.1865  0.1011  -3  ARG A N      
28  C  CA     . ARG A 17  ? 0.6698 0.7957 0.8015 -0.2519 0.1733  0.0992  -3  ARG A CA     
29  C  C      . ARG A 17  ? 0.7344 0.7838 0.8179 -0.2606 0.1662  0.1106  -3  ARG A C      
30  O  O      . ARG A 17  ? 0.7081 0.7200 0.7500 -0.2653 0.1843  0.1288  -3  ARG A O      
31  C  CB     . ARG A 17  ? 0.7330 0.9053 0.9146 -0.2839 0.1948  0.1039  -3  ARG A CB     
32  C  CG     . ARG A 17  ? 0.6491 0.9026 0.8925 -0.2748 0.1966  0.0906  -3  ARG A CG     
33  C  CD     . ARG A 17  ? 0.5564 0.8637 0.8612 -0.3091 0.2126  0.0940  -3  ARG A CD     
34  N  NE     . ARG A 17  ? 0.6666 1.0008 0.9732 -0.3122 0.2507  0.1060  -3  ARG A NE     
35  C  CZ     . ARG A 17  ? 0.6759 1.0663 1.0059 -0.2899 0.2673  0.1001  -3  ARG A CZ     
36  N  NH1    . ARG A 17  ? 0.7912 1.2116 1.1444 -0.2607 0.2466  0.0835  -3  ARG A NH1    
37  N  NH2    . ARG A 17  ? 0.6761 1.0808 1.0004 -0.2878 0.3002  0.1119  -3  ARG A NH2    
38  N  N      . GLY A 18  ? 0.7345 0.7582 0.8202 -0.2599 0.1405  0.1005  -2  GLY A N      
39  C  CA     . GLY A 18  ? 0.6988 0.6494 0.7433 -0.2664 0.1345  0.1091  -2  GLY A CA     
40  C  C      . GLY A 18  ? 0.7511 0.6649 0.7550 -0.2333 0.1175  0.1074  -2  GLY A C      
41  O  O      . GLY A 18  ? 0.8833 0.7407 0.8594 -0.2322 0.1084  0.1104  -2  GLY A O      
42  N  N      . SER A 19  ? 0.5995 0.5446 0.6003 -0.2063 0.1141  0.1019  -1  SER A N      
43  C  CA     . SER A 19  ? 0.6395 0.5605 0.6117 -0.1775 0.0963  0.0978  -1  SER A CA     
44  C  C      . SER A 19  ? 0.6129 0.5678 0.6147 -0.1644 0.0778  0.0777  -1  SER A C      
45  O  O      . SER A 19  ? 0.6795 0.6776 0.7222 -0.1738 0.0773  0.0676  -1  SER A O      
46  C  CB     . SER A 19  ? 0.7683 0.6861 0.7023 -0.1572 0.1041  0.1083  -1  SER A CB     
47  O  OG     . SER A 19  ? 0.9268 0.8911 0.8748 -0.1574 0.1190  0.1052  -1  SER A OG     
48  N  N      . HIS A 20  ? 0.5697 0.5053 0.5514 -0.1422 0.0626  0.0731  0   HIS A N      
49  C  CA     . HIS A 20  ? 0.6566 0.6144 0.6583 -0.1291 0.0461  0.0562  0   HIS A CA     
50  C  C      . HIS A 20  ? 0.6352 0.5913 0.6145 -0.1039 0.0396  0.0545  0   HIS A C      
51  O  O      . HIS A 20  ? 0.6570 0.5873 0.6045 -0.0954 0.0416  0.0658  0   HIS A O      
52  C  CB     . HIS A 20  ? 0.6089 0.5398 0.6145 -0.1358 0.0319  0.0491  0   HIS A CB     
53  C  CG     . HIS A 20  ? 0.7758 0.6986 0.7964 -0.1646 0.0361  0.0507  0   HIS A CG     
54  N  ND1    . HIS A 20  ? 0.9503 0.8243 0.9465 -0.1782 0.0441  0.0621  0   HIS A ND1    
55  C  CD2    . HIS A 20  ? 0.8187 0.7775 0.8774 -0.1836 0.0335  0.0427  0   HIS A CD2    
56  C  CE1    . HIS A 20  ? 1.0186 0.8958 1.0364 -0.2076 0.0465  0.0596  0   HIS A CE1    
57  N  NE2    . HIS A 20  ? 0.9918 0.9243 1.0498 -0.2117 0.0391  0.0478  0   HIS A NE2    
58  N  N      . MET A 21  ? 0.5560 0.5398 0.5526 -0.0926 0.0314  0.0409  1   MET A N      
59  C  CA     . MET A 21  ? 0.5754 0.5592 0.5563 -0.0729 0.0234  0.0358  1   MET A CA     
60  C  C      . MET A 21  ? 0.5235 0.4907 0.5071 -0.0661 0.0085  0.0288  1   MET A C      
61  O  O      . MET A 21  ? 0.5090 0.4744 0.5093 -0.0742 0.0032  0.0230  1   MET A O      
62  C  CB     . MET A 21  ? 0.6188 0.6364 0.6128 -0.0652 0.0264  0.0250  1   MET A CB     
63  C  CG     . MET A 21  ? 0.7624 0.7995 0.7534 -0.0695 0.0444  0.0294  1   MET A CG     
64  S  SD     . MET A 21  ? 0.9048 0.9339 0.8526 -0.0575 0.0479  0.0326  1   MET A SD     
65  C  CE     . MET A 21  ? 0.6556 0.6902 0.6073 -0.0427 0.0328  0.0151  1   MET A CE     
66  N  N      . LYS A 22  ? 0.5047 0.4631 0.4722 -0.0516 0.0020  0.0289  2   LYS A N      
67  C  CA     . LYS A 22  ? 0.4567 0.4068 0.4283 -0.0433 -0.0086 0.0211  2   LYS A CA     
68  C  C      . LYS A 22  ? 0.4731 0.4430 0.4462 -0.0329 -0.0129 0.0129  2   LYS A C      
69  O  O      . LYS A 22  ? 0.5658 0.5479 0.5283 -0.0298 -0.0101 0.0143  2   LYS A O      
70  C  CB     . LYS A 22  ? 0.4884 0.4087 0.4440 -0.0361 -0.0112 0.0292  2   LYS A CB     
71  C  CG     . LYS A 22  ? 0.5876 0.4761 0.5352 -0.0468 -0.0061 0.0371  2   LYS A CG     
72  C  CD     . LYS A 22  ? 0.5772 0.4583 0.5374 -0.0585 -0.0097 0.0266  2   LYS A CD     
73  C  CE     . LYS A 22  ? 0.6112 0.4642 0.5655 -0.0766 -0.0040 0.0324  2   LYS A CE     
74  N  NZ     . LYS A 22  ? 0.5493 0.3929 0.5113 -0.0885 -0.0112 0.0207  2   LYS A NZ     
75  N  N      . MET A 23  ? 0.4798 0.4493 0.4623 -0.0289 -0.0193 0.0040  3   MET A N      
76  C  CA     . MET A 23  ? 0.5084 0.4902 0.4918 -0.0219 -0.0230 -0.0039 3   MET A CA     
77  C  C      . MET A 23  ? 0.5302 0.5046 0.5102 -0.0147 -0.0279 -0.0017 3   MET A C      
78  O  O      . MET A 23  ? 0.4887 0.4477 0.4711 -0.0130 -0.0285 -0.0015 3   MET A O      
79  C  CB     . MET A 23  ? 0.4567 0.4429 0.4525 -0.0224 -0.0242 -0.0138 3   MET A CB     
80  C  CG     . MET A 23  ? 0.4214 0.4108 0.4162 -0.0179 -0.0266 -0.0220 3   MET A CG     
81  S  SD     . MET A 23  ? 0.5017 0.5045 0.4853 -0.0174 -0.0247 -0.0263 3   MET A SD     
82  C  CE     . MET A 23  ? 0.5413 0.5520 0.5286 -0.0173 -0.0155 -0.0302 3   MET A CE     
83  N  N      . ILE A 24  ? 0.4793 0.4663 0.4536 -0.0100 -0.0313 -0.0003 4   ILE A N      
84  C  CA     . ILE A 24  ? 0.3902 0.3813 0.3690 -0.0021 -0.0365 0.0019  4   ILE A CA     
85  C  C      . ILE A 24  ? 0.5287 0.5336 0.5188 -0.0050 -0.0390 -0.0095 4   ILE A C      
86  O  O      . ILE A 24  ? 0.5223 0.5379 0.5086 -0.0101 -0.0408 -0.0167 4   ILE A O      
87  C  CB     . ILE A 24  ? 0.4641 0.4657 0.4325 0.0050  -0.0423 0.0115  4   ILE A CB     
88  C  CG1    . ILE A 24  ? 0.6536 0.6324 0.6102 0.0113  -0.0390 0.0260  4   ILE A CG1    
89  C  CG2    . ILE A 24  ? 0.4933 0.5139 0.4754 0.0127  -0.0497 0.0109  4   ILE A CG2    
90  C  CD1    . ILE A 24  ? 0.7223 0.6826 0.6696 0.0014  -0.0306 0.0290  4   ILE A CD1    
91  N  N      . ILE A 25  ? 0.5115 0.5120 0.5126 -0.0027 -0.0371 -0.0117 5   ILE A N      
92  C  CA     . ILE A 25  ? 0.4326 0.4446 0.4444 -0.0076 -0.0375 -0.0204 5   ILE A CA     
93  C  C      . ILE A 25  ? 0.4776 0.5093 0.5044 -0.0019 -0.0400 -0.0167 5   ILE A C      
94  O  O      . ILE A 25  ? 0.5016 0.5263 0.5338 0.0065  -0.0348 -0.0119 5   ILE A O      
95  C  CB     . ILE A 25  ? 0.4149 0.4085 0.4268 -0.0107 -0.0312 -0.0253 5   ILE A CB     
96  C  CG1    . ILE A 25  ? 0.4513 0.4326 0.4541 -0.0136 -0.0308 -0.0278 5   ILE A CG1    
97  C  CG2    . ILE A 25  ? 0.3847 0.3846 0.4053 -0.0177 -0.0288 -0.0323 5   ILE A CG2    
98  C  CD1    . ILE A 25  ? 0.5204 0.4836 0.5201 -0.0140 -0.0280 -0.0302 5   ILE A CD1    
99  N  N      . ALA A 26  ? 0.4313 0.4894 0.4653 -0.0058 -0.0482 -0.0198 6   ALA A N      
100 C  CA     . ALA A 26  ? 0.5506 0.6377 0.6053 0.0006  -0.0530 -0.0154 6   ALA A CA     
101 C  C      . ALA A 26  ? 0.4404 0.5502 0.5154 -0.0125 -0.0538 -0.0251 6   ALA A C      
102 O  O      . ALA A 26  ? 0.4070 0.5237 0.4762 -0.0256 -0.0608 -0.0343 6   ALA A O      
103 C  CB     . ALA A 26  ? 0.5314 0.6366 0.5793 0.0081  -0.0657 -0.0076 6   ALA A CB     
104 N  N      . ILE A 27  ? 0.4866 0.6057 0.5834 -0.0098 -0.0451 -0.0236 7   ILE A N      
105 C  CA     . ILE A 27  ? 0.4793 0.6236 0.6008 -0.0242 -0.0431 -0.0310 7   ILE A CA     
106 C  C      . ILE A 27  ? 0.4875 0.6834 0.6419 -0.0188 -0.0529 -0.0266 7   ILE A C      
107 O  O      . ILE A 27  ? 0.3863 0.5957 0.5573 -0.0005 -0.0483 -0.0170 7   ILE A O      
108 C  CB     . ILE A 27  ? 0.4597 0.5858 0.5859 -0.0264 -0.0245 -0.0315 7   ILE A CB     
109 C  CG1    . ILE A 27  ? 0.4555 0.5341 0.5493 -0.0292 -0.0185 -0.0343 7   ILE A CG1    
110 C  CG2    . ILE A 27  ? 0.3800 0.5309 0.5324 -0.0444 -0.0194 -0.0378 7   ILE A CG2    
111 C  CD1    . ILE A 27  ? 0.4373 0.4892 0.5167 -0.0152 -0.0092 -0.0280 7   ILE A CD1    
112 N  N      . VAL A 28  ? 0.4302 0.6551 0.5936 -0.0339 -0.0674 -0.0343 8   VAL A N      
113 C  CA     . VAL A 28  ? 0.3857 0.6669 0.5810 -0.0302 -0.0826 -0.0306 8   VAL A CA     
114 C  C      . VAL A 28  ? 0.3736 0.6900 0.5994 -0.0561 -0.0861 -0.0425 8   VAL A C      
115 O  O      . VAL A 28  ? 0.4248 0.7133 0.6381 -0.0775 -0.0780 -0.0539 8   VAL A O      
116 C  CB     . VAL A 28  ? 0.4103 0.6986 0.5821 -0.0233 -0.1038 -0.0271 8   VAL A CB     
117 C  CG1    . VAL A 28  ? 0.3699 0.6219 0.5126 -0.0007 -0.0987 -0.0141 8   VAL A CG1    
118 C  CG2    . VAL A 28  ? 0.4106 0.6809 0.5536 -0.0454 -0.1112 -0.0422 8   VAL A CG2    
119 N  N      . GLN A 29  ? 0.4290 0.8064 0.6955 -0.0543 -0.0984 -0.0394 9   GLN A N      
120 C  CA     . GLN A 29  ? 0.4540 0.8734 0.7557 -0.0825 -0.1039 -0.0510 9   GLN A CA     
121 C  C      . GLN A 29  ? 0.5338 0.9467 0.8089 -0.1055 -0.1241 -0.0658 9   GLN A C      
122 O  O      . GLN A 29  ? 0.4875 0.8946 0.7320 -0.0942 -0.1410 -0.0634 9   GLN A O      
123 C  CB     . GLN A 29  ? 0.3903 0.8865 0.7492 -0.0727 -0.1138 -0.0430 9   GLN A CB     
124 C  CG     . GLN A 29  ? 0.6385 1.1432 1.0256 -0.0484 -0.0910 -0.0301 9   GLN A CG     
125 C  CD     . GLN A 29  ? 0.7802 1.2565 1.1709 -0.0646 -0.0614 -0.0354 9   GLN A CD     
126 O  OE1    . GLN A 29  ? 0.7961 1.2697 1.1908 -0.0969 -0.0587 -0.0473 9   GLN A OE1    
127 N  NE2    . GLN A 29  ? 0.8612 1.3117 1.2456 -0.0423 -0.0388 -0.0263 9   GLN A NE2    
128 N  N      . ASP A 30  ? 0.5107 0.9217 0.7944 -0.1382 -0.1211 -0.0811 10  ASP A N      
129 C  CA     . ASP A 30  ? 0.4426 0.8399 0.6971 -0.1624 -0.1380 -0.0987 10  ASP A CA     
130 C  C      . ASP A 30  ? 0.4128 0.8654 0.6755 -0.1611 -0.1699 -0.0998 10  ASP A C      
131 O  O      . ASP A 30  ? 0.5034 0.9361 0.7225 -0.1639 -0.1857 -0.1079 10  ASP A O      
132 C  CB     . ASP A 30  ? 0.5531 0.9421 0.8220 -0.1998 -0.1293 -0.1148 10  ASP A CB     
133 C  CG     . ASP A 30  ? 0.7160 1.0278 0.9464 -0.2048 -0.1059 -0.1193 10  ASP A CG     
134 O  OD1    . ASP A 30  ? 0.7652 1.0342 0.9561 -0.1829 -0.1014 -0.1143 10  ASP A OD1    
135 O  OD2    . ASP A 30  ? 0.8725 1.1672 1.1130 -0.2308 -0.0924 -0.1273 10  ASP A OD2    
136 N  N      . GLN A 31  ? 0.3602 0.8767 0.6753 -0.1533 -0.1779 -0.0897 11  GLN A N      
137 C  CA     . GLN A 31  ? 0.3887 0.9437 0.7104 -0.1472 -0.2063 -0.0859 11  GLN A CA     
138 C  C      . GLN A 31  ? 0.4626 1.0179 0.7535 -0.1148 -0.2205 -0.0718 11  GLN A C      
139 O  O      . GLN A 31  ? 0.5718 1.1479 0.8541 -0.1077 -0.2450 -0.0680 11  GLN A O      
140 C  CB     . GLN A 31  ? 0.5715 1.1904 0.9613 -0.1449 -0.2080 -0.0775 11  GLN A CB     
141 C  CG     . GLN A 31  ? 0.5530 1.2003 0.9766 -0.1117 -0.1938 -0.0584 11  GLN A CG     
142 C  CD     . GLN A 31  ? 0.6792 1.3875 1.1724 -0.1103 -0.1899 -0.0518 11  GLN A CD     
143 O  OE1    . GLN A 31  ? 0.7725 1.4970 1.2925 -0.1404 -0.1904 -0.0623 11  GLN A OE1    
144 N  NE2    . GLN A 31  ? 0.7901 1.5296 1.3124 -0.0746 -0.1851 -0.0342 11  GLN A NE2    
145 N  N      . ASP A 32  ? 0.4397 0.9645 0.7111 -0.0944 -0.2038 -0.0626 12  ASP A N      
146 C  CA     . ASP A 32  ? 0.4742 0.9803 0.7084 -0.0639 -0.2113 -0.0467 12  ASP A CA     
147 C  C      . ASP A 32  ? 0.4351 0.8736 0.6039 -0.0685 -0.2045 -0.0539 12  ASP A C      
148 O  O      . ASP A 32  ? 0.5288 0.9499 0.6608 -0.0492 -0.2108 -0.0425 12  ASP A O      
149 C  CB     . ASP A 32  ? 0.3908 0.8882 0.6429 -0.0315 -0.1925 -0.0267 12  ASP A CB     
150 C  CG     . ASP A 32  ? 0.4636 1.0306 0.7758 -0.0150 -0.2006 -0.0151 12  ASP A CG     
151 O  OD1    . ASP A 32  ? 0.4454 1.0646 0.7839 -0.0257 -0.2229 -0.0193 12  ASP A OD1    
152 O  OD2    . ASP A 32  ? 0.5377 1.0971 0.8679 0.0098  -0.1819 -0.0020 12  ASP A OD2    
153 N  N      . SER A 33  ? 0.4344 0.8347 0.5890 -0.0928 -0.1904 -0.0714 13  SER A N      
154 C  CA     . SER A 33  ? 0.5115 0.8491 0.6115 -0.0929 -0.1790 -0.0772 13  SER A CA     
155 C  C      . SER A 33  ? 0.5001 0.8365 0.5539 -0.0954 -0.1989 -0.0830 13  SER A C      
156 O  O      . SER A 33  ? 0.6739 0.9746 0.6855 -0.0822 -0.1923 -0.0773 13  SER A O      
157 C  CB     . SER A 33  ? 0.6297 0.9287 0.7253 -0.1162 -0.1615 -0.0945 13  SER A CB     
158 O  OG     . SER A 33  ? 0.8061 1.1216 0.9054 -0.1456 -0.1750 -0.1140 13  SER A OG     
159 N  N      . GLN A 34  ? 0.5646 0.9415 0.6264 -0.1134 -0.2231 -0.0947 14  GLN A N      
160 C  CA     . GLN A 34  ? 0.6333 1.0046 0.6483 -0.1147 -0.2423 -0.0996 14  GLN A CA     
161 C  C      . GLN A 34  ? 0.6389 1.0257 0.6349 -0.0850 -0.2540 -0.0765 14  GLN A C      
162 O  O      . GLN A 34  ? 0.6627 1.0207 0.6035 -0.0783 -0.2546 -0.0750 14  GLN A O      
163 C  CB     . GLN A 34  ? 0.6246 1.0207 0.6585 -0.1342 -0.2616 -0.1113 14  GLN A CB     
164 C  CG     . GLN A 34  ? 0.6650 1.0318 0.7035 -0.1650 -0.2500 -0.1343 14  GLN A CG     
165 C  CD     . GLN A 34  ? 0.6423 1.0254 0.7382 -0.1746 -0.2336 -0.1325 14  GLN A CD     
166 O  OE1    . GLN A 34  ? 0.4661 0.8846 0.6014 -0.1577 -0.2293 -0.1154 14  GLN A OE1    
167 N  NE2    . GLN A 34  ? 0.7331 1.0867 0.8311 -0.2010 -0.2228 -0.1496 14  GLN A NE2    
168 N  N      . GLU A 35  ? 0.5469 0.9757 0.5872 -0.0659 -0.2607 -0.0575 15  GLU A N      
169 C  CA     . GLU A 35  ? 0.6144 1.0513 0.6375 -0.0350 -0.2708 -0.0328 15  GLU A CA     
170 C  C      . GLU A 35  ? 0.5954 0.9795 0.5873 -0.0171 -0.2464 -0.0196 15  GLU A C      
171 O  O      . GLU A 35  ? 0.5694 0.9347 0.5175 -0.0013 -0.2505 -0.0054 15  GLU A O      
172 C  CB     . GLU A 35  ? 0.4848 0.9700 0.5656 -0.0153 -0.2789 -0.0156 15  GLU A CB     
173 C  CG     . GLU A 35  ? 0.5172 1.0458 0.6259 -0.0247 -0.3036 -0.0207 15  GLU A CG     
174 C  CD     . GLU A 35  ? 0.6478 1.1982 0.8027 -0.0548 -0.2991 -0.0410 15  GLU A CD     
175 O  OE1    . GLU A 35  ? 0.7268 1.3149 0.9082 -0.0651 -0.3194 -0.0462 15  GLU A OE1    
176 O  OE2    . GLU A 35  ? 0.4675 0.9965 0.6313 -0.0688 -0.2760 -0.0513 15  GLU A OE2    
177 N  N      . LEU A 36  ? 0.6040 0.9590 0.6176 -0.0202 -0.2198 -0.0231 16  LEU A N      
178 C  CA     . LEU A 36  ? 0.5542 0.8568 0.5436 -0.0064 -0.1960 -0.0122 16  LEU A CA     
179 C  C      . LEU A 36  ? 0.6640 0.9264 0.5996 -0.0170 -0.1885 -0.0219 16  LEU A C      
180 O  O      . LEU A 36  ? 0.6516 0.8872 0.5528 -0.0039 -0.1815 -0.0084 16  LEU A O      
181 C  CB     . LEU A 36  ? 0.4745 0.7579 0.4974 -0.0085 -0.1722 -0.0152 16  LEU A CB     
182 C  CG     . LEU A 36  ? 0.5061 0.7379 0.5073 0.0005  -0.1495 -0.0075 16  LEU A CG     
183 C  CD1    . LEU A 36  ? 0.5168 0.7403 0.5067 0.0254  -0.1505 0.0158  16  LEU A CD1    
184 C  CD2    . LEU A 36  ? 0.4987 0.7129 0.5274 -0.0041 -0.1297 -0.0132 16  LEU A CD2    
185 N  N      . ALA A 37  ? 0.7236 0.9801 0.6527 -0.0402 -0.1878 -0.0453 17  ALA A N      
186 C  CA     . ALA A 37  ? 0.7085 0.9286 0.5879 -0.0492 -0.1790 -0.0577 17  ALA A CA     
187 C  C      . ALA A 37  ? 0.6952 0.9202 0.5254 -0.0420 -0.1941 -0.0505 17  ALA A C      
188 O  O      . ALA A 37  ? 0.7426 0.9360 0.5323 -0.0359 -0.1802 -0.0458 17  ALA A O      
189 C  CB     . ALA A 37  ? 0.7062 0.9197 0.5853 -0.0744 -0.1795 -0.0849 17  ALA A CB     
190 N  N      . ASP A 38  ? 0.7071 0.9743 0.5409 -0.0426 -0.2225 -0.0487 18  ASP A N      
191 C  CA     . ASP A 38  ? 0.7691 1.0417 0.5503 -0.0348 -0.2400 -0.0404 18  ASP A CA     
192 C  C      . ASP A 38  ? 0.8187 1.0774 0.5854 -0.0077 -0.2331 -0.0095 18  ASP A C      
193 O  O      . ASP A 38  ? 0.7044 0.9389 0.4161 -0.0019 -0.2291 -0.0014 18  ASP A O      
194 C  CB     . ASP A 38  ? 0.9966 1.3110 0.7907 -0.0405 -0.2722 -0.0446 18  ASP A CB     
195 C  CG     . ASP A 38  ? 1.2854 1.5869 1.0630 -0.0674 -0.2775 -0.0744 18  ASP A CG     
196 O  OD1    . ASP A 38  ? 1.4429 1.7050 1.1665 -0.0737 -0.2658 -0.0868 18  ASP A OD1    
197 O  OD2    . ASP A 38  ? 1.3242 1.6534 1.1424 -0.0814 -0.2919 -0.0852 18  ASP A OD2    
198 N  N      . GLN A 39  ? 0.7143 0.9836 0.5275 0.0080  -0.2290 0.0072  19  GLN A N      
199 C  CA     . GLN A 39  ? 0.7256 0.9768 0.5256 0.0334  -0.2231 0.0362  19  GLN A CA     
200 C  C      . GLN A 39  ? 0.7499 0.9485 0.5310 0.0327  -0.1913 0.0401  19  GLN A C      
201 O  O      . GLN A 39  ? 0.7542 0.9258 0.5013 0.0453  -0.1834 0.0604  19  GLN A O      
202 C  CB     . GLN A 39  ? 0.7966 1.0739 0.6509 0.0518  -0.2285 0.0508  19  GLN A CB     
203 C  CG     . GLN A 39  ? 0.9448 1.2052 0.7830 0.0809  -0.2286 0.0815  19  GLN A CG     
204 C  CD     . GLN A 39  ? 0.9242 1.2082 0.7269 0.0945  -0.2572 0.0966  19  GLN A CD     
205 O  OE1    . GLN A 39  ? 0.9505 1.2679 0.7523 0.0812  -0.2792 0.0822  19  GLN A OE1    
206 N  NE2    . GLN A 39  ? 1.0484 1.3040 0.8208 0.1184  -0.2548 0.1248  19  GLN A NE2    
207 N  N      . LEU A 40  ? 0.5904 0.7751 0.3942 0.0175  -0.1732 0.0218  20  LEU A N      
208 C  CA     . LEU A 40  ? 0.6607 0.8045 0.4509 0.0141  -0.1456 0.0219  20  LEU A CA     
209 C  C      . LEU A 40  ? 0.8272 0.9540 0.5619 0.0074  -0.1398 0.0169  20  LEU A C      
210 O  O      . LEU A 40  ? 0.8044 0.9039 0.5147 0.0110  -0.1213 0.0286  20  LEU A O      
211 C  CB     . LEU A 40  ? 0.5681 0.7053 0.3941 0.0015  -0.1316 0.0034  20  LEU A CB     
212 C  CG     . LEU A 40  ? 0.6371 0.7808 0.5126 0.0072  -0.1286 0.0078  20  LEU A CG     
213 C  CD1    . LEU A 40  ? 0.5815 0.7176 0.4817 -0.0071 -0.1170 -0.0114 20  LEU A CD1    
214 C  CD2    . LEU A 40  ? 0.5897 0.7077 0.4664 0.0215  -0.1155 0.0279  20  LEU A CD2    
215 N  N      . VAL A 41  ? 0.8570 0.9999 0.5714 -0.0040 -0.1544 -0.0015 21  VAL A N      
216 C  CA     . VAL A 41  ? 0.7929 0.9191 0.4489 -0.0100 -0.1487 -0.0094 21  VAL A CA     
217 C  C      . VAL A 41  ? 0.8076 0.9301 0.4177 0.0037  -0.1557 0.0149  21  VAL A C      
218 O  O      . VAL A 41  ? 0.8592 0.9543 0.4311 0.0055  -0.1352 0.0231  21  VAL A O      
219 C  CB     . VAL A 41  ? 0.7730 0.9133 0.4123 -0.0265 -0.1654 -0.0367 21  VAL A CB     
220 C  CG1    . VAL A 41  ? 0.8558 0.9835 0.4225 -0.0285 -0.1673 -0.0411 21  VAL A CG1    
221 C  CG2    . VAL A 41  ? 0.8563 0.9812 0.5224 -0.0404 -0.1489 -0.0607 21  VAL A CG2    
222 N  N      . LYS A 42  ? 0.7597 0.9103 0.3751 0.0143  -0.1835 0.0280  22  LYS A N      
223 C  CA     . LYS A 42  ? 0.8437 0.9894 0.4139 0.0311  -0.1936 0.0547  22  LYS A CA     
224 C  C      . LYS A 42  ? 0.9067 1.0148 0.4730 0.0424  -0.1677 0.0796  22  LYS A C      
225 O  O      . LYS A 42  ? 1.0219 1.1066 0.5352 0.0488  -0.1604 0.0979  22  LYS A O      
226 C  CB     . LYS A 42  ? 0.9304 1.1171 0.5227 0.0450  -0.2279 0.0665  22  LYS A CB     
227 C  CG     . LYS A 42  ? 1.0672 1.2420 0.6357 0.0704  -0.2342 0.1017  22  LYS A CG     
228 C  CD     . LYS A 42  ? 1.0027 1.2050 0.5804 0.0786  -0.2673 0.1080  22  LYS A CD     
229 C  CE     . LYS A 42  ? 1.0191 1.1949 0.5617 0.0997  -0.2705 0.1414  22  LYS A CE     
230 N  NZ     . LYS A 42  ? 1.0771 1.2700 0.5964 0.1015  -0.3019 0.1450  22  LYS A NZ     
231 N  N      . ASN A 43  ? 0.8698 0.9707 0.4896 0.0425  -0.1529 0.0793  23  ASN A N      
232 C  CA     . ASN A 43  ? 0.8882 0.9541 0.5120 0.0500  -0.1307 0.1003  23  ASN A CA     
233 C  C      . ASN A 43  ? 0.8557 0.8957 0.4787 0.0348  -0.0990 0.0910  23  ASN A C      
234 O  O      . ASN A 43  ? 0.8112 0.8272 0.4520 0.0353  -0.0811 0.1022  23  ASN A O      
235 C  CB     . ASN A 43  ? 0.8258 0.8975 0.5052 0.0607  -0.1346 0.1061  23  ASN A CB     
236 C  CG     . ASN A 43  ? 0.8769 0.9730 0.5611 0.0819  -0.1618 0.1222  23  ASN A CG     
237 O  OD1    . ASN A 43  ? 0.9020 0.9781 0.5580 0.0994  -0.1642 0.1483  23  ASN A OD1    
238 N  ND2    . ASN A 43  ? 0.8689 1.0093 0.5912 0.0807  -0.1817 0.1075  23  ASN A ND2    
239 N  N      . ASN A 44  ? 0.8466 0.8923 0.4503 0.0217  -0.0926 0.0700  24  ASN A N      
240 C  CA     . ASN A 44  ? 0.9695 0.9983 0.5729 0.0102  -0.0629 0.0605  24  ASN A CA     
241 C  C      . ASN A 44  ? 0.9455 0.9727 0.6067 0.0048  -0.0507 0.0515  24  ASN A C      
242 O  O      . ASN A 44  ? 0.9670 0.9807 0.6368 -0.0012 -0.0273 0.0538  24  ASN A O      
243 C  CB     . ASN A 44  ? 0.9114 0.9140 0.4767 0.0116  -0.0422 0.0832  24  ASN A CB     
244 C  CG     . ASN A 44  ? 1.1349 1.1335 0.6354 0.0191  -0.0540 0.0970  24  ASN A CG     
245 O  OD1    . ASN A 44  ? 1.1299 1.1402 0.5957 0.0157  -0.0626 0.0813  24  ASN A OD1    
246 N  ND2    . ASN A 44  ? 1.1163 1.0944 0.5961 0.0296  -0.0548 0.1268  24  ASN A ND2    
247 N  N      . PHE A 45  ? 0.7933 0.8370 0.4937 0.0062  -0.0668 0.0419  25  PHE A N      
248 C  CA     . PHE A 45  ? 0.7945 0.8374 0.5426 0.0008  -0.0580 0.0302  25  PHE A CA     
249 C  C      . PHE A 45  ? 0.8234 0.8752 0.5771 -0.0088 -0.0568 0.0042  25  PHE A C      
250 O  O      . PHE A 45  ? 0.7340 0.7989 0.4724 -0.0116 -0.0725 -0.0075 25  PHE A O      
251 C  CB     . PHE A 45  ? 0.7463 0.7978 0.5319 0.0080  -0.0717 0.0354  25  PHE A CB     
252 C  CG     . PHE A 45  ? 0.6956 0.7291 0.4807 0.0189  -0.0691 0.0590  25  PHE A CG     
253 C  CD1    . PHE A 45  ? 0.6369 0.6457 0.4318 0.0145  -0.0505 0.0654  25  PHE A CD1    
254 C  CD2    . PHE A 45  ? 0.6490 0.6896 0.4246 0.0337  -0.0862 0.0746  25  PHE A CD2    
255 C  CE1    . PHE A 45  ? 0.6367 0.6208 0.4275 0.0226  -0.0474 0.0857  25  PHE A CE1    
256 C  CE2    . PHE A 45  ? 0.7102 0.7262 0.4821 0.0461  -0.0824 0.0967  25  PHE A CE2    
257 C  CZ     . PHE A 45  ? 0.7467 0.7309 0.5243 0.0394  -0.0623 0.1015  25  PHE A CZ     
258 N  N      . ARG A 46  ? 0.6091 0.6523 0.3845 -0.0135 -0.0394 -0.0051 26  ARG A N      
259 C  CA     . ARG A 46  ? 0.6718 0.7158 0.4543 -0.0196 -0.0366 -0.0284 26  ARG A CA     
260 C  C      . ARG A 46  ? 0.7429 0.7912 0.5665 -0.0214 -0.0453 -0.0344 26  ARG A C      
261 O  O      . ARG A 46  ? 0.6572 0.7046 0.5063 -0.0175 -0.0454 -0.0222 26  ARG A O      
262 C  CB     . ARG A 46  ? 0.6346 0.6695 0.4180 -0.0201 -0.0127 -0.0341 26  ARG A CB     
263 C  CG     . ARG A 46  ? 0.6411 0.6716 0.3798 -0.0202 -0.0002 -0.0401 26  ARG A CG     
264 C  CD     . ARG A 46  ? 0.7478 0.7776 0.4532 -0.0182 0.0009  -0.0196 26  ARG A CD     
265 N  NE     . ARG A 46  ? 0.7648 0.7892 0.4290 -0.0182 0.0203  -0.0226 26  ARG A NE     
266 C  CZ     . ARG A 46  ? 0.8199 0.8393 0.4414 -0.0171 0.0244  -0.0066 26  ARG A CZ     
267 N  NH1    . ARG A 46  ? 0.8594 0.8770 0.4747 -0.0142 0.0084  0.0137  26  ARG A NH1    
268 N  NH2    . ARG A 46  ? 0.7632 0.7775 0.3459 -0.0174 0.0456  -0.0105 26  ARG A NH2    
269 N  N      . ALA A 47  ? 0.6032 0.6523 0.4302 -0.0282 -0.0511 -0.0532 27  ALA A N      
270 C  CA     . ALA A 47  ? 0.5476 0.5996 0.4100 -0.0317 -0.0574 -0.0578 27  ALA A CA     
271 C  C      . ALA A 47  ? 0.5617 0.6002 0.4256 -0.0399 -0.0532 -0.0783 27  ALA A C      
272 O  O      . ALA A 47  ? 0.5810 0.6114 0.4162 -0.0446 -0.0524 -0.0925 27  ALA A O      
273 C  CB     . ALA A 47  ? 0.6181 0.6928 0.4898 -0.0326 -0.0769 -0.0525 27  ALA A CB     
274 N  N      . THR A 48  ? 0.4975 0.5286 0.3904 -0.0408 -0.0499 -0.0795 28  THR A N      
275 C  CA     . THR A 48  ? 0.5905 0.6031 0.4856 -0.0485 -0.0463 -0.0959 28  THR A CA     
276 C  C      . THR A 48  ? 0.5709 0.5931 0.4921 -0.0571 -0.0554 -0.0950 28  THR A C      
277 O  O      . THR A 48  ? 0.5710 0.6026 0.5147 -0.0512 -0.0555 -0.0818 28  THR A O      
278 C  CB     . THR A 48  ? 0.5271 0.5187 0.4296 -0.0396 -0.0305 -0.0962 28  THR A CB     
279 O  OG1    . THR A 48  ? 0.5660 0.5549 0.4484 -0.0322 -0.0197 -0.0983 28  THR A OG1    
280 C  CG2    . THR A 48  ? 0.5540 0.5195 0.4569 -0.0450 -0.0266 -0.1101 28  THR A CG2    
281 N  N      . LYS A 49  ? 0.5088 0.5289 0.4263 -0.0721 -0.0621 -0.1097 29  LYS A N      
282 C  CA     . LYS A 49  ? 0.5055 0.5413 0.4510 -0.0835 -0.0692 -0.1094 29  LYS A CA     
283 C  C      . LYS A 49  ? 0.5756 0.5812 0.5277 -0.0926 -0.0586 -0.1177 29  LYS A C      
284 O  O      . LYS A 49  ? 0.6161 0.5897 0.5462 -0.0974 -0.0525 -0.1317 29  LYS A O      
285 C  CB     . LYS A 49  ? 0.6178 0.6804 0.5606 -0.0990 -0.0871 -0.1190 29  LYS A CB     
286 C  CG     . LYS A 49  ? 0.7855 0.8741 0.7106 -0.0917 -0.1009 -0.1129 29  LYS A CG     
287 C  CD     . LYS A 49  ? 0.9094 1.0377 0.8462 -0.1055 -0.1232 -0.1180 29  LYS A CD     
288 C  CE     . LYS A 49  ? 1.0241 1.1414 0.9475 -0.1308 -0.1294 -0.1422 29  LYS A CE     
289 N  NZ     . LYS A 49  ? 1.0349 1.1488 0.9917 -0.1480 -0.1233 -0.1484 29  LYS A NZ     
290 N  N      . LEU A 50  ? 0.5056 0.5189 0.4853 -0.0946 -0.0558 -0.1092 30  LEU A N      
291 C  CA     . LEU A 50  ? 0.6071 0.5909 0.5920 -0.1029 -0.0445 -0.1125 30  LEU A CA     
292 C  C      . LEU A 50  ? 0.5568 0.5640 0.5677 -0.1220 -0.0484 -0.1144 30  LEU A C      
293 O  O      . LEU A 50  ? 0.5583 0.6013 0.5943 -0.1174 -0.0523 -0.1038 30  LEU A O      
294 C  CB     . LEU A 50  ? 0.4721 0.4413 0.4632 -0.0868 -0.0337 -0.0984 30  LEU A CB     
295 C  CG     . LEU A 50  ? 0.6413 0.5894 0.6172 -0.0691 -0.0278 -0.0943 30  LEU A CG     
296 C  CD1    . LEU A 50  ? 0.5456 0.5126 0.5125 -0.0606 -0.0335 -0.0934 30  LEU A CD1    
297 C  CD2    . LEU A 50  ? 0.6441 0.5891 0.6302 -0.0582 -0.0230 -0.0806 30  LEU A CD2    
298 N  N      . ALA A 51  ? 0.6203 0.6076 0.6265 -0.1433 -0.0462 -0.1280 31  ALA A N      
299 C  CA     . ALA A 51  ? 0.6033 0.6117 0.6391 -0.1646 -0.0456 -0.1287 31  ALA A CA     
300 C  C      . ALA A 51  ? 0.6529 0.6437 0.6989 -0.1581 -0.0283 -0.1153 31  ALA A C      
301 O  O      . ALA A 51  ? 0.6521 0.5935 0.6763 -0.1561 -0.0162 -0.1155 31  ALA A O      
302 C  CB     . ALA A 51  ? 0.7129 0.6987 0.7383 -0.1930 -0.0469 -0.1475 31  ALA A CB     
303 N  N      . THR A 52  ? 0.5081 0.5369 0.5836 -0.1522 -0.0268 -0.1032 32  THR A N      
304 C  CA     . THR A 52  ? 0.5073 0.5178 0.5856 -0.1449 -0.0098 -0.0911 32  THR A CA     
305 C  C      . THR A 52  ? 0.5413 0.5809 0.6533 -0.1625 -0.0010 -0.0886 32  THR A C      
306 O  O      . THR A 52  ? 0.5009 0.5760 0.6375 -0.1819 -0.0096 -0.0970 32  THR A O      
307 C  CB     . THR A 52  ? 0.4864 0.5052 0.5627 -0.1181 -0.0098 -0.0782 32  THR A CB     
308 O  OG1    . THR A 52  ? 0.5486 0.6164 0.6480 -0.1116 -0.0214 -0.0753 32  THR A OG1    
309 C  CG2    . THR A 52  ? 0.5102 0.4984 0.5562 -0.1032 -0.0139 -0.0790 32  THR A CG2    
310 N  N      . THR A 53  ? 0.5037 0.5302 0.6162 -0.1561 0.0162  -0.0774 33  THR A N      
311 C  CA     A THR A 53  ? 0.4010 0.4598 0.5476 -0.1698 0.0288  -0.0733 33  THR A CA     
312 C  CA     B THR A 53  ? 0.4461 0.5010 0.5907 -0.1705 0.0299  -0.0733 33  THR A CA     
313 C  C      . THR A 53  ? 0.5310 0.5940 0.6787 -0.1482 0.0420  -0.0598 33  THR A C      
314 O  O      . THR A 53  ? 0.5340 0.5589 0.6484 -0.1299 0.0445  -0.0541 33  THR A O      
315 C  CB     A THR A 53  ? 0.5409 0.5665 0.6813 -0.1976 0.0440  -0.0769 33  THR A CB     
316 C  CB     B THR A 53  ? 0.5553 0.5685 0.6872 -0.1951 0.0462  -0.0756 33  THR A CB     
317 O  OG1    A THR A 53  ? 0.5672 0.6394 0.7513 -0.2178 0.0533  -0.0763 33  THR A OG1    
318 O  OG1    B THR A 53  ? 0.4963 0.4979 0.6234 -0.2169 0.0351  -0.0906 33  THR A OG1    
319 C  CG2    A THR A 53  ? 0.4393 0.4076 0.5434 -0.1877 0.0618  -0.0664 33  THR A CG2    
320 C  CG2    B THR A 53  ? 0.5666 0.6105 0.7329 -0.2120 0.0645  -0.0701 33  THR A CG2    
321 N  N      . GLY A 54  ? 0.5348 0.6475 0.7217 -0.1492 0.0491  -0.0558 34  GLY A N      
322 C  CA     . GLY A 54  ? 0.5171 0.6357 0.7052 -0.1271 0.0627  -0.0452 34  GLY A CA     
323 C  C      . GLY A 54  ? 0.4909 0.5759 0.6609 -0.1338 0.0886  -0.0389 34  GLY A C      
324 O  O      . GLY A 54  ? 0.5586 0.6411 0.7385 -0.1589 0.1005  -0.0405 34  GLY A O      
325 N  N      . GLY A 55  ? 0.5523 0.6083 0.6922 -0.1129 0.0975  -0.0317 35  GLY A N      
326 C  CA     . GLY A 55  ? 0.5922 0.6116 0.7046 -0.1168 0.1211  -0.0247 35  GLY A CA     
327 C  C      . GLY A 55  ? 0.6242 0.6812 0.7704 -0.1252 0.1457  -0.0209 35  GLY A C      
328 O  O      . GLY A 55  ? 0.5981 0.6338 0.7330 -0.1417 0.1672  -0.0161 35  GLY A O      
329 N  N      . PHE A 56  ? 0.4475 0.5605 0.6357 -0.1129 0.1438  -0.0219 36  PHE A N      
330 C  CA     . PHE A 56  ? 0.5678 0.7235 0.7931 -0.1149 0.1694  -0.0177 36  PHE A CA     
331 C  C      . PHE A 56  ? 0.5344 0.7442 0.8161 -0.1442 0.1712  -0.0213 36  PHE A C      
332 O  O      . PHE A 56  ? 0.5108 0.7247 0.8039 -0.1649 0.1965  -0.0178 36  PHE A O      
333 C  CB     . PHE A 56  ? 0.5342 0.7241 0.7797 -0.0839 0.1690  -0.0161 36  PHE A CB     
334 C  CG     . PHE A 56  ? 0.5805 0.8141 0.8634 -0.0794 0.1986  -0.0119 36  PHE A CG     
335 C  CD1    . PHE A 56  ? 0.6407 0.8396 0.8891 -0.0746 0.2291  -0.0072 36  PHE A CD1    
336 C  CD2    . PHE A 56  ? 0.5599 0.8715 0.9119 -0.0786 0.1960  -0.0124 36  PHE A CD2    
337 C  CE1    . PHE A 56  ? 0.8163 1.0562 1.0987 -0.0692 0.2605  -0.0037 36  PHE A CE1    
338 C  CE2    . PHE A 56  ? 0.6115 0.9700 1.0044 -0.0724 0.2254  -0.0081 36  PHE A CE2    
339 C  CZ     . PHE A 56  ? 0.6707 0.9927 1.0287 -0.0675 0.2596  -0.0041 36  PHE A CZ     
340 N  N      . LEU A 57  ? 0.4746 0.7259 0.7901 -0.1479 0.1446  -0.0282 37  LEU A N      
341 C  CA     . LEU A 57  ? 0.5685 0.8783 0.9408 -0.1770 0.1420  -0.0333 37  LEU A CA     
342 C  C      . LEU A 57  ? 0.5654 0.8365 0.9168 -0.2108 0.1341  -0.0413 37  LEU A C      
343 O  O      . LEU A 57  ? 0.5029 0.8063 0.8917 -0.2434 0.1368  -0.0466 37  LEU A O      
344 C  CB     . LEU A 57  ? 0.4892 0.8671 0.9075 -0.1646 0.1156  -0.0368 37  LEU A CB     
345 C  CG     . LEU A 57  ? 0.4229 0.8460 0.8727 -0.1318 0.1265  -0.0283 37  LEU A CG     
346 C  CD1    . LEU A 57  ? 0.5051 0.9913 0.9964 -0.1169 0.0979  -0.0292 37  LEU A CD1    
347 C  CD2    . LEU A 57  ? 0.3926 0.8545 0.8838 -0.1427 0.1599  -0.0238 37  LEU A CD2    
348 N  N      . ARG A 58  ? 0.5217 0.7234 0.8142 -0.2027 0.1247  -0.0425 38  ARG A N      
349 C  CA     . ARG A 58  ? 0.6167 0.7676 0.8796 -0.2279 0.1195  -0.0494 38  ARG A CA     
350 C  C      . ARG A 58  ? 0.6768 0.8644 0.9712 -0.2516 0.0965  -0.0634 38  ARG A C      
351 O  O      . ARG A 58  ? 0.5551 0.7292 0.8541 -0.2858 0.1004  -0.0708 38  ARG A O      
352 C  CB     . ARG A 58  ? 0.7657 0.8807 1.0157 -0.2509 0.1496  -0.0430 38  ARG A CB     
353 C  CG     . ARG A 58  ? 1.0013 1.0532 1.1943 -0.2292 0.1656  -0.0310 38  ARG A CG     
354 C  CD     . ARG A 58  ? 1.2272 1.2490 1.4056 -0.2479 0.1988  -0.0208 38  ARG A CD     
355 N  NE     . ARG A 58  ? 1.3171 1.2866 1.4396 -0.2236 0.2111  -0.0091 38  ARG A NE     
356 C  CZ     . ARG A 58  ? 1.2818 1.2701 1.4027 -0.2013 0.2242  -0.0030 38  ARG A CZ     
357 N  NH1    . ARG A 58  ? 1.2482 1.3069 1.4238 -0.1972 0.2292  -0.0057 38  ARG A NH1    
358 N  NH2    . ARG A 58  ? 1.2829 1.2189 1.3465 -0.1822 0.2321  0.0057  38  ARG A NH2    
359 N  N      . ALA A 59  ? 0.5237 0.7546 0.8362 -0.2337 0.0722  -0.0670 39  ALA A N      
360 C  CA     . ALA A 59  ? 0.5743 0.8404 0.9084 -0.2518 0.0458  -0.0804 39  ALA A CA     
361 C  C      . ALA A 59  ? 0.5422 0.7791 0.8361 -0.2313 0.0228  -0.0849 39  ALA A C      
362 O  O      . ALA A 59  ? 0.4758 0.6871 0.7422 -0.2010 0.0251  -0.0761 39  ALA A O      
363 C  CB     . ALA A 59  ? 0.6077 0.9655 1.0069 -0.2512 0.0368  -0.0791 39  ALA A CB     
364 N  N      . GLY A 60  ? 0.4741 0.7134 0.7627 -0.2495 0.0017  -0.0993 40  GLY A N      
365 C  CA     . GLY A 60  ? 0.4815 0.6904 0.7286 -0.2326 -0.0164 -0.1044 40  GLY A CA     
366 C  C      . GLY A 60  ? 0.4586 0.7072 0.7154 -0.2010 -0.0304 -0.0951 40  GLY A C      
367 O  O      . GLY A 60  ? 0.4538 0.7669 0.7547 -0.1977 -0.0378 -0.0908 40  GLY A O      
368 N  N      . ASN A 61  ? 0.4491 0.6588 0.6665 -0.1769 -0.0327 -0.0909 41  ASN A N      
369 C  CA     . ASN A 61  ? 0.4912 0.7273 0.7078 -0.1509 -0.0483 -0.0838 41  ASN A CA     
370 C  C      . ASN A 61  ? 0.4848 0.6758 0.6535 -0.1426 -0.0561 -0.0887 41  ASN A C      
371 O  O      . ASN A 61  ? 0.4362 0.5834 0.5785 -0.1559 -0.0508 -0.0985 41  ASN A O      
372 C  CB     . ASN A 61  ? 0.5449 0.7908 0.7748 -0.1240 -0.0358 -0.0679 41  ASN A CB     
373 C  CG     . ASN A 61  ? 0.5539 0.7443 0.7555 -0.1169 -0.0145 -0.0630 41  ASN A CG     
374 O  OD1    . ASN A 61  ? 0.4177 0.5596 0.5847 -0.1227 -0.0123 -0.0682 41  ASN A OD1    
375 N  ND2    . ASN A 61  ? 0.4715 0.6699 0.6866 -0.1023 0.0009  -0.0528 41  ASN A ND2    
376 N  N      . THR A 62  ? 0.4327 0.6347 0.5908 -0.1209 -0.0675 -0.0816 42  THR A N      
377 C  CA     . THR A 62  ? 0.4065 0.5742 0.5231 -0.1143 -0.0735 -0.0859 42  THR A CA     
378 C  C      . THR A 62  ? 0.4304 0.5760 0.5312 -0.0890 -0.0658 -0.0728 42  THR A C      
379 O  O      . THR A 62  ? 0.4608 0.6291 0.5772 -0.0724 -0.0671 -0.0605 42  THR A O      
380 C  CB     . THR A 62  ? 0.4299 0.6278 0.5391 -0.1171 -0.0962 -0.0914 42  THR A CB     
381 O  OG1    . THR A 62  ? 0.4689 0.6868 0.5916 -0.1445 -0.1055 -0.1063 42  THR A OG1    
382 C  CG2    . THR A 62  ? 0.4322 0.5947 0.4961 -0.1104 -0.0982 -0.0959 42  THR A CG2    
383 N  N      . THR A 63  ? 0.4898 0.5915 0.5613 -0.0860 -0.0578 -0.0755 43  THR A N      
384 C  CA     . THR A 63  ? 0.4668 0.5500 0.5239 -0.0664 -0.0528 -0.0651 43  THR A CA     
385 C  C      . THR A 63  ? 0.4886 0.5626 0.5187 -0.0617 -0.0594 -0.0677 43  THR A C      
386 O  O      . THR A 63  ? 0.5141 0.5690 0.5258 -0.0702 -0.0584 -0.0795 43  THR A O      
387 C  CB     . THR A 63  ? 0.5144 0.5610 0.5635 -0.0643 -0.0380 -0.0635 43  THR A CB     
388 O  OG1    . THR A 63  ? 0.5012 0.5556 0.5708 -0.0689 -0.0294 -0.0602 43  THR A OG1    
389 C  CG2    . THR A 63  ? 0.3647 0.3968 0.4026 -0.0474 -0.0352 -0.0539 43  THR A CG2    
390 N  N      . PHE A 64  ? 0.4230 0.5086 0.4491 -0.0479 -0.0644 -0.0568 44  PHE A N      
391 C  CA     . PHE A 64  ? 0.3864 0.4631 0.3859 -0.0424 -0.0667 -0.0557 44  PHE A CA     
392 C  C      . PHE A 64  ? 0.4789 0.5310 0.4714 -0.0329 -0.0555 -0.0485 44  PHE A C      
393 O  O      . PHE A 64  ? 0.4727 0.5213 0.4766 -0.0253 -0.0517 -0.0391 44  PHE A O      
394 C  CB     . PHE A 64  ? 0.3515 0.4530 0.3466 -0.0341 -0.0789 -0.0457 44  PHE A CB     
395 C  CG     . PHE A 64  ? 0.4685 0.5989 0.4637 -0.0434 -0.0949 -0.0532 44  PHE A CG     
396 C  CD1    . PHE A 64  ? 0.5586 0.7190 0.5854 -0.0497 -0.1021 -0.0551 44  PHE A CD1    
397 C  CD2    . PHE A 64  ? 0.5389 0.6698 0.5022 -0.0463 -0.1033 -0.0582 44  PHE A CD2    
398 C  CE1    . PHE A 64  ? 0.4690 0.6623 0.4996 -0.0609 -0.1200 -0.0629 44  PHE A CE1    
399 C  CE2    . PHE A 64  ? 0.6355 0.7939 0.5950 -0.0564 -0.1215 -0.0664 44  PHE A CE2    
400 C  CZ     . PHE A 64  ? 0.5157 0.7071 0.5109 -0.0643 -0.1313 -0.0689 44  PHE A CZ     
401 N  N      . LEU A 65  ? 0.4841 0.5213 0.4583 -0.0334 -0.0503 -0.0538 45  LEU A N      
402 C  CA     . LEU A 65  ? 0.4762 0.5004 0.4470 -0.0259 -0.0419 -0.0465 45  LEU A CA     
403 C  C      . LEU A 65  ? 0.4895 0.5201 0.4420 -0.0226 -0.0420 -0.0403 45  LEU A C      
404 O  O      . LEU A 65  ? 0.5267 0.5595 0.4602 -0.0256 -0.0420 -0.0480 45  LEU A O      
405 C  CB     . LEU A 65  ? 0.4695 0.4762 0.4394 -0.0263 -0.0334 -0.0549 45  LEU A CB     
406 C  CG     . LEU A 65  ? 0.5571 0.5500 0.5365 -0.0300 -0.0320 -0.0606 45  LEU A CG     
407 C  CD1    . LEU A 65  ? 0.5142 0.4872 0.4880 -0.0263 -0.0244 -0.0673 45  LEU A CD1    
408 C  CD2    . LEU A 65  ? 0.4141 0.4054 0.4070 -0.0271 -0.0319 -0.0512 45  LEU A CD2    
409 N  N      . CYS A 66  ? 0.4749 0.5041 0.4285 -0.0171 -0.0408 -0.0264 46  CYS A N      
410 C  CA     . CYS A 66  ? 0.5069 0.5378 0.4401 -0.0148 -0.0391 -0.0169 46  CYS A CA     
411 C  C      . CYS A 66  ? 0.5208 0.5401 0.4570 -0.0151 -0.0284 -0.0082 46  CYS A C      
412 O  O      . CYS A 66  ? 0.4787 0.4877 0.4242 -0.0132 -0.0287 0.0004  46  CYS A O      
413 C  CB     . CYS A 66  ? 0.5513 0.5903 0.4786 -0.0083 -0.0498 -0.0052 46  CYS A CB     
414 S  SG     . CYS A 66  ? 0.5938 0.6583 0.5228 -0.0102 -0.0663 -0.0140 46  CYS A SG     
415 N  N      . GLY A 67  ? 0.4574 0.4785 0.3865 -0.0182 -0.0181 -0.0116 47  GLY A N      
416 C  CA     . GLY A 67  ? 0.4762 0.4938 0.4117 -0.0219 -0.0073 -0.0033 47  GLY A CA     
417 C  C      . GLY A 67  ? 0.5040 0.5161 0.4161 -0.0225 -0.0041 0.0114  47  GLY A C      
418 O  O      . GLY A 67  ? 0.5332 0.5504 0.4193 -0.0208 -0.0025 0.0116  47  GLY A O      
419 N  N      . VAL A 68  ? 0.4865 0.4836 0.4027 -0.0248 -0.0031 0.0237  48  VAL A N      
420 C  CA     A VAL A 68  ? 0.5836 0.5670 0.4749 -0.0242 0.0003  0.0408  48  VAL A CA     
421 C  CA     B VAL A 68  ? 0.5818 0.5644 0.4732 -0.0239 -0.0003 0.0410  48  VAL A CA     
422 C  C      . VAL A 68  ? 0.5735 0.5392 0.4709 -0.0349 0.0113  0.0512  48  VAL A C      
423 O  O      . VAL A 68  ? 0.5180 0.4777 0.4383 -0.0405 0.0099  0.0464  48  VAL A O      
424 C  CB     A VAL A 68  ? 0.6109 0.5854 0.4926 -0.0122 -0.0136 0.0484  48  VAL A CB     
425 C  CB     B VAL A 68  ? 0.5918 0.5646 0.4767 -0.0119 -0.0142 0.0483  48  VAL A CB     
426 C  CG1    A VAL A 68  ? 0.5068 0.4613 0.4057 -0.0105 -0.0157 0.0514  48  VAL A CG1    
427 C  CG1    B VAL A 68  ? 0.6966 0.6478 0.5546 -0.0076 -0.0119 0.0688  48  VAL A CG1    
428 C  CG2    A VAL A 68  ? 0.7334 0.6976 0.5808 -0.0071 -0.0132 0.0659  48  VAL A CG2    
429 C  CG2    B VAL A 68  ? 0.4193 0.4141 0.3003 -0.0049 -0.0270 0.0389  48  VAL A CG2    
430 N  N      . ASN A 69  ? 0.6746 0.6312 0.5488 -0.0397 0.0223  0.0650  49  ASN A N      
431 C  CA     . ASN A 69  ? 0.6829 0.6183 0.5594 -0.0534 0.0339  0.0769  49  ASN A CA     
432 C  C      . ASN A 69  ? 0.6918 0.5927 0.5650 -0.0487 0.0253  0.0845  49  ASN A C      
433 O  O      . ASN A 69  ? 0.6871 0.5777 0.5431 -0.0324 0.0151  0.0907  49  ASN A O      
434 C  CB     . ASN A 69  ? 0.7684 0.6960 0.6138 -0.0588 0.0493  0.0930  49  ASN A CB     
435 C  CG     . ASN A 69  ? 1.0812 0.9868 0.9310 -0.0779 0.0643  0.1053  49  ASN A CG     
436 O  OD1    . ASN A 69  ? 1.1905 1.0579 1.0288 -0.0787 0.0616  0.1168  49  ASN A OD1    
437 N  ND2    . ASN A 69  ? 1.1392 1.0687 1.0065 -0.0937 0.0813  0.1026  49  ASN A ND2    
438 N  N      . ASP A 70  ? 0.7019 0.5864 0.5922 -0.0627 0.0292  0.0829  50  ASP A N      
439 C  CA     . ASP A 70  ? 0.7534 0.5981 0.6381 -0.0598 0.0242  0.0872  50  ASP A CA     
440 C  C      . ASP A 70  ? 0.7444 0.5544 0.5942 -0.0470 0.0256  0.1072  50  ASP A C      
441 O  O      . ASP A 70  ? 0.7556 0.5447 0.5988 -0.0299 0.0172  0.1098  50  ASP A O      
442 C  CB     . ASP A 70  ? 1.0227 0.8503 0.9215 -0.0833 0.0311  0.0845  50  ASP A CB     
443 C  CG     . ASP A 70  ? 1.3009 1.0782 1.1873 -0.0824 0.0282  0.0869  50  ASP A CG     
444 O  OD1    . ASP A 70  ? 1.2489 1.0230 1.1415 -0.0705 0.0179  0.0758  50  ASP A OD1    
445 O  OD2    . ASP A 70  ? 1.4988 1.2366 1.3671 -0.0942 0.0383  0.0996  50  ASP A OD2    
446 N  N      . ASP A 71  ? 0.7196 0.5250 0.5468 -0.0533 0.0370  0.1220  51  ASP A N      
447 C  CA     . ASP A 71  ? 0.8171 0.5869 0.6053 -0.0411 0.0389  0.1448  51  ASP A CA     
448 C  C      . ASP A 71  ? 0.7857 0.5703 0.5616 -0.0132 0.0221  0.1478  51  ASP A C      
449 O  O      . ASP A 71  ? 0.7762 0.5321 0.5250 0.0035  0.0184  0.1660  51  ASP A O      
450 C  CB     . ASP A 71  ? 0.7709 0.5384 0.5336 -0.0541 0.0558  0.1598  51  ASP A CB     
451 C  CG     . ASP A 71  ? 1.1747 0.9306 0.9528 -0.0843 0.0741  0.1599  51  ASP A CG     
452 O  OD1    . ASP A 71  ? 1.1480 0.8876 0.9490 -0.0950 0.0714  0.1505  51  ASP A OD1    
453 O  OD2    . ASP A 71  ? 1.3493 1.1143 1.1164 -0.0983 0.0914  0.1688  51  ASP A OD2    
454 N  N      . ARG A 72  ? 0.7088 0.5381 0.5043 -0.0085 0.0118  0.1307  52  ARG A N      
455 C  CA     . ARG A 72  ? 0.8076 0.6587 0.5941 0.0129  -0.0049 0.1322  52  ARG A CA     
456 C  C      . ARG A 72  ? 0.7388 0.6071 0.5564 0.0245  -0.0182 0.1183  52  ARG A C      
457 O  O      . ARG A 72  ? 0.7044 0.6016 0.5251 0.0378  -0.0326 0.1154  52  ARG A O      
458 C  CB     . ARG A 72  ? 0.8033 0.6904 0.5788 0.0085  -0.0063 0.1247  52  ARG A CB     
459 C  CG     . ARG A 72  ? 0.9084 0.7834 0.6478 -0.0004 0.0083  0.1387  52  ARG A CG     
460 C  CD     . ARG A 72  ? 0.9651 0.8721 0.6848 0.0002  0.0052  0.1301  52  ARG A CD     
461 N  NE     . ARG A 72  ? 0.9684 0.8834 0.6617 0.0183  -0.0150 0.1377  52  ARG A NE     
462 C  CZ     . ARG A 72  ? 0.9121 0.8580 0.5954 0.0213  -0.0278 0.1245  52  ARG A CZ     
463 N  NH1    . ARG A 72  ? 0.8348 0.8010 0.5294 0.0095  -0.0206 0.1029  52  ARG A NH1    
464 N  NH2    . ARG A 72  ? 0.8597 0.8157 0.5212 0.0365  -0.0490 0.1329  52  ARG A NH2    
465 N  N      . VAL A 73  ? 0.6807 0.5320 0.5198 0.0183  -0.0132 0.1097  53  VAL A N      
466 C  CA     . VAL A 73  ? 0.6596 0.5246 0.5253 0.0281  -0.0217 0.0967  53  VAL A CA     
467 C  C      . VAL A 73  ? 0.7003 0.5600 0.5627 0.0534  -0.0304 0.1081  53  VAL A C      
468 O  O      . VAL A 73  ? 0.6220 0.5153 0.5040 0.0640  -0.0408 0.1008  53  VAL A O      
469 C  CB     . VAL A 73  ? 0.5935 0.4358 0.4745 0.0164  -0.0143 0.0856  53  VAL A CB     
470 C  CG1    . VAL A 73  ? 0.5371 0.3851 0.4374 0.0288  -0.0196 0.0752  53  VAL A CG1    
471 C  CG2    . VAL A 73  ? 0.5606 0.4235 0.4555 -0.0047 -0.0100 0.0724  53  VAL A CG2    
472 N  N      . ASP A 74  ? 0.6888 0.5074 0.5283 0.0637  -0.0258 0.1265  54  ASP A N      
473 C  CA     . ASP A 74  ? 0.7470 0.5619 0.5854 0.0927  -0.0341 0.1391  54  ASP A CA     
474 C  C      . ASP A 74  ? 0.7716 0.6321 0.6073 0.1045  -0.0508 0.1452  54  ASP A C      
475 O  O      . ASP A 74  ? 0.7209 0.6162 0.5798 0.1215  -0.0631 0.1427  54  ASP A O      
476 C  CB     . ASP A 74  ? 0.7564 0.5112 0.5644 0.1031  -0.0254 0.1600  54  ASP A CB     
477 C  CG     . ASP A 74  ? 0.9063 0.6124 0.7159 0.0933  -0.0114 0.1518  54  ASP A CG     
478 O  OD1    . ASP A 74  ? 0.9323 0.6531 0.7676 0.0910  -0.0113 0.1330  54  ASP A OD1    
479 O  OD2    . ASP A 74  ? 1.1234 0.7748 0.9058 0.0866  -0.0005 0.1639  54  ASP A OD2    
480 N  N      . GLU A 75  ? 0.6577 0.5192 0.4650 0.0937  -0.0507 0.1527  55  GLU A N      
481 C  CA     . GLU A 75  ? 0.7851 0.6867 0.5807 0.1002  -0.0670 0.1561  55  GLU A CA     
482 C  C      . GLU A 75  ? 0.7260 0.6808 0.5553 0.0944  -0.0786 0.1336  55  GLU A C      
483 O  O      . GLU A 75  ? 0.7320 0.7233 0.5723 0.1083  -0.0966 0.1348  55  GLU A O      
484 C  CB     . GLU A 75  ? 0.7688 0.6597 0.5263 0.0842  -0.0592 0.1619  55  GLU A CB     
485 C  CG     . GLU A 75  ? 0.9898 0.9084 0.7188 0.0920  -0.0754 0.1689  55  GLU A CG     
486 C  CD     . GLU A 75  ? 1.0896 0.9944 0.7773 0.0761  -0.0626 0.1739  55  GLU A CD     
487 O  OE1    . GLU A 75  ? 1.0265 0.8962 0.7078 0.0622  -0.0411 0.1788  55  GLU A OE1    
488 O  OE2    . GLU A 75  ? 1.0959 1.0258 0.7574 0.0764  -0.0738 0.1720  55  GLU A OE2    
489 N  N      . ILE A 76  ? 0.6449 0.6047 0.4918 0.0740  -0.0690 0.1137  56  ILE A N      
490 C  CA     . ILE A 76  ? 0.6544 0.6567 0.5276 0.0670  -0.0783 0.0938  56  ILE A CA     
491 C  C      . ILE A 76  ? 0.7229 0.7418 0.6332 0.0791  -0.0830 0.0893  56  ILE A C      
492 O  O      . ILE A 76  ? 0.6119 0.6719 0.5432 0.0800  -0.0957 0.0807  56  ILE A O      
493 C  CB     . ILE A 76  ? 0.5780 0.5795 0.4580 0.0452  -0.0670 0.0752  56  ILE A CB     
494 C  CG1    . ILE A 76  ? 0.6459 0.6844 0.5381 0.0373  -0.0772 0.0573  56  ILE A CG1    
495 C  CG2    . ILE A 76  ? 0.6019 0.5810 0.5039 0.0400  -0.0545 0.0686  56  ILE A CG2    
496 C  CD1    . ILE A 76  ? 0.6102 0.6467 0.5034 0.0200  -0.0670 0.0405  56  ILE A CD1    
497 N  N      . LEU A 77  ? 0.6445 0.6316 0.5618 0.0878  -0.0722 0.0949  57  LEU A N      
498 C  CA     . LEU A 77  ? 0.6426 0.6430 0.5922 0.1017  -0.0725 0.0911  57  LEU A CA     
499 C  C      . LEU A 77  ? 0.6938 0.7254 0.6521 0.1251  -0.0881 0.1043  57  LEU A C      
500 O  O      . LEU A 77  ? 0.6143 0.6887 0.6074 0.1314  -0.0954 0.0979  57  LEU A O      
501 C  CB     . LEU A 77  ? 0.7094 0.6620 0.6554 0.1082  -0.0571 0.0941  57  LEU A CB     
502 C  CG     . LEU A 77  ? 0.6571 0.5835 0.6010 0.0869  -0.0443 0.0799  57  LEU A CG     
503 C  CD1    . LEU A 77  ? 0.7306 0.6096 0.6673 0.0948  -0.0322 0.0820  57  LEU A CD1    
504 C  CD2    . LEU A 77  ? 0.6274 0.5861 0.5963 0.0750  -0.0452 0.0614  57  LEU A CD2    
505 N  N      . SER A 78  ? 0.6206 0.6324 0.5480 0.1375  -0.0932 0.1239  58  SER A N      
506 C  CA     . SER A 78  ? 0.6556 0.6960 0.5854 0.1624  -0.1111 0.1402  58  SER A CA     
507 C  C      . SER A 78  ? 0.7719 0.8745 0.7155 0.1539  -0.1322 0.1307  58  SER A C      
508 O  O      . SER A 78  ? 0.6441 0.7934 0.6175 0.1697  -0.1479 0.1338  58  SER A O      
509 C  CB     . SER A 78  ? 0.8157 0.8155 0.6989 0.1740  -0.1119 0.1641  58  SER A CB     
510 O  OG     . SER A 78  ? 1.0581 1.0853 0.9407 0.2013  -0.1318 0.1821  58  SER A OG     
511 N  N      . VAL A 79  ? 0.6505 0.7541 0.5730 0.1288  -0.1325 0.1185  59  VAL A N      
512 C  CA     . VAL A 79  ? 0.6443 0.7976 0.5731 0.1163  -0.1512 0.1055  59  VAL A CA     
513 C  C      . VAL A 79  ? 0.5622 0.7542 0.5419 0.1076  -0.1521 0.0871  59  VAL A C      
514 O  O      . VAL A 79  ? 0.5663 0.8107 0.5712 0.1091  -0.1711 0.0835  59  VAL A O      
515 C  CB     . VAL A 79  ? 0.7745 0.9117 0.6673 0.0921  -0.1460 0.0937  59  VAL A CB     
516 C  CG1    . VAL A 79  ? 0.6235 0.8037 0.5219 0.0759  -0.1629 0.0751  59  VAL A CG1    
517 C  CG2    . VAL A 79  ? 0.7438 0.8497 0.5842 0.0989  -0.1449 0.1129  59  VAL A CG2    
518 N  N      . ILE A 80  ? 0.5427 0.7094 0.5365 0.0975  -0.1317 0.0762  60  ILE A N      
519 C  CA     . ILE A 80  ? 0.5728 0.7665 0.6089 0.0877  -0.1273 0.0601  60  ILE A CA     
520 C  C      . ILE A 80  ? 0.6328 0.8606 0.7081 0.1099  -0.1319 0.0689  60  ILE A C      
521 O  O      . ILE A 80  ? 0.6868 0.9663 0.7991 0.1047  -0.1416 0.0611  60  ILE A O      
522 C  CB     . ILE A 80  ? 0.6152 0.7693 0.6507 0.0767  -0.1050 0.0504  60  ILE A CB     
523 C  CG1    . ILE A 80  ? 0.6089 0.7383 0.6139 0.0567  -0.1004 0.0412  60  ILE A CG1    
524 C  CG2    . ILE A 80  ? 0.4065 0.5830 0.4797 0.0681  -0.0982 0.0368  60  ILE A CG2    
525 C  CD1    . ILE A 80  ? 0.5223 0.6104 0.5209 0.0504  -0.0818 0.0374  60  ILE A CD1    
526 N  N      . ASN A 81  ? 0.5041 0.7029 0.5721 0.1346  -0.1241 0.0854  61  ASN A N      
527 C  CA     . ASN A 81  ? 0.5507 0.7773 0.6539 0.1622  -0.1259 0.0960  61  ASN A CA     
528 C  C      . ASN A 81  ? 0.6069 0.8947 0.7288 0.1739  -0.1528 0.1047  61  ASN A C      
529 O  O      . ASN A 81  ? 0.5512 0.8938 0.7222 0.1824  -0.1581 0.1029  61  ASN A O      
530 C  CB     . ASN A 81  ? 0.6673 0.8397 0.7483 0.1875  -0.1133 0.1127  61  ASN A CB     
531 C  CG     . ASN A 81  ? 0.6873 0.8811 0.8039 0.2201  -0.1102 0.1224  61  ASN A CG     
532 O  OD1    . ASN A 81  ? 0.6955 0.9267 0.8550 0.2192  -0.1032 0.1118  61  ASN A OD1    
533 N  ND2    . ASN A 81  ? 0.8070 0.9753 0.9052 0.2502  -0.1134 0.1436  61  ASN A ND2    
534 N  N      . GLN A 82  ? 0.7048 0.9865 0.7879 0.1744  -0.1700 0.1144  62  GLN A N      
535 C  CA     . GLN A 82  ? 0.6182 0.9579 0.7118 0.1852  -0.1999 0.1231  62  GLN A CA     
536 C  C      . GLN A 82  ? 0.6156 1.0152 0.7395 0.1577  -0.2150 0.1021  62  GLN A C      
537 O  O      . GLN A 82  ? 0.6971 1.1626 0.8654 0.1656  -0.2329 0.1035  62  GLN A O      
538 C  CB     . GLN A 82  ? 0.7863 1.0985 0.8205 0.1899  -0.2133 0.1381  62  GLN A CB     
539 C  CG     . GLN A 82  ? 0.8976 1.1495 0.8983 0.2163  -0.2010 0.1622  62  GLN A CG     
540 C  CD     . GLN A 82  ? 0.8680 1.1056 0.8145 0.2260  -0.2181 0.1820  62  GLN A CD     
541 O  OE1    . GLN A 82  ? 1.0433 1.3106 0.9973 0.2354  -0.2390 0.1889  62  GLN A OE1    
542 N  NE2    . GLN A 82  ? 0.8108 0.9902 0.7054 0.2115  -0.2032 0.1844  62  GLN A NE2    
543 N  N      . THR A 83  ? 0.5457 0.9227 0.6476 0.1255  -0.2074 0.0827  63  THR A N      
544 C  CA     . THR A 83  ? 0.6686 1.0900 0.7885 0.0966  -0.2216 0.0619  63  THR A CA     
545 C  C      . THR A 83  ? 0.6427 1.0897 0.8176 0.0835  -0.2076 0.0476  63  THR A C      
546 O  O      . THR A 83  ? 0.5334 1.0375 0.7464 0.0690  -0.2218 0.0374  63  THR A O      
547 C  CB     . THR A 83  ? 0.6307 1.0131 0.7014 0.0700  -0.2178 0.0468  63  THR A CB     
548 O  OG1    . THR A 83  ? 0.7195 1.0458 0.7776 0.0654  -0.1891 0.0433  63  THR A OG1    
549 C  CG2    . THR A 83  ? 0.6115 0.9789 0.6271 0.0793  -0.2331 0.0594  63  THR A CG2    
550 N  N      . CYS A 84  ? 0.5358 0.9398 0.7124 0.0867  -0.1798 0.0471  64  CYS A N      
551 C  CA     . CYS A 84  ? 0.5309 0.9507 0.7511 0.0760  -0.1626 0.0358  64  CYS A CA     
552 C  C      . CYS A 84  ? 0.6549 1.0766 0.9020 0.1073  -0.1487 0.0504  64  CYS A C      
553 O  O      . CYS A 84  ? 0.7652 1.1871 1.0045 0.1358  -0.1576 0.0683  64  CYS A O      
554 C  CB     . CYS A 84  ? 0.5360 0.9032 0.7308 0.0531  -0.1424 0.0214  64  CYS A CB     
555 S  SG     . CYS A 84  ? 0.5311 0.8752 0.6764 0.0275  -0.1550 0.0082  64  CYS A SG     
556 N  N      . GLY A 85  ? 0.6259 1.0463 0.9014 0.1043  -0.1262 0.0438  65  GLY A N      
557 C  CA     . GLY A 85  ? 0.7485 1.1670 1.0449 0.1361  -0.1110 0.0560  65  GLY A CA     
558 C  C      . GLY A 85  ? 0.5297 1.0272 0.8890 0.1501  -0.1188 0.0609  65  GLY A C      
559 O  O      . GLY A 85  ? 0.5311 1.0844 0.9105 0.1430  -0.1448 0.0611  65  GLY A O      
560 N  N      . ASN A 86  ? 0.6417 1.1454 1.0318 0.1703  -0.0962 0.0643  66  ASN A N      
561 C  CA     . ASN A 86  ? 0.6221 1.2069 1.0821 0.1778  -0.0956 0.0653  66  ASN A CA     
562 C  C      . ASN A 86  ? 0.5561 1.1869 1.0433 0.2095  -0.1169 0.0814  66  ASN A C      
563 O  O      . ASN A 86  ? 0.6397 1.2330 1.0878 0.2309  -0.1290 0.0947  66  ASN A O      
564 C  CB     . ASN A 86  ? 0.8442 1.4153 1.3236 0.1880  -0.0593 0.0619  66  ASN A CB     
565 C  CG     . ASN A 86  ? 1.0457 1.5593 1.4961 0.2264  -0.0431 0.0734  66  ASN A CG     
566 O  OD1    . ASN A 86  ? 1.2157 1.7276 1.6590 0.2565  -0.0578 0.0889  66  ASN A OD1    
567 N  ND2    . ASN A 86  ? 1.0425 1.5050 1.4723 0.2253  -0.0125 0.0656  66  ASN A ND2    
568 N  N      . GLU A 112 ? 0.7949 1.5830 1.4738 0.2033  -0.0585 0.0621  92  GLU A N      
569 C  CA     . GLU A 112 ? 0.7388 1.5672 1.4628 0.1740  -0.0378 0.0497  92  GLU A CA     
570 C  C      . GLU A 112 ? 0.8476 1.6662 1.5508 0.1280  -0.0434 0.0377  92  GLU A C      
571 O  O      . GLU A 112 ? 1.0237 1.8333 1.7297 0.1069  -0.0161 0.0297  92  GLU A O      
577 N  N      . VAL A 113 ? 0.6984 1.5138 1.3759 0.1124  -0.0775 0.0363  93  VAL A N      
578 C  CA     . VAL A 113 ? 0.6669 1.4644 1.3169 0.0700  -0.0846 0.0228  93  VAL A CA     
579 C  C      . VAL A 113 ? 0.6550 1.3986 1.2394 0.0764  -0.0995 0.0254  93  VAL A C      
580 O  O      . VAL A 113 ? 0.5914 1.3128 1.1529 0.1114  -0.1060 0.0392  93  VAL A O      
581 C  CB     . VAL A 113 ? 0.6356 1.4755 1.3120 0.0362  -0.1108 0.0130  93  VAL A CB     
582 C  CG1    . VAL A 113 ? 0.5982 1.4846 1.3367 0.0157  -0.0922 0.0072  93  VAL A CG1    
583 C  CG2    . VAL A 113 ? 0.6155 1.4807 1.2947 0.0572  -0.1449 0.0223  93  VAL A CG2    
584 N  N      . GLY A 114 ? 0.5696 1.2710 1.1145 0.0410  -0.1022 0.0114  94  GLY A N      
585 C  CA     . GLY A 114 ? 0.5220 1.1507 0.9963 0.0424  -0.1107 0.0111  94  GLY A CA     
586 C  C      . GLY A 114 ? 0.4555 1.0093 0.8904 0.0571  -0.0826 0.0144  94  GLY A C      
587 O  O      . GLY A 114 ? 0.6187 1.1643 1.0684 0.0542  -0.0555 0.0113  94  GLY A O      
588 N  N      . GLY A 115 ? 0.3629 0.8621 0.7460 0.0716  -0.0887 0.0207  95  GLY A N      
589 C  CA     . GLY A 115 ? 0.5117 0.9410 0.8565 0.0834  -0.0660 0.0230  95  GLY A CA     
590 C  C      . GLY A 115 ? 0.5171 0.8861 0.8079 0.0638  -0.0675 0.0151  95  GLY A C      
591 O  O      . GLY A 115 ? 0.4852 0.8589 0.7706 0.0359  -0.0756 0.0035  95  GLY A O      
592 N  N      . ALA A 116 ? 0.4223 0.7343 0.6740 0.0783  -0.0592 0.0210  96  ALA A N      
593 C  CA     . ALA A 116 ? 0.3523 0.6112 0.5586 0.0620  -0.0581 0.0143  96  ALA A CA     
594 C  C      . ALA A 116 ? 0.4683 0.6715 0.6492 0.0689  -0.0378 0.0145  96  ALA A C      
595 O  O      . ALA A 116 ? 0.4835 0.6715 0.6627 0.0920  -0.0295 0.0230  96  ALA A O      
596 C  CB     . ALA A 116 ? 0.4750 0.7244 0.6523 0.0662  -0.0767 0.0210  96  ALA A CB     
597 N  N      . THR A 117 ? 0.4464 0.6187 0.6063 0.0492  -0.0308 0.0045  97  THR A N      
598 C  CA     . THR A 117 ? 0.4676 0.5888 0.5997 0.0512  -0.0159 0.0027  97  THR A CA     
599 C  C      . THR A 117 ? 0.5127 0.6003 0.6114 0.0419  -0.0237 0.0011  97  THR A C      
600 O  O      . THR A 117 ? 0.4675 0.5605 0.5617 0.0252  -0.0305 -0.0056 97  THR A O      
601 C  CB     . THR A 117 ? 0.4367 0.5526 0.5737 0.0381  -0.0002 -0.0059 97  THR A CB     
602 O  OG1    . THR A 117 ? 0.4575 0.6106 0.6300 0.0458  0.0102  -0.0040 97  THR A OG1    
603 C  CG2    . THR A 117 ? 0.4032 0.4678 0.5069 0.0405  0.0118  -0.0080 97  THR A CG2    
604 N  N      . VAL A 118 ? 0.4682 0.5208 0.5441 0.0523  -0.0215 0.0070  98  VAL A N      
605 C  CA     . VAL A 118 ? 0.4959 0.5246 0.5461 0.0442  -0.0281 0.0078  98  VAL A CA     
606 C  C      . VAL A 118 ? 0.4917 0.4770 0.5191 0.0410  -0.0200 0.0052  98  VAL A C      
607 O  O      . VAL A 118 ? 0.5028 0.4638 0.5224 0.0523  -0.0124 0.0082  98  VAL A O      
608 C  CB     . VAL A 118 ? 0.5216 0.5532 0.5645 0.0558  -0.0372 0.0200  98  VAL A CB     
609 C  CG1    . VAL A 118 ? 0.4835 0.4969 0.5021 0.0445  -0.0413 0.0208  98  VAL A CG1    
610 C  CG2    . VAL A 118 ? 0.5323 0.6110 0.5971 0.0612  -0.0492 0.0235  98  VAL A CG2    
611 N  N      . PHE A 119 ? 0.4428 0.4188 0.4594 0.0263  -0.0223 -0.0010 99  PHE A N      
612 C  CA     . PHE A 119 ? 0.4604 0.4028 0.4580 0.0207  -0.0194 -0.0032 99  PHE A CA     
613 C  C      . PHE A 119 ? 0.5583 0.4952 0.5463 0.0142  -0.0246 0.0011  99  PHE A C      
614 O  O      . PHE A 119 ? 0.5289 0.4856 0.5206 0.0088  -0.0293 0.0003  99  PHE A O      
615 C  CB     . PHE A 119 ? 0.4343 0.3725 0.4292 0.0110  -0.0178 -0.0122 99  PHE A CB     
616 C  CG     . PHE A 119 ? 0.5154 0.4568 0.5160 0.0144  -0.0096 -0.0155 99  PHE A CG     
617 C  CD1    . PHE A 119 ? 0.5070 0.4758 0.5258 0.0111  -0.0090 -0.0173 99  PHE A CD1    
618 C  CD2    . PHE A 119 ? 0.5985 0.5144 0.5844 0.0192  -0.0014 -0.0174 99  PHE A CD2    
619 C  CE1    . PHE A 119 ? 0.4654 0.4391 0.4919 0.0118  0.0016  -0.0193 99  PHE A CE1    
620 C  CE2    . PHE A 119 ? 0.6751 0.5942 0.6640 0.0225  0.0098  -0.0199 99  PHE A CE2    
621 C  CZ     . PHE A 119 ? 0.5067 0.4566 0.5183 0.0184  0.0122  -0.0199 99  PHE A CZ     
622 N  N      . VAL A 120 ? 0.5020 0.4103 0.4765 0.0137  -0.0222 0.0049  100 VAL A N      
623 C  CA     . VAL A 120 ? 0.4846 0.3866 0.4516 0.0036  -0.0239 0.0092  100 VAL A CA     
624 C  C      . VAL A 120 ? 0.5463 0.4376 0.5116 -0.0097 -0.0246 0.0015  100 VAL A C      
625 O  O      . VAL A 120 ? 0.5126 0.3778 0.4679 -0.0114 -0.0234 -0.0022 100 VAL A O      
626 C  CB     . VAL A 120 ? 0.5086 0.3838 0.4616 0.0089  -0.0207 0.0208  100 VAL A CB     
627 C  CG1    . VAL A 120 ? 0.5162 0.3866 0.4622 -0.0049 -0.0194 0.0264  100 VAL A CG1    
628 C  CG2    . VAL A 120 ? 0.5257 0.4132 0.4806 0.0265  -0.0226 0.0307  100 VAL A CG2    
629 N  N      . MET A 121 ? 0.4490 0.3606 0.4228 -0.0181 -0.0270 -0.0013 101 MET A N      
630 C  CA     . MET A 121 ? 0.4925 0.4044 0.4708 -0.0277 -0.0305 -0.0082 101 MET A CA     
631 C  C      . MET A 121 ? 0.5157 0.4381 0.5023 -0.0395 -0.0298 -0.0053 101 MET A C      
632 O  O      . MET A 121 ? 0.5170 0.4548 0.5066 -0.0392 -0.0252 -0.0004 101 MET A O      
633 C  CB     . MET A 121 ? 0.4393 0.3682 0.4252 -0.0238 -0.0332 -0.0149 101 MET A CB     
634 C  CG     . MET A 121 ? 0.4821 0.4013 0.4616 -0.0161 -0.0314 -0.0178 101 MET A CG     
635 S  SD     . MET A 121 ? 0.5548 0.4853 0.5392 -0.0141 -0.0320 -0.0236 101 MET A SD     
636 C  CE     . MET A 121 ? 0.4535 0.3761 0.4331 -0.0178 -0.0394 -0.0268 101 MET A CE     
637 N  N      . PRO A 122 ? 0.4878 0.4045 0.4781 -0.0509 -0.0341 -0.0089 102 PRO A N      
638 C  CA     . PRO A 122 ? 0.4877 0.4206 0.4926 -0.0647 -0.0322 -0.0060 102 PRO A CA     
639 C  C      . PRO A 122 ? 0.5528 0.5231 0.5786 -0.0613 -0.0315 -0.0085 102 PRO A C      
640 O  O      . PRO A 122 ? 0.4376 0.4160 0.4667 -0.0521 -0.0372 -0.0145 102 PRO A O      
641 C  CB     . PRO A 122 ? 0.5498 0.4697 0.5551 -0.0788 -0.0404 -0.0115 102 PRO A CB     
642 C  CG     . PRO A 122 ? 0.5051 0.4132 0.4977 -0.0689 -0.0484 -0.0193 102 PRO A CG     
643 C  CD     . PRO A 122 ? 0.4971 0.3938 0.4770 -0.0529 -0.0411 -0.0161 102 PRO A CD     
644 N  N      . VAL A 123 ? 0.5048 0.4939 0.5419 -0.0681 -0.0230 -0.0034 103 VAL A N      
645 C  CA     . VAL A 123 ? 0.4932 0.5173 0.5503 -0.0638 -0.0182 -0.0058 103 VAL A CA     
646 C  C      . VAL A 123 ? 0.5504 0.6007 0.6350 -0.0788 -0.0154 -0.0040 103 VAL A C      
647 O  O      . VAL A 123 ? 0.4570 0.5007 0.5396 -0.0935 -0.0074 0.0032  103 VAL A O      
648 C  CB     . VAL A 123 ? 0.4696 0.4974 0.5139 -0.0567 -0.0066 -0.0021 103 VAL A CB     
649 C  CG1    . VAL A 123 ? 0.4323 0.4924 0.4943 -0.0523 0.0021  -0.0057 103 VAL A CG1    
650 C  CG2    . VAL A 123 ? 0.5053 0.5167 0.5296 -0.0441 -0.0114 -0.0052 103 VAL A CG2    
651 N  N      . ASP A 124 ? 0.4379 0.5190 0.5492 -0.0752 -0.0215 -0.0093 104 ASP A N      
652 C  CA     . ASP A 124 ? 0.4346 0.5531 0.5814 -0.0889 -0.0192 -0.0079 104 ASP A CA     
653 C  C      . ASP A 124 ? 0.4479 0.5945 0.6090 -0.0883 0.0013  -0.0032 104 ASP A C      
654 O  O      . ASP A 124 ? 0.4315 0.5948 0.6100 -0.1065 0.0110  0.0025  104 ASP A O      
655 C  CB     . ASP A 124 ? 0.4321 0.5805 0.6062 -0.0812 -0.0341 -0.0137 104 ASP A CB     
656 C  CG     . ASP A 124 ? 0.5000 0.6283 0.6633 -0.0893 -0.0544 -0.0179 104 ASP A CG     
657 O  OD1    . ASP A 124 ? 0.5088 0.6046 0.6514 -0.1048 -0.0550 -0.0171 104 ASP A OD1    
658 O  OD2    . ASP A 124 ? 0.5366 0.6780 0.7081 -0.0788 -0.0692 -0.0216 104 ASP A OD2    
659 N  N      . ALA A 125 ? 0.4029 0.5532 0.5550 -0.0687 0.0092  -0.0063 105 ALA A N      
660 C  CA     . ALA A 125 ? 0.3966 0.5722 0.5569 -0.0650 0.0303  -0.0042 105 ALA A CA     
661 C  C      . ALA A 125 ? 0.4692 0.6243 0.5963 -0.0478 0.0371  -0.0085 105 ALA A C      
662 O  O      . ALA A 125 ? 0.3861 0.5178 0.4961 -0.0371 0.0251  -0.0143 105 ALA A O      
663 C  CB     . ALA A 125 ? 0.3988 0.6243 0.6048 -0.0585 0.0336  -0.0075 105 ALA A CB     
664 N  N      . PHE A 126 ? 0.4253 0.5888 0.5415 -0.0473 0.0567  -0.0062 106 PHE A N      
665 C  CA     . PHE A 126 ? 0.5081 0.6518 0.5877 -0.0348 0.0628  -0.0114 106 PHE A CA     
666 C  C      . PHE A 126 ? 0.5499 0.7197 0.6361 -0.0262 0.0851  -0.0156 106 PHE A C      
667 O  O      . PHE A 126 ? 0.5144 0.7071 0.6137 -0.0365 0.1016  -0.0079 106 PHE A O      
668 C  CB     . PHE A 126 ? 0.6370 0.7525 0.6793 -0.0442 0.0623  -0.0022 106 PHE A CB     
669 C  CG     . PHE A 126 ? 0.5974 0.6977 0.5996 -0.0350 0.0668  -0.0066 106 PHE A CG     
670 C  CD1    . PHE A 126 ? 0.6646 0.7521 0.6549 -0.0235 0.0563  -0.0186 106 PHE A CD1    
671 C  CD2    . PHE A 126 ? 0.6879 0.7847 0.6614 -0.0401 0.0806  0.0020  106 PHE A CD2    
672 C  CE1    . PHE A 126 ? 0.7154 0.7899 0.6684 -0.0188 0.0577  -0.0244 106 PHE A CE1    
673 C  CE2    . PHE A 126 ? 0.7779 0.8614 0.7099 -0.0327 0.0814  -0.0027 106 PHE A CE2    
674 C  CZ     . PHE A 126 ? 0.6415 0.7153 0.5646 -0.0229 0.0691  -0.0169 106 PHE A CZ     
675 N  N      . HIS A 127 ? 0.3476 0.5130 0.4253 -0.0078 0.0877  -0.0279 107 HIS A N      
676 C  CA     . HIS A 127 ? 0.3753 0.5626 0.4578 0.0039  0.1114  -0.0339 107 HIS A CA     
677 C  C      . HIS A 127 ? 0.5278 0.6854 0.5636 0.0146  0.1171  -0.0459 107 HIS A C      
678 O  O      . HIS A 127 ? 0.5120 0.6397 0.5275 0.0176  0.1005  -0.0527 107 HIS A O      
679 C  CB     . HIS A 127 ? 0.4478 0.6641 0.5751 0.0202  0.1124  -0.0395 107 HIS A CB     
680 C  CG     . HIS A 127 ? 0.5065 0.7584 0.6833 0.0098  0.1034  -0.0302 107 HIS A CG     
681 N  ND1    . HIS A 127 ? 0.5042 0.8045 0.7214 0.0040  0.1200  -0.0245 107 HIS A ND1    
682 C  CD2    . HIS A 127 ? 0.4959 0.7430 0.6873 0.0023  0.0792  -0.0266 107 HIS A CD2    
683 C  CE1    . HIS A 127 ? 0.4112 0.7360 0.6676 -0.0081 0.1040  -0.0185 107 HIS A CE1    
684 N  NE2    . HIS A 127 ? 0.4780 0.7686 0.7159 -0.0089 0.0790  -0.0200 107 HIS A NE2    
685 N  N      . GLN A 128 ? 0.4593 0.6251 0.4769 0.0188  0.1411  -0.0491 108 GLN A N      
686 C  CA     . GLN A 128 ? 0.6392 0.7789 0.6149 0.0317  0.1488  -0.0653 108 GLN A CA     
687 C  C      . GLN A 128 ? 0.6360 0.7970 0.6294 0.0506  0.1747  -0.0746 108 GLN A C      
688 O  O      . GLN A 128 ? 0.6639 0.8613 0.6816 0.0490  0.1957  -0.0668 108 GLN A O      
689 C  CB     . GLN A 128 ? 0.6299 0.7497 0.5497 0.0211  0.1525  -0.0632 108 GLN A CB     
690 C  CG     . GLN A 128 ? 0.7059 0.7980 0.6008 0.0112  0.1250  -0.0610 108 GLN A CG     
691 C  CD     . GLN A 128 ? 0.7374 0.8097 0.5737 0.0062  0.1243  -0.0627 108 GLN A CD     
692 O  OE1    . GLN A 128 ? 0.7587 0.8370 0.5692 0.0047  0.1436  -0.0581 108 GLN A OE1    
693 N  NE2    . GLN A 128 ? 0.6994 0.7496 0.5137 0.0032  0.1018  -0.0695 108 GLN A NE2    
694 N  N      . PHE A 129 ? 0.6744 0.8118 0.6569 0.0688  0.1747  -0.0910 109 PHE A N      
695 C  CA     . PHE A 129 ? 0.6474 0.7979 0.6438 0.0923  0.1999  -0.1016 109 PHE A CA     
696 C  C      . PHE A 129 ? 0.6323 0.7427 0.5685 0.1005  0.2140  -0.1210 109 PHE A C      
697 O  O      . PHE A 129 ? 0.6572 0.7741 0.5875 0.1177  0.2422  -0.1308 109 PHE A O      
698 C  CB     . PHE A 129 ? 0.6700 0.8239 0.7081 0.1115  0.1896  -0.1039 109 PHE A CB     
699 C  CG     . PHE A 129 ? 0.6415 0.8349 0.7357 0.1040  0.1735  -0.0873 109 PHE A CG     
700 C  CD1    . PHE A 129 ? 0.6801 0.9293 0.8192 0.1003  0.1876  -0.0765 109 PHE A CD1    
701 C  CD2    . PHE A 129 ? 0.6534 0.8285 0.7544 0.0992  0.1448  -0.0833 109 PHE A CD2    
702 C  CE1    . PHE A 129 ? 0.5652 0.8503 0.7546 0.0903  0.1704  -0.0634 109 PHE A CE1    
703 C  CE2    . PHE A 129 ? 0.6231 0.8314 0.7692 0.0915  0.1290  -0.0699 109 PHE A CE2    
704 C  CZ     . PHE A 129 ? 0.4828 0.7457 0.6729 0.0864  0.1405  -0.0608 109 PHE A CZ     
705 O  OXT    . PHE A 129 ? 0.7162 0.7871 0.6085 0.0897  0.1967  -0.1284 109 PHE A OXT    
706 P  P      . 2BA B .   ? 0.4058 0.6830 0.6968 0.0359  0.0572  -0.0067 201 2BA A P      
707 O  O1P    . 2BA B .   ? 0.4800 0.7048 0.7338 0.0551  0.0752  -0.0052 201 2BA A O1P    
708 O  O2P    . 2BA B .   ? 0.4513 0.7573 0.7582 0.0557  0.0343  0.0005  201 2BA A O2P    
709 O  "O5'"  . 2BA B .   ? 0.4701 0.7076 0.7247 0.0091  0.0472  -0.0141 201 2BA A "O5'"  
710 C  "C5'"  . 2BA B .   ? 0.2981 0.5643 0.5702 -0.0126 0.0297  -0.0192 201 2BA A "C5'"  
711 C  "C4'"  . 2BA B .   ? 0.4709 0.6857 0.7015 -0.0321 0.0277  -0.0260 201 2BA A "C4'"  
712 O  "O4'"  . 2BA B .   ? 0.5074 0.6833 0.7023 -0.0174 0.0211  -0.0236 201 2BA A "O4'"  
713 C  "C3'"  . 2BA B .   ? 0.4469 0.6329 0.6642 -0.0419 0.0514  -0.0269 201 2BA A "C3'"  
714 O  "O3'"  . 2BA B .   ? 0.3947 0.6030 0.6362 -0.0674 0.0567  -0.0313 201 2BA A "O3'"  
715 C  "C2'"  . 2BA B .   ? 0.4253 0.5504 0.5912 -0.0430 0.0453  -0.0291 201 2BA A "C2'"  
716 O  "O2'"  . 2BA B .   ? 0.4098 0.5273 0.5708 -0.0651 0.0363  -0.0362 201 2BA A "O2'"  
717 C  "C1'"  . 2BA B .   ? 0.4218 0.5416 0.5765 -0.0268 0.0317  -0.0269 201 2BA A "C1'"  
718 N  N9     . 2BA B .   ? 0.4993 0.5850 0.6274 -0.0099 0.0407  -0.0230 201 2BA A N9     
719 C  C8     . 2BA B .   ? 0.4389 0.5433 0.5839 0.0084  0.0489  -0.0184 201 2BA A C8     
720 N  N7     . 2BA B .   ? 0.4830 0.5451 0.5946 0.0213  0.0572  -0.0174 201 2BA A N7     
721 C  C5     . 2BA B .   ? 0.4609 0.4850 0.5386 0.0101  0.0516  -0.0208 201 2BA A C5     
722 C  C6     . 2BA B .   ? 0.5492 0.5268 0.5861 0.0131  0.0524  -0.0223 201 2BA A C6     
723 N  N6     . 2BA B .   ? 0.4916 0.4389 0.5028 0.0264  0.0599  -0.0228 201 2BA A N6     
724 N  N1     . 2BA B .   ? 0.5197 0.4745 0.5352 0.0022  0.0441  -0.0243 201 2BA A N1     
725 C  C2     . 2BA B .   ? 0.5190 0.4875 0.5472 -0.0112 0.0371  -0.0259 201 2BA A C2     
726 N  N3     . 2BA B .   ? 0.4411 0.4490 0.5039 -0.0172 0.0366  -0.0264 201 2BA A N3     
727 C  C4     . 2BA B .   ? 0.4299 0.4681 0.5186 -0.0068 0.0426  -0.0235 201 2BA A C4     
728 P  P1     . 2BA B .   ? 0.4023 0.6169 0.6584 -0.0740 0.0870  -0.0278 201 2BA A P1     
729 O  O1P1   . 2BA B .   ? 0.4560 0.6044 0.6581 -0.0700 0.1009  -0.0254 201 2BA A O1P1   
730 O  O2P1   . 2BA B .   ? 0.4718 0.7099 0.7563 -0.1063 0.0945  -0.0321 201 2BA A O2P1   
731 O  "O5'1" . 2BA B .   ? 0.3820 0.6365 0.6685 -0.0451 0.0975  -0.0211 201 2BA A "O5'1" 
732 C  "C5'1" . 2BA B .   ? 0.3588 0.6858 0.7063 -0.0497 0.0949  -0.0206 201 2BA A "C5'1" 
733 C  "C4'1" . 2BA B .   ? 0.4289 0.7864 0.8024 -0.0196 0.1097  -0.0137 201 2BA A "C4'1" 
734 O  "O4'1" . 2BA B .   ? 0.4157 0.7683 0.7906 -0.0222 0.1403  -0.0122 201 2BA A "O4'1" 
735 C  "C3'1" . 2BA B .   ? 0.4697 0.7778 0.7984 0.0138  0.1039  -0.0100 201 2BA A "C3'1" 
736 O  "O3'1" . 2BA B .   ? 0.3412 0.6779 0.6873 0.0285  0.0771  -0.0066 201 2BA A "O3'1" 
737 C  "C2'1" . 2BA B .   ? 0.5822 0.8925 0.9167 0.0336  0.1276  -0.0068 201 2BA A "C2'1" 
738 O  "O2'1" . 2BA B .   ? 0.4486 0.8264 0.8410 0.0560  0.1249  -0.0009 201 2BA A "O2'1" 
739 C  "C1'1" . 2BA B .   ? 0.4480 0.7676 0.7939 0.0118  0.1563  -0.0085 201 2BA A "C1'1" 
740 N  N91    . 2BA B .   ? 0.4863 0.7423 0.7769 0.0066  0.1706  -0.0102 201 2BA A N91    
741 C  C81    . 2BA B .   ? 0.5005 0.7000 0.7409 -0.0079 0.1587  -0.0131 201 2BA A C81    
742 N  N71    . 2BA B .   ? 0.5599 0.7103 0.7542 -0.0061 0.1800  -0.0125 201 2BA A N71    
743 C  C51    . 2BA B .   ? 0.5172 0.6910 0.7305 0.0088  0.2077  -0.0104 201 2BA A C51    
744 C  C61    . 2BA B .   ? 0.7263 0.8677 0.9043 0.0167  0.2381  -0.0098 201 2BA A C61    
745 N  N61    . 2BA B .   ? 0.7865 0.8590 0.8949 0.0094  0.2422  -0.0105 201 2BA A N61    
746 N  N11    . 2BA B .   ? 0.7968 0.9737 1.0052 0.0339  0.2657  -0.0085 201 2BA A N11    
747 C  C21    . 2BA B .   ? 0.7416 0.9893 1.0193 0.0445  0.2617  -0.0064 201 2BA A C21    
748 N  N31    . 2BA B .   ? 0.5868 0.8669 0.8977 0.0360  0.2284  -0.0061 201 2BA A N31    
749 C  C41    . 2BA B .   ? 0.5088 0.7493 0.7845 0.0174  0.2026  -0.0088 201 2BA A C41    
750 CA CA     . CA  C .   ? 0.6748 1.2013 0.8086 -0.0862 -0.3117 -0.1107 202 CA  A CA     
751 O  O      . HOH D .   ? 0.7510 0.9441 0.7269 0.1293  0.2928  -0.1207 301 HOH A O      
752 O  O      . HOH D .   ? 0.5068 1.1548 0.8279 -0.0472 -0.2700 -0.0298 302 HOH A O      
753 O  O      . HOH D .   ? 0.7259 0.7527 0.5726 -0.0117 -0.0266 0.0123  303 HOH A O      
754 O  O      . HOH D .   ? 0.4222 0.8385 0.7666 -0.1612 -0.0744 -0.0790 304 HOH A O      
756 O  O      . HOH D .   ? 0.3596 0.7943 0.6475 0.0044  -0.1219 -0.0085 306 HOH A O      
758 O  O      . HOH D .   ? 0.5763 0.6234 0.6478 -0.1098 0.0251  0.0227  308 HOH A O      
759 O  O      . HOH D .   ? 0.5071 0.7675 0.8150 -0.1613 0.0618  -0.0512 309 HOH A O      
760 O  O      . HOH D .   ? 0.7275 0.8677 0.8792 -0.2198 -0.0553 -0.1289 310 HOH A O      
761 O  O      . HOH D .   ? 0.4991 0.4407 0.5183 -0.1001 -0.0111 0.0131  311 HOH A O      
762 O  O      . HOH D .   ? 0.5389 0.9850 0.9470 0.0279  0.0085  -0.0025 312 HOH A O      
763 O  O      . HOH D .   ? 0.9020 0.6751 0.6591 0.0596  -0.0157 0.1711  313 HOH A O      
764 O  O      . HOH D .   ? 0.7454 0.6213 0.7824 -0.1838 0.0414  -0.0853 314 HOH A O      
765 O  O      . HOH D .   ? 0.6962 0.6692 0.5007 -0.0269 0.0230  0.0709  315 HOH A O      
766 O  O      . HOH D .   ? 0.7161 0.7895 0.8450 -0.1299 -0.0957 -0.0312 316 HOH A O      
767 O  O      . HOH D .   ? 0.7110 1.0191 0.9769 -0.0077 -0.0356 -0.0180 317 HOH A O      
768 O  O      . HOH D .   ? 0.4895 0.8302 0.8037 -0.0283 0.0329  -0.0141 318 HOH A O      
769 O  O      . HOH D .   ? 0.5786 0.6071 0.6710 0.0682  0.0870  -0.0139 319 HOH A O      
770 O  O      . HOH D .   ? 0.8432 0.7065 0.7421 0.1724  -0.0537 0.1481  320 HOH A O      
771 O  O      . HOH D .   ? 0.5968 0.5568 0.6208 -0.0489 -0.0170 -0.0253 321 HOH A O      
772 O  O      . HOH D .   ? 0.7555 0.7894 0.5689 -0.0244 0.0410  0.0036  322 HOH A O      
773 O  O      . HOH D .   ? 0.9978 0.8138 0.6555 -0.0331 0.0627  0.1842  323 HOH A O      
# 
